data_9P0X
#
_entry.id   9P0X
#
_cell.length_a   1.00
_cell.length_b   1.00
_cell.length_c   1.00
_cell.angle_alpha   90.00
_cell.angle_beta   90.00
_cell.angle_gamma   90.00
#
_symmetry.space_group_name_H-M   'P 1'
#
loop_
_entity.id
_entity.type
_entity.pdbx_description
1 polymer 'Factor VII light chain'
2 polymer 'Factor X light chain'
3 polymer 'Coagulation factor VII Heavy Chain'
4 polymer 'Tissue factor,Maltose/maltodextrin-binding periplasmic protein'
5 polymer 'Tissue factor pathway inhibitor'
6 polymer 'Human 10H10 antibody Fab heavy chain'
7 polymer 'Human 10H10 antibody Fab light chain'
8 non-polymer 'MAGNESIUM ION'
9 non-polymer 'CALCIUM ION'
10 non-polymer beta-D-glucopyranose
11 non-polymer alpha-L-fucopyranose
#
loop_
_entity_poly.entity_id
_entity_poly.type
_entity_poly.pdbx_seq_one_letter_code
_entity_poly.pdbx_strand_id
1 'polypeptide(L)'
;ANAFL(CGU)(CGU)LRPGSL(CGU)R(CGU)CK(CGU)(CGU)QCSF(CGU)(CGU)AR(CGU)IFKDA(CGU)RTKLF
WISYSDGDQCASSPCQNGGSCKDQLQSYICFCLPAFEGRNCETHKDDQLICVNENGGCEQYCSDHTGTKRSCRCHEGYSL
LADGVSCTPTVEYPCGKIPILE
;
V
2 'polypeptide(L)'
;ANSFL(CGU)(CGU)MKKGHL(CGU)R(CGU)CM(CGU)(CGU)TCSY(CGU)(CGU)AR(CGU)VF(CGU)DSDKTN
(CGU)FWNKYKDGDQCETSPCQNQGKCKDGLGEYTCTCLEGFEGKNCELFTRKLCSLDNGDCDQFCHEEQNSVVCSCARG
YTLADNGKACIPTGPYP
;
X
3 'polypeptide(L)'
;IVGGKVCPKGECPWQVLLLVNGAQLCGGTLINTIWVVSAAHCFDKIKNWRNLIAVLGEHDLSEHDGDEQSRRVAQVIIPS
TYVPGTTNHDIALLRLHQPVVLTDHVVPLCLPERTFSERTLAFVRFSLVSGWGQLLDRGATALELMVLNVPRLMTQDCLQ
QSRKVGDSPNITEYMFCAGYSDGSKDSCKGDSGGPHATHYRGTWYLTGIVSWGQGCATVGHFGVYTRVSQYIEWLQKLMR
SEPRPGVLLRAPFP
;
S
4 'polypeptide(L)'
;TVAAYNLTWKSTNFKTILEWEPKPVNQVYTVQISTKSGDWKSKCFYTTDTECDLTDEIVKDVKQTYLARVFSYPAGNVES
TGSAGEPLYENSPEFTPYLETNLGQPTIQSFEQVGTKVNVTVEDERTLVRRNNTFLSLRDVFGKDLIYTLYYWKSSSSGK
KTAKTNTNEFLIDVDKGENYCFSVQAVIPSRTVNRKSTDSPVECMGQEKGEFREIFYIIGAVVFVVIILVIILAISLHKG
SGSGMKIEEGKLVIWINGDKGYNGLAEVGKKFEKDTGIKVTVEHPDKLEEKFPQVAATGDGPDIIFWAHDRFGGYAQSGL
LAEITPDKAFQDKLYPFTWDAVRYNGKLIAYPIAVEALSLIYNKDLLPNPPKTWEEIPALDKELKAKGKSALMFNLQEPY
FTWPLIAADGGYAFKYENGKYDIKDVGVDNAGAKAGLTFLVDLIKNKHMNADTDYSIAEAAFNKGETAMTINGPWAWSNI
DTSKVNYGVTVLPTFKGQPSKPFVGVLSAGINAASPNKELAKEFLENYLLTDEGLEAVNKDKPLGAVALKSYEEELAKDP
RIAATMENAQKGEIMPNIPQMSAFWYAVRTAVINAASGRQTVDEALKDAQT
;
T
5 'polypeptide(L)' TDTELPPLKLMHSFCAFKADDGPCKAIMKRFFFNIFTRQCEEFIYGGCEGNQNRFESLEECKKMCTRD K
6 'polypeptide(L)'
;QVHLQQSGAELMKPGASVKISCKASGYTFITYWIEWVKQRPGHGLEWIGDILPGSGSTNYNENFKGKATFTADSSSNTAY
MQLSSLTSEDSAVYYCARSGYYGNSGFAYWGQGTLVTVSAAKTTPPSVYPLAPGSAAQTNSMVTLGCLVKGYFPEPVTVT
WNSGSLSSGVHTFPAVLQSDLYTLSSSVTVPSSTWPSETVTCNVAHPASSTKVDKKIVPRD
;
H
7 'polypeptide(L)'
;DIVMTQSPSSLTVTAGEKVTMSCKSSQSLLSSGNQKNYLTWYQQIPGQPPKLLIYWASTRESGVPDRFTGSGSGTDFTLT
INSVQAEDLAVYYCQNDYTYPLTFGAGTKLELKRADAAPTVSIFPPSSEQLTSGGASVVCFLNNFYPKDINVKWKIDGSE
RQNGVLNSATDQDSKDSTYSMSSTLTLTKDEYERHNSYTCEATHKTSTSPIVKSFNRNEC
;
L
#
loop_
_chem_comp.id
_chem_comp.type
_chem_comp.name
_chem_comp.formula
BGC D-saccharide, beta linking beta-D-glucopyranose 'C6 H12 O6'
CA non-polymer 'CALCIUM ION' 'Ca 2'
FUC L-saccharide, alpha linking alpha-L-fucopyranose 'C6 H12 O5'
MG non-polymer 'MAGNESIUM ION' 'Mg 2'
#
# COMPACT_ATOMS: atom_id res chain seq x y z
N ALA A 1 -14.37 -53.57 26.90
CA ALA A 1 -15.64 -54.26 27.10
C ALA A 1 -15.44 -55.77 27.10
N ASN A 2 -15.57 -56.38 25.92
CA ASN A 2 -15.35 -57.81 25.76
C ASN A 2 -13.86 -58.08 25.90
N ALA A 3 -13.43 -58.51 27.10
CA ALA A 3 -12.01 -58.65 27.36
C ALA A 3 -11.44 -59.92 26.73
N PHE A 4 -11.89 -61.08 27.23
CA PHE A 4 -11.54 -62.42 26.74
C PHE A 4 -10.06 -62.57 26.40
N LEU A 5 -9.20 -61.81 27.09
CA LEU A 5 -7.83 -61.56 26.67
C LEU A 5 -7.89 -61.15 25.19
N CGU A 6 -7.96 -59.86 24.94
CA CGU A 6 -8.26 -59.37 23.60
C CGU A 6 -7.01 -59.32 22.72
O CGU A 6 -7.10 -59.12 21.48
CB CGU A 6 -8.91 -57.98 23.73
CG CGU A 6 -9.56 -57.55 22.41
CD1 CGU A 6 -8.72 -56.39 21.86
CD2 CGU A 6 -10.98 -57.06 22.65
OE11 CGU A 6 -8.79 -56.08 20.65
OE12 CGU A 6 -7.98 -55.74 22.64
OE21 CGU A 6 -11.92 -57.53 21.95
OE22 CGU A 6 -11.22 -56.20 23.53
N CGU A 7 -5.85 -59.53 23.34
CA CGU A 7 -4.57 -59.27 22.67
C CGU A 7 -4.20 -60.28 21.56
O CGU A 7 -3.12 -60.09 20.94
CB CGU A 7 -3.46 -59.26 23.72
CG CGU A 7 -3.17 -57.84 24.22
CD1 CGU A 7 -4.14 -56.79 23.68
CD2 CGU A 7 -1.73 -57.45 23.87
OE11 CGU A 7 -3.88 -56.17 22.61
OE12 CGU A 7 -5.21 -56.55 24.29
OE21 CGU A 7 -1.33 -57.52 22.68
OE22 CGU A 7 -0.95 -57.05 24.77
N LEU A 8 -5.01 -61.29 21.29
CA LEU A 8 -4.70 -62.18 20.17
C LEU A 8 -5.03 -61.54 18.83
N ARG A 9 -6.32 -61.35 18.58
CA ARG A 9 -6.77 -60.87 17.28
C ARG A 9 -6.21 -59.48 17.01
N PRO A 10 -5.63 -59.23 15.83
CA PRO A 10 -5.18 -57.88 15.50
C PRO A 10 -6.31 -56.86 15.61
N GLY A 11 -6.17 -55.95 16.57
CA GLY A 11 -7.24 -55.01 16.85
C GLY A 11 -7.31 -53.85 15.88
N SER A 12 -8.46 -53.68 15.24
CA SER A 12 -8.67 -52.50 14.42
C SER A 12 -8.68 -51.26 15.30
N LEU A 13 -8.18 -50.15 14.74
CA LEU A 13 -8.07 -48.90 15.48
C LEU A 13 -9.43 -48.48 16.03
N CGU A 14 -10.47 -48.63 15.22
CA CGU A 14 -11.81 -48.29 15.65
C CGU A 14 -12.18 -49.15 16.86
O CGU A 14 -12.44 -48.59 17.95
CB CGU A 14 -12.83 -48.50 14.53
CG CGU A 14 -14.23 -48.25 15.13
CD1 CGU A 14 -15.11 -49.48 14.92
CD2 CGU A 14 -14.87 -47.03 14.48
OE11 CGU A 14 -14.72 -50.62 15.29
OE12 CGU A 14 -16.24 -49.35 14.38
OE21 CGU A 14 -15.19 -46.04 15.19
OE22 CGU A 14 -15.07 -47.01 13.24
N ARG A 15 -12.18 -50.46 16.69
CA ARG A 15 -12.61 -51.40 17.71
C ARG A 15 -11.93 -51.18 19.06
N CGU A 16 -10.63 -50.92 19.05
CA CGU A 16 -9.88 -50.85 20.29
C CGU A 16 -9.85 -49.44 20.88
O CGU A 16 -10.01 -49.29 22.11
CB CGU A 16 -8.46 -51.35 20.07
CG CGU A 16 -8.42 -52.83 20.46
CD1 CGU A 16 -9.13 -53.03 21.81
CD2 CGU A 16 -6.97 -53.29 20.56
OE11 CGU A 16 -10.15 -53.75 21.87
OE12 CGU A 16 -8.68 -52.48 22.85
OE21 CGU A 16 -6.49 -53.69 21.67
OE22 CGU A 16 -6.24 -53.29 19.54
N CYS A 17 -9.65 -48.41 20.05
CA CYS A 17 -9.48 -47.06 20.58
C CYS A 17 -10.68 -46.16 20.36
N LYS A 18 -11.29 -46.22 19.18
CA LYS A 18 -12.41 -45.34 18.87
C LYS A 18 -13.73 -46.00 19.23
N CGU A 19 -13.66 -47.05 20.04
CA CGU A 19 -14.84 -47.72 20.54
C CGU A 19 -14.71 -47.79 22.05
O CGU A 19 -15.36 -47.00 22.78
CB CGU A 19 -14.98 -49.11 19.92
CG CGU A 19 -16.42 -49.38 19.52
CD1 CGU A 19 -17.05 -48.10 18.94
CD2 CGU A 19 -16.46 -50.48 18.46
OE11 CGU A 19 -16.63 -47.62 17.86
OE12 CGU A 19 -18.00 -47.54 19.55
OE21 CGU A 19 -15.77 -51.52 18.62
OE22 CGU A 19 -17.17 -50.35 17.43
N CGU A 20 -13.89 -48.71 22.55
CA CGU A 20 -13.58 -48.75 23.97
C CGU A 20 -12.49 -47.72 24.23
O CGU A 20 -11.73 -47.36 23.28
CB CGU A 20 -13.12 -50.14 24.43
CG CGU A 20 -13.21 -51.19 23.33
CD1 CGU A 20 -14.65 -51.66 23.17
CD2 CGU A 20 -12.36 -52.39 23.76
OE11 CGU A 20 -15.02 -52.24 22.12
OE12 CGU A 20 -15.48 -51.47 24.10
OE21 CGU A 20 -12.59 -53.52 23.27
OE22 CGU A 20 -11.45 -52.24 24.61
N GLN A 21 -12.40 -47.23 25.46
CA GLN A 21 -11.38 -46.24 25.79
C GLN A 21 -10.04 -46.95 25.94
N CYS A 22 -9.26 -46.96 24.86
CA CYS A 22 -7.96 -47.61 24.89
C CYS A 22 -6.94 -46.76 25.62
N SER A 23 -5.91 -47.42 26.13
CA SER A 23 -4.79 -46.74 26.78
C SER A 23 -3.76 -46.39 25.72
N PHE A 24 -2.61 -45.88 26.15
CA PHE A 24 -1.52 -45.55 25.24
C PHE A 24 -0.94 -46.82 24.63
N CGU A 25 -0.87 -47.87 25.44
CA CGU A 25 -0.27 -49.12 25.04
C CGU A 25 -1.05 -49.74 23.86
O CGU A 25 -0.42 -50.20 22.89
CB CGU A 25 -0.22 -50.10 26.21
CG CGU A 25 0.00 -51.52 25.70
CD1 CGU A 25 -0.55 -52.54 26.70
CD2 CGU A 25 1.48 -51.78 25.47
OE11 CGU A 25 -0.31 -53.76 26.55
OE12 CGU A 25 -1.23 -52.15 27.68
OE21 CGU A 25 1.86 -52.83 24.89
OE22 CGU A 25 2.33 -50.94 25.87
N CGU A 26 -2.37 -49.74 23.95
CA CGU A 26 -3.19 -50.33 22.90
C CGU A 26 -2.95 -49.62 21.56
O CGU A 26 -2.74 -50.27 20.50
CB CGU A 26 -4.67 -50.24 23.29
CG CGU A 26 -5.21 -51.60 23.74
CD1 CGU A 26 -6.24 -51.40 24.84
CD2 CGU A 26 -4.11 -52.51 24.27
OE11 CGU A 26 -6.27 -50.32 25.48
OE12 CGU A 26 -7.05 -52.32 25.12
OE21 CGU A 26 -3.57 -52.28 25.39
OE22 CGU A 26 -3.72 -53.50 23.58
N ALA A 27 -2.93 -48.29 21.60
CA ALA A 27 -2.70 -47.50 20.41
C ALA A 27 -1.29 -47.71 19.86
N ARG A 28 -0.34 -47.93 20.76
CA ARG A 28 1.04 -48.16 20.34
C ARG A 28 1.18 -49.54 19.69
N CGU A 29 0.36 -50.48 20.15
CA CGU A 29 0.39 -51.82 19.58
C CGU A 29 -0.23 -51.76 18.19
O CGU A 29 0.21 -52.48 17.26
CB CGU A 29 -0.37 -52.83 20.45
CG CGU A 29 0.26 -53.02 21.83
CD1 CGU A 29 -0.54 -54.05 22.60
CD2 CGU A 29 1.71 -53.47 21.71
OE11 CGU A 29 -1.57 -54.56 22.09
OE12 CGU A 29 -0.18 -54.41 23.76
OE21 CGU A 29 1.99 -54.69 21.50
OE22 CGU A 29 2.65 -52.64 21.83
N ILE A 30 -1.25 -50.92 18.05
CA ILE A 30 -1.95 -50.81 16.77
C ILE A 30 -1.11 -50.09 15.72
N PHE A 31 -0.68 -48.86 16.04
CA PHE A 31 0.07 -48.07 15.06
C PHE A 31 1.46 -48.63 14.82
N LYS A 32 2.13 -49.09 15.89
CA LYS A 32 3.49 -49.61 15.80
C LYS A 32 4.47 -48.56 15.25
N ASP A 33 4.28 -47.31 15.66
CA ASP A 33 5.20 -46.23 15.29
C ASP A 33 5.09 -45.15 16.36
N ALA A 34 6.08 -45.09 17.24
CA ALA A 34 6.07 -44.23 18.42
C ALA A 34 5.72 -42.77 18.11
N CGU A 35 6.28 -42.24 17.03
CA CGU A 35 6.04 -40.85 16.66
C CGU A 35 4.54 -40.61 16.44
O CGU A 35 3.91 -39.72 17.08
CB CGU A 35 6.84 -40.50 15.41
CG CGU A 35 8.33 -40.69 15.70
CD1 CGU A 35 9.15 -39.67 14.90
CD2 CGU A 35 8.77 -42.10 15.30
OE11 CGU A 35 8.56 -38.85 14.15
OE12 CGU A 35 10.40 -39.66 14.99
OE21 CGU A 35 9.44 -42.80 16.10
OE22 CGU A 35 8.45 -42.56 14.17
N ARG A 36 3.97 -41.40 15.53
CA ARG A 36 2.57 -41.26 15.20
C ARG A 36 1.68 -41.57 16.40
N THR A 37 2.10 -42.51 17.25
CA THR A 37 1.30 -42.77 18.45
C THR A 37 1.28 -41.57 19.37
N LYS A 38 2.42 -40.87 19.52
CA LYS A 38 2.43 -39.66 20.33
C LYS A 38 1.51 -38.59 19.73
N LEU A 39 1.59 -38.39 18.41
CA LEU A 39 0.73 -37.39 17.79
C LEU A 39 -0.74 -37.74 17.96
N PHE A 40 -1.10 -38.99 17.69
CA PHE A 40 -2.50 -39.40 17.82
C PHE A 40 -2.96 -39.31 19.28
N TRP A 41 -2.06 -39.60 20.23
CA TRP A 41 -2.45 -39.51 21.63
C TRP A 41 -2.70 -38.06 22.03
N ILE A 42 -1.82 -37.15 21.62
CA ILE A 42 -2.03 -35.76 22.00
C ILE A 42 -3.27 -35.19 21.31
N SER A 43 -3.66 -35.73 20.15
CA SER A 43 -4.88 -35.27 19.52
C SER A 43 -6.14 -35.93 20.07
N TYR A 44 -6.04 -37.14 20.61
CA TYR A 44 -7.20 -37.92 21.01
C TYR A 44 -7.47 -37.89 22.51
N SER A 45 -6.46 -38.21 23.33
CA SER A 45 -6.58 -38.10 24.77
C SER A 45 -6.45 -36.67 25.27
N ASP A 46 -6.54 -35.68 24.37
CA ASP A 46 -6.54 -34.29 24.78
C ASP A 46 -7.74 -34.00 25.67
N GLY A 47 -8.91 -34.50 25.30
CA GLY A 47 -10.11 -34.30 26.08
C GLY A 47 -10.85 -33.03 25.69
N ASP A 48 -12.05 -32.90 26.26
CA ASP A 48 -12.94 -31.78 25.97
C ASP A 48 -12.77 -30.75 27.08
N GLN A 49 -12.12 -29.62 26.76
CA GLN A 49 -11.85 -28.56 27.74
C GLN A 49 -13.04 -27.61 27.81
N CYS A 50 -14.22 -28.19 27.77
CA CYS A 50 -15.44 -27.40 27.69
C CYS A 50 -16.49 -28.01 28.60
N ALA A 51 -16.07 -28.95 29.44
CA ALA A 51 -16.97 -29.61 30.38
C ALA A 51 -17.35 -28.72 31.56
N SER A 52 -16.70 -27.57 31.74
CA SER A 52 -17.04 -26.65 32.82
C SER A 52 -17.80 -25.43 32.31
N SER A 53 -18.24 -25.43 31.05
CA SER A 53 -18.91 -24.30 30.40
C SER A 53 -18.24 -22.99 30.78
N PRO A 54 -16.99 -22.77 30.38
CA PRO A 54 -16.24 -21.61 30.89
C PRO A 54 -16.80 -20.27 30.47
N CYS A 55 -17.58 -20.20 29.39
CA CYS A 55 -18.02 -18.92 28.85
C CYS A 55 -19.31 -18.48 29.54
N GLN A 56 -19.31 -17.24 30.02
CA GLN A 56 -20.46 -16.66 30.69
C GLN A 56 -21.22 -15.74 29.75
N ASN A 57 -22.38 -15.26 30.24
CA ASN A 57 -23.18 -14.27 29.53
C ASN A 57 -23.55 -14.74 28.13
N GLY A 58 -23.90 -16.01 28.00
CA GLY A 58 -24.30 -16.54 26.71
C GLY A 58 -23.18 -16.57 25.71
N GLY A 59 -22.18 -17.41 25.95
CA GLY A 59 -21.08 -17.57 25.01
C GLY A 59 -20.87 -19.02 24.62
N SER A 60 -20.74 -19.28 23.32
CA SER A 60 -20.62 -20.64 22.82
C SER A 60 -19.17 -21.08 22.89
N CYS A 61 -18.86 -21.99 23.81
CA CYS A 61 -17.51 -22.51 23.96
C CYS A 61 -17.19 -23.49 22.83
N LYS A 62 -15.92 -23.49 22.42
CA LYS A 62 -15.46 -24.38 21.36
C LYS A 62 -14.16 -25.03 21.81
N ASP A 63 -14.10 -26.36 21.75
CA ASP A 63 -12.93 -27.09 22.20
C ASP A 63 -11.83 -27.07 21.15
N GLN A 64 -10.59 -27.03 21.63
CA GLN A 64 -9.40 -27.10 20.78
C GLN A 64 -8.40 -28.02 21.47
N LEU A 65 -7.14 -27.97 21.02
CA LEU A 65 -6.07 -28.74 21.64
C LEU A 65 -5.64 -28.03 22.91
N GLN A 66 -6.10 -28.55 24.06
CA GLN A 66 -5.80 -27.97 25.36
C GLN A 66 -6.15 -26.48 25.40
N SER A 67 -7.32 -26.14 24.87
CA SER A 67 -7.75 -24.76 24.80
C SER A 67 -9.25 -24.73 24.53
N TYR A 68 -9.84 -23.57 24.80
CA TYR A 68 -11.24 -23.30 24.45
C TYR A 68 -11.34 -21.86 23.97
N ILE A 69 -12.36 -21.61 23.15
CA ILE A 69 -12.58 -20.30 22.56
C ILE A 69 -14.03 -19.93 22.79
N CYS A 70 -14.27 -18.77 23.41
CA CYS A 70 -15.62 -18.33 23.71
C CYS A 70 -16.13 -17.43 22.59
N PHE A 71 -17.22 -17.85 21.95
CA PHE A 71 -17.88 -17.06 20.91
C PHE A 71 -18.87 -16.11 21.60
N CYS A 72 -18.33 -14.98 22.06
CA CYS A 72 -19.10 -14.08 22.92
C CYS A 72 -20.18 -13.35 22.14
N LEU A 73 -21.22 -12.96 22.87
CA LEU A 73 -22.30 -12.17 22.31
C LEU A 73 -21.79 -10.77 21.95
N PRO A 74 -22.50 -10.04 21.09
CA PRO A 74 -22.01 -8.71 20.68
C PRO A 74 -21.82 -7.74 21.83
N ALA A 75 -22.64 -7.84 22.88
CA ALA A 75 -22.60 -6.90 23.99
C ALA A 75 -21.59 -7.28 25.07
N PHE A 76 -20.70 -8.23 24.79
CA PHE A 76 -19.76 -8.70 25.80
C PHE A 76 -18.41 -8.95 25.14
N GLU A 77 -17.39 -9.07 25.98
CA GLU A 77 -16.05 -9.40 25.52
C GLU A 77 -15.31 -10.08 26.67
N GLY A 78 -14.07 -10.47 26.41
CA GLY A 78 -13.28 -11.20 27.36
C GLY A 78 -13.03 -12.63 26.92
N ARG A 79 -12.02 -13.25 27.54
CA ARG A 79 -11.71 -14.64 27.21
C ARG A 79 -12.89 -15.55 27.52
N ASN A 80 -13.65 -15.25 28.58
CA ASN A 80 -14.84 -16.00 28.93
C ASN A 80 -16.10 -15.15 28.81
N CYS A 81 -16.05 -14.09 28.00
CA CYS A 81 -17.14 -13.11 27.90
C CYS A 81 -17.49 -12.52 29.27
N GLU A 82 -16.46 -12.33 30.10
CA GLU A 82 -16.66 -11.82 31.46
C GLU A 82 -16.92 -10.33 31.48
N THR A 83 -16.30 -9.58 30.58
CA THR A 83 -16.30 -8.12 30.64
C THR A 83 -17.56 -7.56 29.98
N HIS A 84 -18.27 -6.71 30.70
CA HIS A 84 -19.42 -6.00 30.15
C HIS A 84 -18.91 -4.77 29.40
N LYS A 85 -19.01 -4.80 28.07
CA LYS A 85 -18.52 -3.68 27.27
C LYS A 85 -19.30 -2.40 27.55
N ASP A 86 -20.61 -2.53 27.77
CA ASP A 86 -21.46 -1.36 28.00
C ASP A 86 -21.40 -0.85 29.42
N ASP A 87 -20.61 -1.48 30.29
CA ASP A 87 -20.45 -1.03 31.67
C ASP A 87 -19.03 -0.53 31.93
N GLN A 88 -18.35 -0.09 30.88
CA GLN A 88 -17.04 0.52 30.98
C GLN A 88 -17.07 1.97 30.51
N LEU A 89 -18.18 2.65 30.78
CA LEU A 89 -18.42 4.00 30.27
C LEU A 89 -17.77 5.07 31.14
N ILE A 90 -16.71 4.75 31.87
CA ILE A 90 -16.01 5.74 32.68
C ILE A 90 -15.18 6.62 31.77
N CYS A 91 -14.62 7.70 32.34
CA CYS A 91 -13.99 8.75 31.54
C CYS A 91 -12.74 8.28 30.81
N VAL A 92 -12.18 7.14 31.17
CA VAL A 92 -10.95 6.69 30.53
C VAL A 92 -11.28 5.83 29.31
N ASN A 93 -12.57 5.76 28.95
CA ASN A 93 -13.00 5.04 27.75
C ASN A 93 -12.73 5.86 26.49
N GLU A 94 -11.46 6.20 26.31
CA GLU A 94 -11.02 7.10 25.24
C GLU A 94 -11.93 8.33 25.20
N ASN A 95 -11.93 9.07 26.30
CA ASN A 95 -12.86 10.15 26.53
C ASN A 95 -14.30 9.65 26.39
N GLY A 96 -14.62 8.66 27.23
CA GLY A 96 -15.87 7.92 27.13
C GLY A 96 -17.13 8.76 27.09
N GLY A 97 -17.80 8.73 25.94
CA GLY A 97 -19.06 9.43 25.77
C GLY A 97 -18.91 10.91 25.50
N CYS A 98 -18.35 11.63 26.46
CA CYS A 98 -18.22 13.08 26.34
C CYS A 98 -17.33 13.44 25.15
N GLU A 99 -17.80 14.38 24.33
CA GLU A 99 -17.01 14.83 23.19
C GLU A 99 -15.92 15.79 23.61
N GLN A 100 -16.19 16.64 24.61
CA GLN A 100 -15.30 17.73 24.99
C GLN A 100 -14.59 17.49 26.31
N TYR A 101 -15.32 17.14 27.37
CA TYR A 101 -14.71 16.90 28.68
C TYR A 101 -15.55 15.90 29.45
N CYS A 102 -14.90 14.88 30.02
CA CYS A 102 -15.53 13.97 30.95
C CYS A 102 -14.87 14.10 32.32
N SER A 103 -15.67 13.99 33.37
CA SER A 103 -15.19 14.03 34.74
C SER A 103 -15.70 12.80 35.47
N ASP A 104 -14.81 12.11 36.17
CA ASP A 104 -15.16 10.89 36.91
C ASP A 104 -15.86 11.28 38.20
N HIS A 105 -17.17 11.50 38.10
CA HIS A 105 -17.96 11.83 39.27
C HIS A 105 -18.07 10.61 40.19
N THR A 106 -18.00 10.86 41.49
CA THR A 106 -17.98 9.77 42.47
C THR A 106 -19.37 9.15 42.59
N GLY A 107 -19.47 7.86 42.31
CA GLY A 107 -20.70 7.12 42.47
C GLY A 107 -21.71 7.30 41.37
N THR A 108 -21.41 8.10 40.35
CA THR A 108 -22.33 8.36 39.26
C THR A 108 -21.59 8.32 37.94
N LYS A 109 -22.32 8.05 36.86
CA LYS A 109 -21.73 8.04 35.53
C LYS A 109 -21.18 9.42 35.20
N ARG A 110 -20.12 9.45 34.39
CA ARG A 110 -19.40 10.67 34.10
C ARG A 110 -20.33 11.76 33.57
N SER A 111 -19.97 13.00 33.84
CA SER A 111 -20.72 14.17 33.40
C SER A 111 -19.93 14.91 32.32
N CYS A 112 -20.64 15.39 31.31
CA CYS A 112 -20.02 16.05 30.17
C CYS A 112 -20.15 17.55 30.31
N ARG A 113 -19.17 18.16 30.96
CA ARG A 113 -18.96 19.59 30.81
C ARG A 113 -18.22 19.85 29.50
N CYS A 114 -18.19 21.10 29.08
CA CYS A 114 -17.45 21.41 27.86
C CYS A 114 -16.98 22.85 27.90
N HIS A 115 -16.03 23.16 27.02
CA HIS A 115 -15.16 24.32 27.17
C HIS A 115 -15.94 25.62 27.05
N GLU A 116 -15.34 26.68 27.58
CA GLU A 116 -15.87 28.03 27.43
C GLU A 116 -16.02 28.38 25.96
N GLY A 117 -17.11 29.08 25.63
CA GLY A 117 -17.47 29.35 24.26
C GLY A 117 -18.37 28.32 23.62
N TYR A 118 -18.62 27.21 24.31
CA TYR A 118 -19.54 26.18 23.87
C TYR A 118 -20.60 25.96 24.94
N SER A 119 -21.61 25.16 24.60
CA SER A 119 -22.63 24.80 25.58
C SER A 119 -23.27 23.48 25.17
N LEU A 120 -23.69 22.71 26.16
CA LEU A 120 -24.18 21.36 25.95
C LEU A 120 -25.53 21.38 25.24
N LEU A 121 -25.83 20.26 24.58
CA LEU A 121 -27.11 20.03 23.90
C LEU A 121 -27.92 18.99 24.65
N ALA A 122 -29.06 18.60 24.06
CA ALA A 122 -29.96 17.67 24.72
C ALA A 122 -29.33 16.29 24.90
N ASP A 123 -28.49 15.87 23.96
CA ASP A 123 -27.86 14.55 24.06
C ASP A 123 -26.97 14.43 25.29
N GLY A 124 -26.45 15.54 25.81
CA GLY A 124 -25.72 15.51 27.05
C GLY A 124 -24.33 14.93 26.99
N VAL A 125 -23.81 14.63 25.80
CA VAL A 125 -22.47 14.10 25.62
C VAL A 125 -21.60 15.02 24.80
N SER A 126 -22.13 15.60 23.73
CA SER A 126 -21.42 16.53 22.88
C SER A 126 -22.00 17.93 23.02
N CYS A 127 -21.23 18.92 22.62
CA CYS A 127 -21.67 20.30 22.71
C CYS A 127 -21.18 21.08 21.51
N THR A 128 -21.85 22.20 21.24
CA THR A 128 -21.66 22.98 20.03
C THR A 128 -21.23 24.40 20.38
N PRO A 129 -20.53 25.10 19.47
CA PRO A 129 -20.13 26.48 19.75
C PRO A 129 -21.32 27.39 19.96
N THR A 130 -21.12 28.40 20.81
CA THR A 130 -22.12 29.43 21.06
C THR A 130 -21.62 30.83 20.71
N VAL A 131 -20.41 30.95 20.19
CA VAL A 131 -19.85 32.25 19.83
C VAL A 131 -19.54 32.26 18.34
N GLU A 132 -19.10 33.41 17.83
CA GLU A 132 -18.78 33.50 16.40
C GLU A 132 -17.51 32.72 16.06
N TYR A 133 -16.54 32.67 16.96
CA TYR A 133 -15.29 31.96 16.73
C TYR A 133 -14.91 31.18 17.98
N PRO A 134 -15.16 29.88 17.99
CA PRO A 134 -14.79 29.07 19.16
C PRO A 134 -13.33 28.66 19.16
N CYS A 135 -12.93 27.83 20.13
CA CYS A 135 -11.56 27.33 20.16
C CYS A 135 -11.28 26.41 18.98
N GLY A 136 -10.11 26.59 18.39
CA GLY A 136 -9.55 25.67 17.42
C GLY A 136 -10.51 25.13 16.37
N LYS A 137 -11.41 25.96 15.88
CA LYS A 137 -12.35 25.58 14.83
C LYS A 137 -12.11 26.49 13.64
N ILE A 138 -11.76 25.90 12.50
CA ILE A 138 -11.43 26.66 11.31
C ILE A 138 -12.71 27.01 10.56
N PRO A 139 -13.06 28.30 10.43
CA PRO A 139 -14.29 28.67 9.72
C PRO A 139 -14.14 28.67 8.21
N ILE A 140 -12.91 28.65 7.70
CA ILE A 140 -12.71 28.53 6.25
C ILE A 140 -13.27 27.20 5.76
N LEU A 141 -13.02 26.11 6.51
CA LEU A 141 -13.63 24.83 6.19
C LEU A 141 -15.09 24.78 6.58
N GLU A 142 -15.56 25.71 7.41
CA GLU A 142 -16.93 25.79 7.91
C GLU A 142 -17.53 24.42 8.24
N ALA B 1 6.57 -52.05 9.30
CA ALA B 1 5.41 -52.82 8.84
C ALA B 1 5.75 -54.29 8.80
N ASN B 2 6.32 -54.80 9.90
CA ASN B 2 6.67 -56.21 10.01
C ASN B 2 5.44 -56.99 10.47
N SER B 3 4.45 -57.05 9.60
CA SER B 3 3.24 -57.80 9.87
C SER B 3 3.52 -59.31 9.78
N PHE B 4 2.50 -60.08 10.14
CA PHE B 4 2.63 -61.54 10.11
C PHE B 4 2.85 -62.02 8.68
N LEU B 5 3.67 -63.06 8.54
CA LEU B 5 4.02 -63.65 7.25
C LEU B 5 4.65 -62.64 6.31
N CGU B 6 5.65 -61.91 6.81
CA CGU B 6 6.36 -60.92 6.02
C CGU B 6 7.86 -61.20 6.13
O CGU B 6 8.25 -62.25 6.69
CB CGU B 6 6.02 -59.51 6.49
CG CGU B 6 5.95 -58.56 5.30
CD1 CGU B 6 7.01 -57.48 5.48
CD2 CGU B 6 4.56 -57.92 5.26
OE11 CGU B 6 7.58 -56.98 4.47
OE12 CGU B 6 7.34 -57.11 6.64
OE21 CGU B 6 3.63 -58.47 4.63
OE22 CGU B 6 4.36 -56.84 5.87
N CGU B 7 8.67 -60.28 5.60
CA CGU B 7 10.13 -60.35 5.62
C CGU B 7 10.65 -61.43 4.67
O CGU B 7 11.41 -61.11 3.72
CB CGU B 7 10.66 -60.59 7.04
CG CGU B 7 11.97 -59.85 7.31
CD1 CGU B 7 13.05 -60.22 6.29
CD2 CGU B 7 11.80 -58.33 7.39
OE11 CGU B 7 13.48 -59.36 5.49
OE12 CGU B 7 13.50 -61.40 6.26
OE21 CGU B 7 10.69 -57.77 7.16
OE22 CGU B 7 12.79 -57.64 7.71
N MET B 8 10.27 -62.68 4.90
CA MET B 8 10.64 -63.77 4.02
C MET B 8 10.03 -63.56 2.64
N LYS B 9 8.97 -62.77 2.59
CA LYS B 9 8.35 -62.39 1.33
C LYS B 9 9.25 -61.38 0.60
N LYS B 10 9.01 -61.26 -0.70
CA LYS B 10 9.75 -60.30 -1.52
C LYS B 10 9.45 -58.87 -1.07
N GLY B 11 10.45 -58.00 -1.21
CA GLY B 11 10.28 -56.62 -0.81
C GLY B 11 9.34 -55.86 -1.71
N HIS B 12 8.79 -54.77 -1.17
CA HIS B 12 7.85 -53.94 -1.89
C HIS B 12 7.77 -52.59 -1.18
N LEU B 13 7.73 -51.51 -1.96
CA LEU B 13 7.63 -50.17 -1.40
C LEU B 13 6.21 -49.96 -0.89
N CGU B 14 5.25 -49.91 -1.83
CA CGU B 14 3.88 -49.58 -1.51
C CGU B 14 3.29 -50.52 -0.44
O CGU B 14 2.62 -50.04 0.50
CB CGU B 14 3.03 -49.64 -2.79
CG CGU B 14 1.60 -50.03 -2.47
CD1 CGU B 14 1.34 -51.46 -2.95
CD2 CGU B 14 0.63 -49.08 -3.17
OE11 CGU B 14 1.56 -51.76 -4.16
OE12 CGU B 14 0.94 -52.33 -2.15
OE21 CGU B 14 -0.43 -49.51 -3.69
OE22 CGU B 14 0.90 -47.84 -3.22
N ARG B 15 3.57 -51.81 -0.56
CA ARG B 15 2.99 -52.79 0.36
C ARG B 15 3.54 -52.64 1.78
N CGU B 16 4.58 -51.82 1.95
CA CGU B 16 5.18 -51.66 3.26
C CGU B 16 5.13 -50.21 3.74
O CGU B 16 4.56 -49.92 4.82
CB CGU B 16 6.64 -52.13 3.22
CG CGU B 16 6.69 -53.63 2.91
CD1 CGU B 16 6.01 -54.40 4.03
CD2 CGU B 16 8.14 -54.09 2.80
OE11 CGU B 16 4.98 -55.09 3.79
OE12 CGU B 16 6.49 -54.36 5.21
OE21 CGU B 16 8.52 -54.74 1.79
OE22 CGU B 16 8.96 -53.80 3.70
N CYS B 17 5.70 -49.30 2.94
CA CYS B 17 5.89 -47.91 3.37
C CYS B 17 4.73 -46.99 2.98
N MET B 18 3.60 -47.55 2.57
CA MET B 18 2.44 -46.74 2.18
C MET B 18 1.12 -47.37 2.61
N CGU B 19 0.90 -48.63 2.26
CA CGU B 19 -0.28 -49.36 2.71
C CGU B 19 -0.27 -49.31 4.23
O CGU B 19 -1.17 -48.71 4.87
CB CGU B 19 -0.29 -50.82 2.24
CG CGU B 19 -0.41 -51.01 0.73
CD1 CGU B 19 -1.52 -50.18 0.11
CD2 CGU B 19 -0.73 -52.47 0.46
OE11 CGU B 19 -2.67 -50.15 0.62
OE12 CGU B 19 -1.30 -49.52 -0.94
OE21 CGU B 19 -1.51 -52.78 -0.48
OE22 CGU B 19 -0.20 -53.38 1.15
N CGU B 20 0.75 -49.93 4.82
CA CGU B 20 0.97 -49.89 6.25
C CGU B 20 2.14 -48.94 6.48
O CGU B 20 2.38 -48.04 5.63
CB CGU B 20 1.22 -51.29 6.81
CG CGU B 20 0.94 -52.36 5.76
CD1 CGU B 20 -0.56 -52.58 5.56
CD2 CGU B 20 1.53 -53.70 6.22
OE11 CGU B 20 -0.97 -53.23 4.57
OE12 CGU B 20 -1.37 -52.13 6.40
OE21 CGU B 20 1.84 -54.57 5.37
OE22 CGU B 20 1.69 -53.92 7.44
N THR B 21 2.88 -49.12 7.56
CA THR B 21 3.99 -48.21 7.87
C THR B 21 5.32 -48.95 8.05
N CYS B 22 6.16 -48.92 7.01
CA CYS B 22 7.45 -49.59 7.07
C CYS B 22 8.43 -48.80 7.92
N SER B 23 9.47 -49.50 8.36
CA SER B 23 10.55 -48.88 9.12
C SER B 23 11.68 -48.51 8.17
N TYR B 24 12.81 -48.08 8.72
CA TYR B 24 13.96 -47.68 7.92
C TYR B 24 14.57 -48.90 7.25
N CGU B 25 14.66 -49.98 8.01
CA CGU B 25 15.20 -51.23 7.52
C CGU B 25 14.36 -51.71 6.33
O CGU B 25 14.91 -51.96 5.23
CB CGU B 25 15.25 -52.25 8.64
CG CGU B 25 15.07 -53.67 8.15
CD1 CGU B 25 16.28 -54.51 8.53
CD2 CGU B 25 13.83 -54.25 8.83
OE11 CGU B 25 16.58 -55.54 7.88
OE12 CGU B 25 17.00 -54.15 9.52
OE21 CGU B 25 13.75 -55.49 9.04
OE22 CGU B 25 12.90 -53.49 9.18
N CGU B 26 13.04 -51.79 6.52
CA CGU B 26 12.15 -52.21 5.45
C CGU B 26 12.30 -51.25 4.26
O CGU B 26 11.99 -51.62 3.10
CB CGU B 26 10.70 -52.23 5.92
CG CGU B 26 10.53 -53.33 6.97
CD1 CGU B 26 10.55 -54.71 6.33
CD2 CGU B 26 9.18 -53.14 7.65
OE11 CGU B 26 11.65 -55.28 6.10
OE12 CGU B 26 9.47 -55.28 6.02
OE21 CGU B 26 9.07 -53.35 8.89
OE22 CGU B 26 8.18 -52.79 6.97
N ALA B 27 12.78 -50.04 4.53
CA ALA B 27 13.11 -49.09 3.49
C ALA B 27 14.24 -49.63 2.62
N ARG B 28 15.40 -49.83 3.24
CA ARG B 28 16.59 -50.25 2.48
C ARG B 28 16.37 -51.63 1.87
N CGU B 29 15.63 -52.47 2.59
CA CGU B 29 15.28 -53.80 2.12
C CGU B 29 14.61 -53.77 0.75
O CGU B 29 14.57 -54.81 0.03
CB CGU B 29 14.37 -54.48 3.13
CG CGU B 29 15.03 -55.73 3.67
CD1 CGU B 29 16.34 -55.36 4.34
CD2 CGU B 29 14.09 -56.39 4.68
OE11 CGU B 29 16.36 -54.43 5.19
OE12 CGU B 29 17.39 -55.99 4.06
OE21 CGU B 29 13.01 -56.90 4.29
OE22 CGU B 29 14.40 -56.38 5.90
N VAL B 30 14.05 -52.62 0.38
CA VAL B 30 13.38 -52.47 -0.90
C VAL B 30 14.26 -51.74 -1.91
N PHE B 31 15.11 -50.83 -1.42
CA PHE B 31 15.78 -49.91 -2.34
C PHE B 31 17.28 -50.15 -2.45
N CGU B 32 17.83 -50.89 -1.49
CA CGU B 32 19.23 -51.31 -1.45
C CGU B 32 20.19 -50.12 -1.33
O CGU B 32 20.61 -49.77 -0.20
CB CGU B 32 19.55 -52.14 -2.69
CG CGU B 32 19.29 -53.62 -2.39
CD1 CGU B 32 17.87 -53.99 -2.79
CD2 CGU B 32 19.55 -53.95 -0.93
OE11 CGU B 32 16.88 -53.48 -2.21
OE12 CGU B 32 17.68 -54.83 -3.71
OE21 CGU B 32 18.59 -54.19 -0.15
OE22 CGU B 32 20.73 -54.00 -0.50
N ASP B 33 20.56 -49.51 -2.47
CA ASP B 33 21.45 -48.35 -2.47
C ASP B 33 20.93 -47.28 -1.52
N SER B 34 21.71 -47.00 -0.46
CA SER B 34 21.20 -46.20 0.64
C SER B 34 20.77 -44.81 0.19
N ASP B 35 21.56 -44.18 -0.69
CA ASP B 35 21.24 -42.83 -1.13
C ASP B 35 19.82 -42.74 -1.65
N LYS B 36 19.45 -43.64 -2.57
CA LYS B 36 18.10 -43.61 -3.13
C LYS B 36 17.05 -43.82 -2.05
N THR B 37 17.35 -44.66 -1.05
CA THR B 37 16.39 -44.83 0.03
C THR B 37 16.15 -43.51 0.74
N ASN B 38 17.22 -42.74 0.96
CA ASN B 38 17.10 -41.44 1.60
C ASN B 38 16.22 -40.54 0.75
N CGU B 39 16.33 -40.71 -0.57
CA CGU B 39 15.55 -39.93 -1.52
C CGU B 39 14.06 -40.04 -1.21
O CGU B 39 13.27 -39.12 -1.51
CB CGU B 39 15.82 -40.40 -2.95
CG CGU B 39 17.23 -40.01 -3.35
CD1 CGU B 39 17.42 -40.34 -4.83
CD2 CGU B 39 17.42 -38.51 -3.14
OE11 CGU B 39 16.95 -41.42 -5.30
OE12 CGU B 39 18.04 -39.55 -5.59
OE21 CGU B 39 16.70 -37.69 -3.77
OE22 CGU B 39 18.30 -38.10 -2.34
N PHE B 40 13.67 -41.16 -0.61
CA PHE B 40 12.30 -41.35 -0.17
C PHE B 40 12.16 -41.09 1.32
N TRP B 41 13.17 -41.50 2.08
CA TRP B 41 13.05 -41.52 3.53
C TRP B 41 12.98 -40.12 4.11
N ASN B 42 13.74 -39.19 3.54
CA ASN B 42 13.65 -37.79 3.96
C ASN B 42 12.30 -37.17 3.62
N LYS B 43 11.51 -37.81 2.76
CA LYS B 43 10.14 -37.36 2.53
C LYS B 43 9.15 -38.00 3.50
N TYR B 44 9.41 -39.26 3.88
CA TYR B 44 8.41 -40.04 4.59
C TYR B 44 8.07 -39.43 5.95
N LYS B 45 9.07 -39.16 6.79
CA LYS B 45 8.82 -38.47 8.04
C LYS B 45 8.74 -36.97 7.85
N ASP B 46 9.85 -36.37 7.41
CA ASP B 46 9.94 -34.92 7.20
C ASP B 46 9.25 -34.64 5.87
N GLY B 47 7.95 -34.36 5.94
CA GLY B 47 7.10 -34.29 4.75
C GLY B 47 7.70 -33.55 3.59
N ASP B 48 7.88 -32.24 3.72
CA ASP B 48 8.70 -31.49 2.79
C ASP B 48 8.97 -30.14 3.44
N GLN B 49 10.23 -29.83 3.76
CA GLN B 49 10.55 -28.61 4.48
C GLN B 49 10.77 -27.41 3.57
N CYS B 50 10.74 -27.60 2.25
CA CYS B 50 10.94 -26.50 1.32
C CYS B 50 9.89 -26.48 0.21
N GLU B 51 8.67 -26.92 0.53
CA GLU B 51 7.58 -26.80 -0.44
C GLU B 51 7.16 -25.35 -0.62
N THR B 52 7.54 -24.48 0.31
CA THR B 52 7.47 -23.04 0.11
C THR B 52 8.70 -22.60 -0.69
N SER B 53 9.01 -21.32 -0.68
CA SER B 53 10.22 -20.79 -1.31
C SER B 53 11.02 -19.96 -0.30
N PRO B 54 11.59 -20.61 0.73
CA PRO B 54 12.34 -19.86 1.74
C PRO B 54 13.64 -19.30 1.19
N CYS B 55 14.48 -20.15 0.59
CA CYS B 55 15.74 -19.70 0.02
C CYS B 55 15.46 -19.01 -1.31
N GLN B 56 15.69 -17.70 -1.37
CA GLN B 56 15.35 -16.91 -2.53
C GLN B 56 16.41 -17.10 -3.62
N ASN B 57 16.34 -16.26 -4.65
CA ASN B 57 17.29 -16.29 -5.76
C ASN B 57 17.33 -17.66 -6.43
N GLN B 58 16.16 -18.23 -6.66
CA GLN B 58 16.01 -19.53 -7.33
C GLN B 58 16.86 -20.60 -6.65
N GLY B 59 16.71 -20.69 -5.33
CA GLY B 59 17.46 -21.66 -4.57
C GLY B 59 16.90 -23.07 -4.67
N LYS B 60 17.61 -23.94 -5.38
CA LYS B 60 17.21 -25.33 -5.48
C LYS B 60 17.35 -26.00 -4.12
N CYS B 61 16.49 -26.98 -3.86
CA CYS B 61 16.40 -27.62 -2.55
C CYS B 61 16.45 -29.13 -2.70
N LYS B 62 17.21 -29.78 -1.82
CA LYS B 62 17.24 -31.24 -1.78
C LYS B 62 16.33 -31.81 -0.70
N ASP B 63 16.11 -31.05 0.38
CA ASP B 63 15.09 -31.34 1.39
C ASP B 63 15.34 -32.71 2.05
N GLY B 64 16.45 -32.77 2.78
CA GLY B 64 16.80 -33.99 3.48
C GLY B 64 16.15 -34.03 4.85
N LEU B 65 16.95 -33.97 5.91
CA LEU B 65 16.40 -33.95 7.26
C LEU B 65 15.57 -32.67 7.45
N GLY B 66 14.80 -32.63 8.54
CA GLY B 66 13.96 -31.48 8.85
C GLY B 66 14.71 -30.17 9.02
N GLU B 67 16.04 -30.20 8.96
CA GLU B 67 16.85 -29.00 9.01
C GLU B 67 16.70 -28.11 7.79
N TYR B 68 16.03 -28.58 6.72
CA TYR B 68 15.76 -27.79 5.53
C TYR B 68 17.07 -27.30 4.88
N THR B 69 17.78 -28.27 4.31
CA THR B 69 18.95 -27.94 3.51
C THR B 69 18.54 -27.45 2.14
N CYS B 70 19.09 -26.31 1.72
CA CYS B 70 18.85 -25.73 0.41
C CYS B 70 20.17 -25.33 -0.23
N THR B 71 20.26 -25.50 -1.55
CA THR B 71 21.45 -25.12 -2.30
C THR B 71 21.37 -23.64 -2.66
N CYS B 72 22.42 -22.90 -2.32
CA CYS B 72 22.54 -21.50 -2.74
C CYS B 72 23.56 -21.41 -3.86
N LEU B 73 23.43 -20.36 -4.68
CA LEU B 73 24.23 -20.18 -5.87
C LEU B 73 25.16 -18.98 -5.70
N GLU B 74 26.02 -18.77 -6.69
CA GLU B 74 27.04 -17.74 -6.63
C GLU B 74 26.41 -16.35 -6.68
N GLY B 75 27.18 -15.36 -6.20
CA GLY B 75 26.72 -14.00 -6.13
C GLY B 75 25.85 -13.69 -4.94
N PHE B 76 25.53 -14.68 -4.11
CA PHE B 76 24.66 -14.52 -2.96
C PHE B 76 25.19 -15.39 -1.84
N GLU B 77 25.67 -14.77 -0.77
CA GLU B 77 26.17 -15.53 0.37
C GLU B 77 25.00 -16.05 1.20
N GLY B 78 25.33 -16.94 2.13
CA GLY B 78 24.34 -17.55 2.98
C GLY B 78 23.68 -18.76 2.35
N LYS B 79 23.09 -19.59 3.20
CA LYS B 79 22.44 -20.81 2.72
C LYS B 79 21.16 -20.49 1.96
N ASN B 80 20.46 -19.43 2.34
CA ASN B 80 19.23 -19.03 1.70
C ASN B 80 19.44 -18.04 0.56
N CYS B 81 20.69 -17.71 0.23
CA CYS B 81 21.07 -16.74 -0.80
C CYS B 81 20.61 -15.33 -0.46
N GLU B 82 20.16 -15.10 0.78
CA GLU B 82 19.53 -13.83 1.13
C GLU B 82 20.52 -12.68 1.26
N LEU B 83 21.80 -12.95 1.48
CA LEU B 83 22.78 -11.89 1.65
C LEU B 83 23.10 -11.29 0.29
N PHE B 84 22.60 -10.08 0.06
CA PHE B 84 22.73 -9.41 -1.24
C PHE B 84 23.92 -8.44 -1.23
N THR B 85 25.11 -9.01 -1.11
CA THR B 85 26.35 -8.24 -1.19
C THR B 85 27.11 -8.62 -2.45
N ARG B 86 27.85 -7.66 -3.00
CA ARG B 86 28.54 -7.90 -4.26
C ARG B 86 29.88 -8.60 -4.07
N LYS B 87 29.89 -9.64 -3.23
CA LYS B 87 30.94 -10.66 -3.16
C LYS B 87 32.27 -10.15 -2.59
N LEU B 88 32.42 -8.84 -2.44
CA LEU B 88 33.71 -8.26 -2.08
C LEU B 88 33.64 -6.75 -1.92
N CYS B 89 34.78 -6.14 -1.55
CA CYS B 89 34.97 -4.71 -1.63
C CYS B 89 35.67 -4.30 -2.93
N SER B 90 35.91 -5.25 -3.83
CA SER B 90 36.73 -5.02 -5.01
C SER B 90 36.04 -4.20 -6.09
N LEU B 91 34.71 -4.04 -6.03
CA LEU B 91 33.99 -3.29 -7.04
C LEU B 91 34.41 -1.81 -6.97
N ASP B 92 35.19 -1.38 -7.96
CA ASP B 92 35.75 -0.03 -7.98
C ASP B 92 36.50 0.25 -6.68
N ASN B 93 37.18 -0.78 -6.18
CA ASN B 93 37.82 -0.78 -4.86
C ASN B 93 36.96 -0.04 -3.83
N GLY B 94 35.70 -0.45 -3.73
CA GLY B 94 34.77 0.16 -2.81
C GLY B 94 34.19 1.47 -3.28
N ASP B 95 33.90 1.59 -4.58
CA ASP B 95 33.36 2.82 -5.17
C ASP B 95 34.25 4.01 -4.82
N CYS B 96 35.56 3.82 -5.02
CA CYS B 96 36.57 4.68 -4.44
C CYS B 96 37.75 4.75 -5.40
N ASP B 97 38.90 5.17 -4.88
CA ASP B 97 40.12 5.26 -5.68
C ASP B 97 41.24 4.34 -5.24
N GLN B 98 41.27 3.91 -3.97
CA GLN B 98 42.39 3.10 -3.48
C GLN B 98 41.98 1.68 -3.11
N PHE B 99 41.04 1.51 -2.19
CA PHE B 99 40.69 0.19 -1.67
C PHE B 99 39.48 0.31 -0.76
N CYS B 100 39.07 -0.82 -0.19
CA CYS B 100 37.92 -0.87 0.70
C CYS B 100 38.18 -1.91 1.78
N HIS B 101 37.90 -1.55 3.03
CA HIS B 101 38.04 -2.50 4.13
C HIS B 101 37.04 -3.64 3.96
N GLU B 102 37.55 -4.87 3.91
CA GLU B 102 36.70 -6.06 3.78
C GLU B 102 36.29 -6.54 5.18
N GLU B 103 35.47 -5.72 5.83
CA GLU B 103 34.98 -6.02 7.18
C GLU B 103 33.72 -6.89 7.05
N GLN B 104 33.95 -8.18 6.80
CA GLN B 104 32.89 -9.17 6.67
C GLN B 104 31.93 -8.81 5.54
N ASN B 105 32.49 -8.62 4.35
CA ASN B 105 31.72 -8.38 3.12
C ASN B 105 30.83 -7.14 3.26
N SER B 106 31.34 -6.11 3.93
CA SER B 106 30.65 -4.84 4.06
C SER B 106 31.19 -3.87 3.02
N VAL B 107 30.74 -2.62 3.07
CA VAL B 107 31.22 -1.55 2.20
C VAL B 107 31.67 -0.41 3.12
N VAL B 108 32.96 -0.41 3.48
CA VAL B 108 33.55 0.64 4.29
C VAL B 108 34.87 1.01 3.62
N CYS B 109 34.89 2.15 2.93
CA CYS B 109 36.05 2.55 2.16
C CYS B 109 37.06 3.28 3.03
N SER B 110 38.30 3.37 2.52
CA SER B 110 39.33 4.23 3.08
C SER B 110 40.30 4.60 1.98
N CYS B 111 40.99 5.72 2.17
CA CYS B 111 42.06 6.17 1.31
C CYS B 111 43.39 6.05 2.04
N ALA B 112 44.46 6.51 1.41
CA ALA B 112 45.76 6.52 2.05
C ALA B 112 45.84 7.63 3.10
N ARG B 113 46.83 7.50 3.99
CA ARG B 113 47.02 8.51 5.02
C ARG B 113 47.43 9.84 4.40
N GLY B 114 46.89 10.92 4.96
CA GLY B 114 47.06 12.24 4.38
C GLY B 114 46.20 12.51 3.18
N TYR B 115 45.34 11.57 2.80
CA TYR B 115 44.46 11.67 1.65
C TYR B 115 43.02 11.38 2.06
N THR B 116 42.58 12.08 3.12
CA THR B 116 41.34 11.76 3.84
C THR B 116 40.18 11.47 2.89
N LEU B 117 39.41 10.45 3.25
CA LEU B 117 38.26 10.01 2.48
C LEU B 117 37.02 10.80 2.86
N ALA B 118 36.04 10.79 1.96
CA ALA B 118 34.71 11.31 2.27
C ALA B 118 34.00 10.36 3.23
N ASP B 119 32.84 10.81 3.73
CA ASP B 119 32.10 10.02 4.70
C ASP B 119 31.63 8.70 4.09
N ASN B 120 31.17 8.73 2.84
CA ASN B 120 30.72 7.52 2.17
C ASN B 120 31.77 6.90 1.25
N GLY B 121 32.76 7.69 0.81
CA GLY B 121 33.82 7.17 -0.02
C GLY B 121 33.85 7.77 -1.42
N LYS B 122 34.89 8.55 -1.69
CA LYS B 122 35.06 9.17 -3.00
C LYS B 122 36.56 9.36 -3.23
N ALA B 123 36.92 10.20 -4.20
CA ALA B 123 38.32 10.43 -4.51
C ALA B 123 39.04 11.04 -3.30
N CYS B 124 40.27 10.60 -3.08
CA CYS B 124 41.04 11.07 -1.93
C CYS B 124 41.39 12.54 -2.08
N ILE B 125 41.35 13.26 -0.96
CA ILE B 125 41.60 14.71 -0.97
C ILE B 125 42.71 15.02 0.03
N PRO B 126 43.61 15.94 -0.27
CA PRO B 126 44.65 16.32 0.71
C PRO B 126 44.03 16.85 2.00
N THR B 127 44.67 16.51 3.12
CA THR B 127 44.11 16.81 4.43
C THR B 127 44.39 18.25 4.86
N GLY B 128 45.67 18.60 5.00
CA GLY B 128 46.04 19.88 5.51
C GLY B 128 46.37 20.89 4.42
N PRO B 129 47.15 21.91 4.77
CA PRO B 129 47.49 22.95 3.78
C PRO B 129 48.64 22.58 2.86
N TYR B 130 49.57 21.71 3.29
CA TYR B 130 50.70 21.30 2.45
C TYR B 130 50.91 19.79 2.45
N PRO B 131 49.85 18.99 2.18
CA PRO B 131 50.07 17.54 2.21
C PRO B 131 50.75 17.03 0.95
N ILE C 1 10.06 23.55 8.59
CA ILE C 1 9.08 22.59 8.11
C ILE C 1 9.60 21.87 6.87
N VAL C 2 10.59 20.99 7.08
CA VAL C 2 11.08 20.18 5.98
C VAL C 2 10.04 19.11 5.65
N GLY C 3 9.88 18.85 4.35
CA GLY C 3 8.91 17.85 3.93
C GLY C 3 7.46 18.23 4.17
N GLY C 4 7.19 19.48 4.54
CA GLY C 4 5.82 19.92 4.76
C GLY C 4 5.15 20.35 3.48
N LYS C 5 3.99 20.97 3.63
CA LYS C 5 3.23 21.49 2.52
C LYS C 5 2.78 22.91 2.86
N VAL C 6 2.04 23.51 1.95
CA VAL C 6 1.49 24.86 2.15
C VAL C 6 0.15 24.75 2.84
N CYS C 7 0.01 25.42 3.98
CA CYS C 7 -1.29 25.55 4.61
C CYS C 7 -2.14 26.51 3.78
N PRO C 8 -3.29 26.08 3.27
CA PRO C 8 -4.15 27.01 2.53
C PRO C 8 -4.57 28.18 3.42
N LYS C 9 -4.71 29.34 2.79
CA LYS C 9 -4.93 30.57 3.54
C LYS C 9 -6.19 30.47 4.40
N GLY C 10 -5.99 30.54 5.71
CA GLY C 10 -7.06 30.46 6.67
C GLY C 10 -7.22 29.11 7.34
N GLU C 11 -6.64 28.05 6.76
CA GLU C 11 -6.72 26.73 7.38
C GLU C 11 -5.84 26.59 8.61
N CYS C 12 -5.00 27.58 8.89
CA CYS C 12 -4.19 27.62 10.10
C CYS C 12 -4.39 28.98 10.77
N PRO C 13 -5.60 29.25 11.27
CA PRO C 13 -5.90 30.60 11.74
C PRO C 13 -5.23 30.95 13.07
N TRP C 14 -5.09 29.97 13.97
CA TRP C 14 -4.49 30.24 15.27
C TRP C 14 -3.01 30.59 15.17
N GLN C 15 -2.38 30.26 14.05
CA GLN C 15 -0.96 30.56 13.88
C GLN C 15 -0.70 32.06 14.03
N VAL C 16 0.32 32.39 14.80
CA VAL C 16 0.69 33.77 15.07
C VAL C 16 2.19 33.91 14.84
N LEU C 17 2.59 34.95 14.09
CA LEU C 17 3.99 35.23 13.85
C LEU C 17 4.44 36.42 14.69
N LEU C 18 5.68 36.37 15.16
CA LEU C 18 6.26 37.41 16.00
C LEU C 18 7.48 37.98 15.30
N LEU C 19 7.59 39.30 15.27
CA LEU C 19 8.68 40.00 14.61
C LEU C 19 9.36 40.94 15.59
N VAL C 20 10.69 40.99 15.53
CA VAL C 20 11.49 41.96 16.28
C VAL C 20 12.31 42.74 15.25
N ASN C 21 12.14 44.06 15.24
CA ASN C 21 12.60 44.92 14.14
C ASN C 21 12.07 44.43 12.80
N GLY C 22 10.86 43.88 12.80
CA GLY C 22 10.28 43.37 11.57
C GLY C 22 10.93 42.12 11.01
N ALA C 23 11.81 41.47 11.77
CA ALA C 23 12.50 40.27 11.33
C ALA C 23 11.89 39.06 12.02
N GLN C 24 11.86 37.94 11.31
CA GLN C 24 11.23 36.73 11.83
C GLN C 24 11.98 36.23 13.06
N LEU C 25 11.25 36.02 14.15
CA LEU C 25 11.82 35.54 15.40
C LEU C 25 11.24 34.20 15.82
N CYS C 26 9.92 34.08 15.93
CA CYS C 26 9.30 32.87 16.43
C CYS C 26 7.86 32.81 15.92
N GLY C 27 7.17 31.73 16.28
CA GLY C 27 5.76 31.59 16.04
C GLY C 27 4.96 31.92 17.28
N GLY C 28 3.76 31.34 17.37
CA GLY C 28 2.90 31.60 18.49
C GLY C 28 1.56 30.94 18.29
N THR C 29 0.68 31.15 19.27
CA THR C 29 -0.66 30.59 19.24
C THR C 29 -1.56 31.47 20.08
N LEU C 30 -2.55 32.11 19.45
CA LEU C 30 -3.50 32.95 20.18
C LEU C 30 -4.51 32.08 20.91
N ILE C 31 -4.72 32.36 22.20
CA ILE C 31 -5.58 31.51 23.02
C ILE C 31 -7.01 32.03 23.02
N ASN C 32 -7.25 33.23 23.55
CA ASN C 32 -8.58 33.82 23.44
C ASN C 32 -8.60 35.17 22.75
N THR C 33 -8.07 36.24 23.36
CA THR C 33 -8.03 37.53 22.67
C THR C 33 -6.65 38.17 22.76
N ILE C 34 -6.10 38.26 23.96
CA ILE C 34 -4.88 39.02 24.22
C ILE C 34 -3.75 38.14 24.70
N TRP C 35 -3.97 36.84 24.85
CA TRP C 35 -2.97 35.94 25.41
C TRP C 35 -2.46 35.01 24.32
N VAL C 36 -1.14 35.00 24.14
CA VAL C 36 -0.49 34.18 23.12
C VAL C 36 0.54 33.30 23.81
N VAL C 37 0.85 32.16 23.20
CA VAL C 37 1.82 31.22 23.73
C VAL C 37 2.94 31.03 22.72
N SER C 38 4.17 31.26 23.17
CA SER C 38 5.36 31.00 22.38
C SER C 38 6.42 30.44 23.31
N ALA C 39 7.33 29.64 22.75
CA ALA C 39 8.32 28.96 23.57
C ALA C 39 9.16 29.96 24.35
N ALA C 40 9.48 29.61 25.59
CA ALA C 40 10.08 30.56 26.53
C ALA C 40 11.42 31.09 26.04
N HIS C 41 12.14 30.30 25.24
CA HIS C 41 13.47 30.71 24.79
C HIS C 41 13.45 31.67 23.61
N CYS C 42 12.28 31.98 23.06
CA CYS C 42 12.21 32.99 22.02
C CYS C 42 12.67 34.34 22.53
N PHE C 43 12.21 34.72 23.72
CA PHE C 43 12.54 36.02 24.31
C PHE C 43 13.57 35.80 25.41
N ASP C 44 14.83 35.76 25.01
CA ASP C 44 15.93 35.58 25.96
C ASP C 44 16.89 36.75 25.98
N LYS C 45 17.41 37.16 24.82
CA LYS C 45 18.37 38.26 24.75
C LYS C 45 17.84 39.43 23.91
N ILE C 46 16.52 39.55 23.79
CA ILE C 46 15.93 40.64 23.02
C ILE C 46 15.96 41.92 23.87
N LYS C 47 16.70 42.91 23.40
CA LYS C 47 16.64 44.24 23.98
C LYS C 47 15.72 45.11 23.14
N ASN C 48 15.38 46.28 23.69
CA ASN C 48 14.34 47.14 23.11
C ASN C 48 13.06 46.35 22.89
N TRP C 49 12.47 45.93 24.02
CA TRP C 49 11.22 45.18 23.99
C TRP C 49 10.10 45.94 23.32
N ARG C 50 10.20 47.27 23.23
CA ARG C 50 9.16 48.07 22.62
C ARG C 50 9.02 47.79 21.13
N ASN C 51 9.98 47.07 20.55
CA ASN C 51 9.94 46.70 19.14
C ASN C 51 9.39 45.30 18.91
N LEU C 52 8.69 44.74 19.90
CA LEU C 52 8.09 43.42 19.77
C LEU C 52 6.70 43.56 19.18
N ILE C 53 6.49 43.00 17.99
CA ILE C 53 5.24 43.10 17.26
C ILE C 53 4.76 41.69 16.92
N ALA C 54 3.49 41.43 17.17
CA ALA C 54 2.90 40.10 16.96
C ALA C 54 1.85 40.21 15.87
N VAL C 55 2.24 39.89 14.63
CA VAL C 55 1.29 39.84 13.52
C VAL C 55 0.60 38.48 13.56
N LEU C 56 -0.72 38.50 13.47
CA LEU C 56 -1.52 37.29 13.56
C LEU C 56 -2.53 37.26 12.43
N GLY C 57 -2.81 36.05 11.96
CA GLY C 57 -3.59 35.85 10.76
C GLY C 57 -2.80 35.90 9.48
N GLU C 58 -1.49 36.11 9.56
CA GLU C 58 -0.64 36.18 8.38
C GLU C 58 -0.65 34.84 7.63
N HIS C 59 -0.58 34.93 6.31
CA HIS C 59 -0.53 33.73 5.48
C HIS C 59 0.64 33.76 4.50
N ASP C 60 0.99 34.93 3.97
CA ASP C 60 2.08 35.08 3.01
C ASP C 60 2.98 36.21 3.46
N LEU C 61 4.27 35.91 3.64
CA LEU C 61 5.20 36.92 4.16
C LEU C 61 5.44 38.04 3.17
N SER C 62 5.72 37.69 1.91
CA SER C 62 6.07 38.69 0.90
C SER C 62 4.83 39.28 0.23
N GLU C 63 3.89 39.74 1.05
CA GLU C 63 2.66 40.36 0.60
C GLU C 63 1.95 40.92 1.83
N HIS C 64 1.21 42.01 1.62
CA HIS C 64 0.48 42.68 2.70
C HIS C 64 -0.95 42.93 2.23
N ASP C 65 -1.83 41.96 2.45
CA ASP C 65 -3.24 42.09 2.15
C ASP C 65 -4.00 42.48 3.41
N GLY C 66 -5.33 42.46 3.34
CA GLY C 66 -6.15 42.91 4.43
C GLY C 66 -6.59 41.82 5.40
N ASP C 67 -5.65 40.98 5.83
CA ASP C 67 -5.96 39.93 6.79
C ASP C 67 -4.91 39.81 7.89
N GLU C 68 -3.94 40.71 7.96
CA GLU C 68 -2.83 40.61 8.91
C GLU C 68 -3.06 41.61 10.04
N GLN C 69 -3.72 41.16 11.09
CA GLN C 69 -3.94 42.00 12.26
C GLN C 69 -2.69 42.00 13.12
N SER C 70 -2.21 43.18 13.47
CA SER C 70 -0.91 43.36 14.12
C SER C 70 -1.12 44.08 15.45
N ARG C 71 -0.67 43.46 16.53
CA ARG C 71 -0.83 44.01 17.87
C ARG C 71 0.48 43.89 18.63
N ARG C 72 0.71 44.82 19.55
CA ARG C 72 1.97 44.88 20.27
C ARG C 72 1.96 43.86 21.42
N VAL C 73 3.10 43.77 22.10
CA VAL C 73 3.26 42.90 23.27
C VAL C 73 3.74 43.76 24.44
N ALA C 74 2.94 43.82 25.49
CA ALA C 74 3.29 44.63 26.65
C ALA C 74 4.19 43.88 27.62
N GLN C 75 3.80 42.67 27.99
CA GLN C 75 4.53 41.89 28.98
C GLN C 75 4.55 40.42 28.58
N VAL C 76 5.65 39.75 28.89
CA VAL C 76 5.79 38.33 28.65
C VAL C 76 5.99 37.64 29.99
N ILE C 77 5.35 36.48 30.15
CA ILE C 77 5.39 35.73 31.41
C ILE C 77 5.97 34.35 31.11
N ILE C 78 6.90 33.92 31.97
CA ILE C 78 7.51 32.59 31.85
C ILE C 78 7.57 31.95 33.23
N PRO C 79 7.60 30.62 33.27
CA PRO C 79 7.78 29.95 34.56
C PRO C 79 9.11 30.35 35.20
N SER C 80 9.08 30.53 36.52
CA SER C 80 10.29 30.89 37.25
C SER C 80 11.27 29.72 37.27
N THR C 81 10.77 28.49 37.19
CA THR C 81 11.63 27.31 37.15
C THR C 81 12.44 27.24 35.87
N TYR C 82 12.04 27.95 34.82
CA TYR C 82 12.83 28.00 33.60
C TYR C 82 14.20 28.59 33.88
N VAL C 83 15.20 28.07 33.20
CA VAL C 83 16.58 28.54 33.33
C VAL C 83 16.97 29.20 32.03
N PRO C 84 17.51 30.42 32.04
CA PRO C 84 17.96 31.05 30.80
C PRO C 84 19.01 30.20 30.10
N GLY C 85 18.91 30.13 28.78
CA GLY C 85 19.85 29.36 27.98
C GLY C 85 19.63 27.86 28.01
N THR C 86 18.54 27.39 28.61
CA THR C 86 18.25 25.97 28.71
C THR C 86 16.88 25.68 28.09
N THR C 87 16.49 24.40 28.16
CA THR C 87 15.30 23.92 27.45
C THR C 87 14.14 23.55 28.36
N ASN C 88 14.39 23.30 29.64
CA ASN C 88 13.30 22.90 30.53
C ASN C 88 12.32 24.04 30.72
N HIS C 89 11.02 23.70 30.71
CA HIS C 89 9.94 24.65 30.88
C HIS C 89 9.99 25.75 29.82
N ASP C 90 9.81 25.33 28.57
CA ASP C 90 9.84 26.25 27.42
C ASP C 90 8.39 26.57 27.05
N ILE C 91 7.84 27.59 27.71
CA ILE C 91 6.51 28.09 27.39
C ILE C 91 6.39 29.49 27.98
N ALA C 92 5.77 30.39 27.22
CA ALA C 92 5.58 31.76 27.66
C ALA C 92 4.20 32.24 27.26
N LEU C 93 3.55 32.97 28.16
CA LEU C 93 2.26 33.57 27.90
C LEU C 93 2.45 35.08 27.78
N LEU C 94 1.93 35.66 26.69
CA LEU C 94 2.18 37.05 26.35
C LEU C 94 0.90 37.86 26.52
N ARG C 95 1.02 38.99 27.21
CA ARG C 95 -0.09 39.93 27.37
C ARG C 95 -0.02 40.93 26.23
N LEU C 96 -0.80 40.68 25.18
CA LEU C 96 -0.82 41.59 24.04
C LEU C 96 -1.28 42.98 24.48
N HIS C 97 -0.63 44.00 23.93
CA HIS C 97 -0.91 45.36 24.37
C HIS C 97 -2.34 45.76 24.10
N GLN C 98 -2.88 45.35 22.95
CA GLN C 98 -4.25 45.67 22.59
C GLN C 98 -4.99 44.41 22.18
N PRO C 99 -6.28 44.33 22.50
CA PRO C 99 -7.07 43.17 22.07
C PRO C 99 -7.23 43.14 20.56
N VAL C 100 -7.37 41.94 20.02
CA VAL C 100 -7.51 41.71 18.59
C VAL C 100 -8.93 41.28 18.30
N VAL C 101 -9.52 41.84 17.25
CA VAL C 101 -10.85 41.46 16.82
C VAL C 101 -10.75 40.19 15.99
N LEU C 102 -11.44 39.14 16.42
CA LEU C 102 -11.38 37.86 15.71
C LEU C 102 -12.15 37.95 14.40
N THR C 103 -11.74 37.15 13.44
CA THR C 103 -12.38 37.12 12.12
C THR C 103 -12.29 35.69 11.58
N ASP C 104 -12.64 35.51 10.31
CA ASP C 104 -12.54 34.20 9.69
C ASP C 104 -11.10 33.72 9.66
N HIS C 105 -10.17 34.62 9.33
CA HIS C 105 -8.76 34.27 9.31
C HIS C 105 -8.10 34.39 10.68
N VAL C 106 -8.87 34.74 11.72
CA VAL C 106 -8.36 34.87 13.08
C VAL C 106 -9.30 34.10 14.00
N VAL C 107 -8.96 32.84 14.29
CA VAL C 107 -9.71 32.04 15.24
C VAL C 107 -8.75 31.53 16.29
N PRO C 108 -9.02 31.72 17.58
CA PRO C 108 -8.06 31.36 18.62
C PRO C 108 -8.15 29.90 19.02
N LEU C 109 -6.98 29.31 19.27
CA LEU C 109 -6.86 27.94 19.74
C LEU C 109 -6.56 27.97 21.23
N CYS C 110 -7.37 27.25 22.01
CA CYS C 110 -7.28 27.31 23.46
C CYS C 110 -6.93 25.96 24.05
N LEU C 111 -6.61 25.97 25.34
CA LEU C 111 -6.11 24.83 26.08
C LEU C 111 -7.24 23.86 26.42
N PRO C 112 -6.90 22.57 26.60
CA PRO C 112 -7.86 21.63 27.19
C PRO C 112 -7.69 21.58 28.70
N GLU C 113 -8.48 20.78 29.39
CA GLU C 113 -8.24 20.55 30.80
C GLU C 113 -7.01 19.67 30.98
N ARG C 114 -6.39 19.77 32.16
CA ARG C 114 -5.17 19.01 32.41
C ARG C 114 -5.43 17.51 32.33
N THR C 115 -6.49 17.04 32.98
CA THR C 115 -6.84 15.63 32.90
C THR C 115 -7.20 15.24 31.47
N PHE C 116 -7.92 16.11 30.76
CA PHE C 116 -8.29 15.82 29.38
C PHE C 116 -7.07 15.67 28.49
N SER C 117 -6.12 16.60 28.61
CA SER C 117 -4.90 16.51 27.80
C SER C 117 -4.05 15.31 28.21
N GLU C 118 -4.07 14.94 29.49
CA GLU C 118 -3.29 13.81 29.95
C GLU C 118 -3.89 12.48 29.51
N ARG C 119 -5.21 12.44 29.33
CA ARG C 119 -5.92 11.18 29.13
C ARG C 119 -6.34 10.92 27.69
N THR C 120 -6.76 11.95 26.95
CA THR C 120 -7.30 11.76 25.61
C THR C 120 -6.43 12.38 24.52
N LEU C 121 -6.03 13.64 24.68
CA LEU C 121 -5.21 14.28 23.65
C LEU C 121 -3.74 13.95 23.83
N ALA C 122 -3.45 12.66 24.03
CA ALA C 122 -2.09 12.17 24.00
C ALA C 122 -2.00 10.83 23.28
N PHE C 123 -3.11 10.29 22.82
CA PHE C 123 -3.18 8.98 22.19
C PHE C 123 -3.81 9.08 20.81
N VAL C 124 -3.54 10.19 20.12
CA VAL C 124 -4.03 10.40 18.76
C VAL C 124 -2.91 10.28 17.74
N ARG C 125 -1.73 10.80 18.06
CA ARG C 125 -0.49 10.61 17.30
C ARG C 125 -0.50 11.38 15.98
N PHE C 126 -1.63 11.94 15.59
CA PHE C 126 -1.73 12.66 14.31
C PHE C 126 -2.17 14.09 14.59
N SER C 127 -1.19 14.97 14.69
CA SER C 127 -1.41 16.37 15.03
C SER C 127 -0.53 17.24 14.15
N LEU C 128 -1.04 18.43 13.83
CA LEU C 128 -0.36 19.32 12.91
C LEU C 128 0.61 20.24 13.66
N VAL C 129 1.69 20.60 12.97
CA VAL C 129 2.62 21.62 13.41
C VAL C 129 2.79 22.61 12.27
N SER C 130 2.63 23.89 12.56
CA SER C 130 2.60 24.93 11.53
C SER C 130 3.61 26.01 11.86
N GLY C 131 4.09 26.70 10.83
CA GLY C 131 5.01 27.80 11.03
C GLY C 131 5.63 28.20 9.70
N TRP C 132 6.37 29.31 9.77
CA TRP C 132 7.09 29.85 8.63
C TRP C 132 8.55 29.45 8.63
N GLY C 133 8.85 28.24 9.12
CA GLY C 133 10.22 27.85 9.35
C GLY C 133 10.98 27.55 8.08
N GLN C 134 12.27 27.28 8.26
CA GLN C 134 13.16 26.98 7.16
C GLN C 134 12.75 25.68 6.48
N LEU C 135 13.20 25.51 5.24
CA LEU C 135 12.95 24.29 4.48
C LEU C 135 14.17 23.39 4.42
N LEU C 136 15.30 23.82 4.99
CA LEU C 136 16.50 23.01 5.06
C LEU C 136 17.18 23.26 6.40
N ASP C 137 17.99 22.30 6.82
CA ASP C 137 18.66 22.44 8.11
C ASP C 137 19.60 23.64 8.13
N ARG C 138 20.27 23.92 7.02
CA ARG C 138 21.10 25.12 6.95
C ARG C 138 20.24 26.38 6.81
N GLY C 139 19.14 26.28 6.08
CA GLY C 139 18.15 27.34 6.12
C GLY C 139 17.70 27.91 4.79
N ALA C 140 16.39 27.83 4.55
CA ALA C 140 15.72 28.59 3.48
C ALA C 140 14.29 28.81 3.97
N THR C 141 14.07 29.96 4.61
CA THR C 141 12.78 30.21 5.25
C THR C 141 11.70 30.38 4.20
N ALA C 142 10.64 29.58 4.32
CA ALA C 142 9.55 29.63 3.36
C ALA C 142 8.69 30.86 3.61
N LEU C 143 8.54 31.69 2.58
CA LEU C 143 7.67 32.86 2.68
C LEU C 143 6.21 32.48 2.83
N GLU C 144 5.87 31.22 2.59
CA GLU C 144 4.51 30.74 2.72
C GLU C 144 4.34 30.00 4.05
N LEU C 145 3.13 30.02 4.59
CA LEU C 145 2.85 29.39 5.87
C LEU C 145 2.82 27.88 5.69
N MET C 146 3.94 27.24 6.02
CA MET C 146 4.03 25.79 5.88
C MET C 146 3.36 25.08 7.04
N VAL C 147 2.79 23.91 6.75
CA VAL C 147 2.17 23.06 7.75
C VAL C 147 2.69 21.64 7.56
N LEU C 148 2.56 20.82 8.59
CA LEU C 148 3.13 19.49 8.56
C LEU C 148 2.40 18.60 9.56
N ASN C 149 2.09 17.37 9.14
CA ASN C 149 1.50 16.37 10.02
C ASN C 149 2.62 15.56 10.66
N VAL C 150 2.54 15.37 11.97
CA VAL C 150 3.65 14.78 12.72
C VAL C 150 3.12 13.63 13.58
N PRO C 151 3.93 12.63 13.90
CA PRO C 151 3.52 11.59 14.83
C PRO C 151 3.93 11.92 16.26
N ARG C 152 3.37 11.17 17.20
CA ARG C 152 3.58 11.38 18.62
C ARG C 152 4.27 10.16 19.24
N LEU C 153 5.14 10.42 20.21
CA LEU C 153 5.88 9.37 20.89
C LEU C 153 5.89 9.63 22.40
N MET C 154 5.76 8.57 23.18
CA MET C 154 5.99 8.68 24.61
C MET C 154 7.48 8.66 24.89
N THR C 155 7.84 9.13 26.10
CA THR C 155 9.24 9.43 26.38
C THR C 155 10.13 8.19 26.32
N GLN C 156 9.58 7.01 26.64
CA GLN C 156 10.40 5.80 26.57
C GLN C 156 10.64 5.37 25.13
N ASP C 157 9.61 5.44 24.29
CA ASP C 157 9.79 5.13 22.88
C ASP C 157 10.82 6.06 22.25
N CYS C 158 10.76 7.34 22.56
CA CYS C 158 11.73 8.28 22.00
C CYS C 158 13.15 7.91 22.39
N LEU C 159 13.36 7.55 23.66
CA LEU C 159 14.70 7.21 24.12
C LEU C 159 15.21 5.92 23.50
N GLN C 160 14.35 4.90 23.43
CA GLN C 160 14.81 3.57 23.02
C GLN C 160 14.62 3.30 21.52
N GLN C 161 14.14 4.28 20.76
CA GLN C 161 14.00 4.12 19.31
C GLN C 161 14.87 5.08 18.51
N SER C 162 15.14 6.28 19.03
CA SER C 162 15.99 7.24 18.34
C SER C 162 17.45 6.87 18.55
N ARG C 163 18.35 7.78 18.18
CA ARG C 163 19.77 7.58 18.37
C ARG C 163 20.14 7.79 19.84
N LYS C 164 21.34 7.34 20.20
CA LYS C 164 21.84 7.40 21.56
C LYS C 164 22.94 8.44 21.72
N VAL C 165 22.78 9.59 21.07
CA VAL C 165 23.77 10.65 21.16
C VAL C 165 23.82 11.17 22.60
N GLY C 166 25.01 11.16 23.19
CA GLY C 166 25.16 11.63 24.57
C GLY C 166 25.19 13.13 24.72
N ASP C 167 25.49 13.86 23.64
CA ASP C 167 25.54 15.32 23.69
C ASP C 167 24.19 15.95 23.37
N SER C 168 23.15 15.51 24.07
CA SER C 168 21.80 16.03 23.87
C SER C 168 21.14 16.21 25.23
N PRO C 169 20.24 17.19 25.35
CA PRO C 169 19.51 17.36 26.60
C PRO C 169 18.59 16.18 26.89
N ASN C 170 18.37 15.93 28.18
CA ASN C 170 17.45 14.89 28.58
C ASN C 170 16.01 15.31 28.29
N ILE C 171 15.12 14.33 28.31
CA ILE C 171 13.70 14.55 28.05
C ILE C 171 13.00 14.51 29.40
N THR C 172 12.64 15.67 29.92
CA THR C 172 11.94 15.75 31.19
C THR C 172 10.47 15.38 31.00
N GLU C 173 9.76 15.27 32.12
CA GLU C 173 8.33 14.98 32.07
C GLU C 173 7.52 16.14 31.51
N TYR C 174 8.12 17.31 31.35
CA TYR C 174 7.45 18.46 30.78
C TYR C 174 7.47 18.49 29.27
N MET C 175 8.20 17.59 28.63
CA MET C 175 8.39 17.60 27.18
C MET C 175 8.21 16.20 26.63
N PHE C 176 7.76 16.12 25.38
CA PHE C 176 7.49 14.85 24.71
C PHE C 176 7.90 14.94 23.25
N CYS C 177 8.42 13.84 22.72
CA CYS C 177 8.97 13.80 21.38
C CYS C 177 7.88 13.75 20.33
N ALA C 178 8.25 14.16 19.10
CA ALA C 178 7.38 14.08 17.94
C ALA C 178 8.24 14.24 16.70
N GLY C 179 7.86 13.52 15.65
CA GLY C 179 8.55 13.59 14.37
C GLY C 179 8.81 12.22 13.78
N TYR C 180 9.21 12.23 12.51
CA TYR C 180 9.53 11.01 11.79
C TYR C 180 11.02 10.70 11.96
N SER C 181 11.32 9.43 12.24
CA SER C 181 12.71 9.05 12.49
C SER C 181 13.53 8.99 11.22
N ASP C 182 12.90 8.72 10.08
CA ASP C 182 13.64 8.56 8.83
C ASP C 182 14.35 9.84 8.42
N GLY C 183 13.74 10.99 8.71
CA GLY C 183 14.36 12.26 8.38
C GLY C 183 13.73 12.96 7.21
N SER C 184 12.40 12.89 7.10
CA SER C 184 11.68 13.51 6.00
C SER C 184 10.74 14.64 6.40
N LYS C 185 10.34 14.73 7.66
CA LYS C 185 9.35 15.72 8.08
C LYS C 185 9.66 16.18 9.49
N ASP C 186 10.05 17.45 9.64
CA ASP C 186 10.35 18.01 10.95
C ASP C 186 10.47 19.53 10.87
N SER C 187 9.86 20.24 11.81
CA SER C 187 10.05 21.69 11.91
C SER C 187 11.53 22.01 12.12
N CYS C 188 12.00 23.09 11.52
CA CYS C 188 13.44 23.30 11.42
C CYS C 188 13.98 24.42 12.29
N LYS C 189 13.62 25.68 12.02
CA LYS C 189 14.16 26.77 12.81
C LYS C 189 13.21 27.93 13.07
N GLY C 190 12.14 28.09 12.31
CA GLY C 190 11.27 29.24 12.48
C GLY C 190 9.96 28.86 13.11
N ASP C 191 9.94 27.72 13.81
CA ASP C 191 8.70 27.16 14.33
C ASP C 191 8.71 27.08 15.85
N SER C 192 9.63 27.75 16.52
CA SER C 192 9.60 27.81 17.98
C SER C 192 8.34 28.52 18.44
N GLY C 193 7.61 27.89 19.35
CA GLY C 193 6.32 28.37 19.75
C GLY C 193 5.19 28.04 18.79
N GLY C 194 5.51 27.46 17.63
CA GLY C 194 4.51 27.05 16.68
C GLY C 194 3.57 26.03 17.27
N PRO C 195 2.27 26.21 17.05
CA PRO C 195 1.29 25.29 17.64
C PRO C 195 1.51 23.85 17.18
N HIS C 196 1.36 22.93 18.12
CA HIS C 196 1.32 21.49 17.85
C HIS C 196 -0.08 21.06 18.29
N ALA C 197 -1.04 21.22 17.40
CA ALA C 197 -2.45 21.08 17.73
C ALA C 197 -2.95 19.71 17.32
N THR C 198 -3.64 19.04 18.24
CA THR C 198 -4.17 17.70 18.01
C THR C 198 -5.67 17.80 17.75
N HIS C 199 -6.09 17.32 16.58
CA HIS C 199 -7.52 17.28 16.28
C HIS C 199 -8.19 16.18 17.08
N TYR C 200 -9.41 16.45 17.56
CA TYR C 200 -10.20 15.43 18.25
C TYR C 200 -11.68 15.79 18.12
N ARG C 201 -12.37 15.10 17.22
CA ARG C 201 -13.82 15.20 17.07
C ARG C 201 -14.25 16.64 16.77
N GLY C 202 -13.77 17.15 15.64
CA GLY C 202 -14.22 18.43 15.14
C GLY C 202 -13.76 19.64 15.92
N THR C 203 -12.73 19.50 16.76
CA THR C 203 -12.23 20.63 17.51
C THR C 203 -10.74 20.42 17.77
N TRP C 204 -9.95 21.45 17.54
CA TRP C 204 -8.51 21.39 17.73
C TRP C 204 -8.15 21.90 19.12
N TYR C 205 -7.11 21.31 19.70
CA TYR C 205 -6.65 21.68 21.02
C TYR C 205 -5.14 21.84 21.01
N LEU C 206 -4.65 22.80 21.82
CA LEU C 206 -3.22 23.05 21.95
C LEU C 206 -2.64 21.99 22.88
N THR C 207 -1.97 20.99 22.30
CA THR C 207 -1.38 19.90 23.06
C THR C 207 0.14 19.90 22.98
N GLY C 208 0.74 21.02 22.58
CA GLY C 208 2.18 21.10 22.51
C GLY C 208 2.67 22.31 21.73
N ILE C 209 3.91 22.71 21.97
CA ILE C 209 4.56 23.80 21.25
C ILE C 209 5.99 23.37 20.93
N VAL C 210 6.42 23.60 19.69
CA VAL C 210 7.73 23.16 19.27
C VAL C 210 8.80 23.88 20.08
N SER C 211 9.71 23.12 20.68
CA SER C 211 10.75 23.69 21.53
C SER C 211 12.14 23.49 20.96
N TRP C 212 12.54 22.26 20.68
CA TRP C 212 13.88 22.03 20.13
C TRP C 212 13.89 20.69 19.41
N GLY C 213 15.10 20.21 19.13
CA GLY C 213 15.33 18.96 18.45
C GLY C 213 16.70 18.95 17.82
N GLN C 214 17.42 17.83 17.90
CA GLN C 214 18.77 17.75 17.35
C GLN C 214 18.68 17.82 15.83
N GLY C 215 19.06 18.96 15.25
CA GLY C 215 19.00 19.14 13.82
C GLY C 215 17.57 19.21 13.31
N CYS C 216 17.45 19.05 12.00
CA CYS C 216 16.16 19.01 11.31
C CYS C 216 16.03 17.67 10.60
N ALA C 217 15.24 16.77 11.17
CA ALA C 217 14.94 15.48 10.58
C ALA C 217 16.23 14.75 10.21
N THR C 218 17.09 14.59 11.22
CA THR C 218 18.30 13.81 11.01
C THR C 218 17.98 12.32 11.12
N VAL C 219 19.00 11.50 10.88
CA VAL C 219 18.82 10.05 10.95
C VAL C 219 18.56 9.66 12.40
N GLY C 220 17.50 8.89 12.62
CA GLY C 220 17.14 8.43 13.95
C GLY C 220 17.02 9.52 14.99
N HIS C 221 16.12 10.47 14.78
CA HIS C 221 15.96 11.56 15.74
C HIS C 221 14.55 12.12 15.66
N PHE C 222 14.16 12.81 16.74
CA PHE C 222 12.83 13.37 16.86
C PHE C 222 12.95 14.80 17.38
N GLY C 223 11.96 15.63 17.04
CA GLY C 223 11.90 16.97 17.56
C GLY C 223 11.18 17.04 18.89
N VAL C 224 11.92 17.42 19.94
CA VAL C 224 11.33 17.49 21.27
C VAL C 224 10.41 18.70 21.35
N TYR C 225 9.17 18.46 21.77
CA TYR C 225 8.16 19.50 21.93
C TYR C 225 8.08 19.90 23.41
N THR C 226 7.04 20.64 23.76
CA THR C 226 6.78 21.01 25.16
C THR C 226 5.37 20.59 25.52
N ARG C 227 5.26 19.52 26.31
CA ARG C 227 3.96 19.06 26.79
C ARG C 227 3.29 20.14 27.63
N VAL C 228 2.18 20.69 27.14
CA VAL C 228 1.53 21.80 27.81
C VAL C 228 0.63 21.36 28.96
N SER C 229 0.41 20.05 29.12
CA SER C 229 -0.45 19.57 30.20
C SER C 229 0.12 19.91 31.57
N GLN C 230 1.44 19.98 31.68
CA GLN C 230 2.06 20.40 32.94
C GLN C 230 1.74 21.85 33.27
N TYR C 231 1.38 22.66 32.28
CA TYR C 231 1.23 24.10 32.47
C TYR C 231 -0.18 24.59 32.18
N ILE C 232 -1.13 23.68 31.92
CA ILE C 232 -2.50 24.10 31.63
C ILE C 232 -3.06 24.93 32.78
N GLU C 233 -2.96 24.41 34.00
CA GLU C 233 -3.55 25.12 35.13
C GLU C 233 -2.82 26.42 35.41
N TRP C 234 -1.51 26.45 35.22
CA TRP C 234 -0.76 27.67 35.49
C TRP C 234 -1.11 28.76 34.47
N LEU C 235 -1.24 28.39 33.20
CA LEU C 235 -1.72 29.35 32.20
C LEU C 235 -3.14 29.79 32.51
N GLN C 236 -4.01 28.87 32.94
CA GLN C 236 -5.38 29.24 33.24
C GLN C 236 -5.47 30.21 34.40
N LYS C 237 -4.57 30.06 35.39
CA LYS C 237 -4.56 30.98 36.52
C LYS C 237 -4.00 32.34 36.10
N LEU C 238 -2.88 32.35 35.35
CA LEU C 238 -2.28 33.62 34.98
C LEU C 238 -3.12 34.38 33.97
N MET C 239 -3.90 33.66 33.17
CA MET C 239 -4.73 34.30 32.15
C MET C 239 -5.81 35.15 32.78
N ARG C 240 -6.35 34.71 33.92
CA ARG C 240 -7.36 35.44 34.66
C ARG C 240 -6.76 36.22 35.83
N SER C 241 -5.52 36.68 35.69
CA SER C 241 -4.82 37.41 36.74
C SER C 241 -4.85 38.90 36.46
N GLU C 242 -4.65 39.68 37.53
CA GLU C 242 -4.64 41.13 37.39
C GLU C 242 -3.42 41.60 36.61
N PRO C 243 -3.56 42.60 35.76
CA PRO C 243 -2.39 43.12 35.03
C PRO C 243 -1.33 43.63 35.98
N ARG C 244 -0.07 43.45 35.57
CA ARG C 244 1.06 43.83 36.39
C ARG C 244 2.02 44.70 35.58
N PRO C 245 2.73 45.62 36.24
CA PRO C 245 3.52 46.61 35.51
C PRO C 245 4.89 46.13 35.03
N GLY C 246 5.15 44.83 35.04
CA GLY C 246 6.44 44.32 34.60
C GLY C 246 6.57 44.32 33.09
N VAL C 247 7.73 43.83 32.64
CA VAL C 247 8.00 43.62 31.22
C VAL C 247 8.37 42.16 30.94
N LEU C 248 9.28 41.60 31.74
CA LEU C 248 9.65 40.18 31.67
C LEU C 248 9.70 39.67 33.10
N LEU C 249 8.62 39.04 33.54
CA LEU C 249 8.53 38.53 34.90
C LEU C 249 8.37 37.02 34.88
N ARG C 250 8.91 36.37 35.90
CA ARG C 250 8.98 34.92 35.98
C ARG C 250 8.02 34.46 37.08
N ALA C 251 6.79 34.18 36.70
CA ALA C 251 5.77 33.80 37.66
C ALA C 251 6.11 32.45 38.27
N PRO C 252 5.72 32.23 39.54
CA PRO C 252 6.05 30.95 40.20
C PRO C 252 5.41 29.77 39.48
N PHE C 253 6.16 28.67 39.46
CA PHE C 253 5.66 27.42 38.89
C PHE C 253 6.42 26.26 39.51
N PRO C 254 5.73 25.21 40.02
CA PRO C 254 4.26 25.06 40.03
C PRO C 254 3.57 26.05 40.98
N THR D 1 5.78 -0.48 41.93
CA THR D 1 5.25 -0.61 40.58
C THR D 1 6.34 -0.98 39.59
N VAL D 2 6.14 -2.07 38.86
CA VAL D 2 7.12 -2.57 37.91
C VAL D 2 6.43 -2.76 36.56
N ALA D 3 7.23 -2.68 35.49
CA ALA D 3 6.69 -2.84 34.15
C ALA D 3 6.34 -4.29 33.88
N ALA D 4 5.40 -4.50 32.96
CA ALA D 4 5.02 -5.84 32.55
C ALA D 4 6.04 -6.40 31.56
N TYR D 5 5.98 -7.71 31.36
CA TYR D 5 6.87 -8.36 30.40
C TYR D 5 6.25 -9.70 30.00
N ASN D 6 6.90 -10.35 29.03
CA ASN D 6 6.40 -11.59 28.43
C ASN D 6 4.98 -11.43 27.91
N LEU D 7 4.73 -10.32 27.22
CA LEU D 7 3.46 -10.11 26.56
C LEU D 7 3.36 -10.99 25.33
N THR D 8 2.24 -11.70 25.20
CA THR D 8 2.05 -12.63 24.09
C THR D 8 0.59 -12.59 23.65
N TRP D 9 0.38 -12.87 22.36
CA TRP D 9 -0.96 -12.95 21.78
C TRP D 9 -1.34 -14.41 21.64
N LYS D 10 -2.28 -14.86 22.47
CA LYS D 10 -2.82 -16.22 22.37
C LYS D 10 -4.08 -16.14 21.52
N SER D 11 -3.91 -16.31 20.21
CA SER D 11 -5.00 -16.15 19.26
C SER D 11 -5.23 -17.44 18.50
N THR D 12 -6.50 -17.80 18.35
CA THR D 12 -6.91 -18.92 17.52
C THR D 12 -8.29 -18.59 16.97
N ASN D 13 -8.45 -18.75 15.65
CA ASN D 13 -9.67 -18.31 14.96
C ASN D 13 -9.96 -16.84 15.25
N PHE D 14 -8.88 -16.05 15.31
CA PHE D 14 -8.94 -14.60 15.54
C PHE D 14 -9.46 -14.25 16.92
N LYS D 15 -9.47 -15.20 17.85
CA LYS D 15 -9.80 -14.93 19.25
C LYS D 15 -8.50 -14.55 19.95
N THR D 16 -8.19 -13.25 19.95
CA THR D 16 -6.90 -12.76 20.41
C THR D 16 -6.99 -12.25 21.84
N ILE D 17 -6.13 -12.78 22.70
CA ILE D 17 -5.98 -12.32 24.08
C ILE D 17 -4.53 -11.98 24.30
N LEU D 18 -4.27 -10.85 24.97
CA LEU D 18 -2.92 -10.44 25.30
C LEU D 18 -2.65 -10.76 26.77
N GLU D 19 -1.56 -11.49 27.02
CA GLU D 19 -1.26 -11.98 28.36
C GLU D 19 0.16 -11.59 28.75
N TRP D 20 0.33 -11.20 30.01
CA TRP D 20 1.63 -10.83 30.55
C TRP D 20 1.85 -11.55 31.88
N GLU D 21 3.12 -11.79 32.19
CA GLU D 21 3.50 -12.67 33.29
C GLU D 21 3.41 -12.07 34.69
N PRO D 22 4.07 -10.94 34.98
CA PRO D 22 4.25 -10.56 36.39
C PRO D 22 2.92 -10.31 37.10
N LYS D 23 2.84 -10.81 38.33
CA LYS D 23 1.61 -10.79 39.10
C LYS D 23 1.35 -9.40 39.67
N PRO D 24 0.10 -8.98 39.74
CA PRO D 24 -0.28 -7.63 40.22
C PRO D 24 -0.33 -7.48 41.73
N VAL D 25 0.82 -7.19 42.33
CA VAL D 25 0.91 -6.86 43.74
C VAL D 25 1.05 -5.34 43.88
N ASN D 26 0.08 -4.71 44.57
CA ASN D 26 0.04 -3.26 44.72
C ASN D 26 0.15 -2.57 43.36
N GLN D 27 -0.59 -3.10 42.38
CA GLN D 27 -0.40 -2.71 40.99
C GLN D 27 -1.57 -3.19 40.16
N VAL D 28 -2.02 -2.36 39.22
CA VAL D 28 -3.05 -2.72 38.27
C VAL D 28 -2.52 -2.44 36.86
N TYR D 29 -3.27 -2.90 35.87
CA TYR D 29 -2.82 -2.90 34.49
C TYR D 29 -3.84 -2.23 33.58
N THR D 30 -3.35 -1.74 32.44
CA THR D 30 -4.18 -1.22 31.38
C THR D 30 -3.40 -1.36 30.07
N VAL D 31 -4.12 -1.63 28.98
CA VAL D 31 -3.51 -1.96 27.70
C VAL D 31 -4.14 -1.14 26.60
N GLN D 32 -3.31 -0.60 25.71
CA GLN D 32 -3.77 0.11 24.53
C GLN D 32 -3.30 -0.64 23.28
N ILE D 33 -4.10 -0.55 22.22
CA ILE D 33 -3.81 -1.22 20.96
C ILE D 33 -4.07 -0.26 19.82
N SER D 34 -3.14 -0.21 18.86
CA SER D 34 -3.28 0.67 17.71
C SER D 34 -2.51 0.09 16.53
N THR D 35 -2.87 0.52 15.34
CA THR D 35 -2.25 0.07 14.10
C THR D 35 -0.94 0.83 13.88
N LYS D 36 -0.39 0.72 12.66
CA LYS D 36 0.84 1.45 12.33
C LYS D 36 0.64 2.95 12.46
N SER D 37 -0.47 3.47 11.94
CA SER D 37 -0.75 4.90 11.94
C SER D 37 -2.19 5.18 12.35
N GLY D 38 -2.61 4.53 13.44
CA GLY D 38 -3.94 4.69 13.97
C GLY D 38 -3.98 5.48 15.25
N ASP D 39 -5.09 5.35 15.98
CA ASP D 39 -5.29 6.01 17.26
C ASP D 39 -5.22 4.98 18.37
N TRP D 40 -4.51 5.32 19.45
CA TRP D 40 -4.30 4.40 20.55
C TRP D 40 -5.62 4.17 21.29
N LYS D 41 -6.19 2.98 21.11
CA LYS D 41 -7.45 2.62 21.76
C LYS D 41 -7.14 1.91 23.07
N SER D 42 -7.60 2.48 24.18
CA SER D 42 -7.33 1.93 25.49
C SER D 42 -8.43 0.96 25.92
N LYS D 43 -8.02 -0.12 26.58
CA LYS D 43 -8.94 -1.16 27.01
C LYS D 43 -8.41 -1.81 28.27
N CYS D 44 -9.32 -2.47 29.00
CA CYS D 44 -8.99 -3.17 30.24
C CYS D 44 -8.35 -2.21 31.25
N PHE D 45 -9.15 -1.25 31.70
CA PHE D 45 -8.67 -0.17 32.54
C PHE D 45 -8.58 -0.61 34.00
N TYR D 46 -7.40 -0.41 34.59
CA TYR D 46 -7.13 -0.66 36.00
C TYR D 46 -7.39 -2.10 36.41
N THR D 47 -7.56 -3.01 35.45
CA THR D 47 -7.85 -4.39 35.78
C THR D 47 -6.63 -5.08 36.39
N THR D 48 -6.87 -5.96 37.35
CA THR D 48 -5.81 -6.72 37.98
C THR D 48 -5.52 -8.02 37.24
N ASP D 49 -6.31 -8.37 36.24
CA ASP D 49 -6.05 -9.57 35.45
C ASP D 49 -4.74 -9.43 34.69
N THR D 50 -3.99 -10.51 34.62
CA THR D 50 -2.76 -10.54 33.84
C THR D 50 -3.00 -10.84 32.36
N GLU D 51 -4.25 -10.70 31.91
CA GLU D 51 -4.58 -10.89 30.50
C GLU D 51 -5.75 -9.98 30.16
N CYS D 52 -5.87 -9.64 28.87
CA CYS D 52 -6.94 -8.77 28.40
C CYS D 52 -7.36 -9.19 27.00
N ASP D 53 -8.66 -9.14 26.74
CA ASP D 53 -9.19 -9.48 25.43
C ASP D 53 -8.98 -8.34 24.44
N LEU D 54 -8.64 -8.70 23.21
CA LEU D 54 -8.47 -7.71 22.15
C LEU D 54 -9.14 -8.15 20.85
N THR D 55 -10.04 -9.13 20.90
CA THR D 55 -10.67 -9.64 19.69
C THR D 55 -11.49 -8.55 19.00
N ASP D 56 -12.22 -7.76 19.77
CA ASP D 56 -13.14 -6.78 19.21
C ASP D 56 -12.44 -5.66 18.45
N GLU D 57 -11.12 -5.55 18.57
CA GLU D 57 -10.36 -4.55 17.82
C GLU D 57 -9.72 -5.12 16.57
N ILE D 58 -9.09 -6.29 16.66
CA ILE D 58 -8.50 -6.89 15.47
C ILE D 58 -9.58 -7.39 14.52
N VAL D 59 -10.79 -7.66 15.01
CA VAL D 59 -11.86 -8.09 14.12
C VAL D 59 -12.27 -6.96 13.18
N LYS D 60 -12.06 -5.71 13.60
CA LYS D 60 -12.42 -4.57 12.76
C LYS D 60 -11.66 -4.60 11.44
N ASP D 61 -10.36 -4.91 11.48
CA ASP D 61 -9.56 -5.01 10.27
C ASP D 61 -8.47 -6.04 10.53
N VAL D 62 -8.73 -7.29 10.14
CA VAL D 62 -7.79 -8.38 10.43
C VAL D 62 -6.50 -8.22 9.64
N LYS D 63 -6.56 -7.59 8.47
CA LYS D 63 -5.38 -7.53 7.60
C LYS D 63 -4.32 -6.58 8.12
N GLN D 64 -4.69 -5.57 8.90
CA GLN D 64 -3.72 -4.63 9.43
C GLN D 64 -2.80 -5.31 10.45
N THR D 65 -1.65 -4.70 10.69
CA THR D 65 -0.72 -5.14 11.72
C THR D 65 -0.93 -4.28 12.96
N TYR D 66 -1.04 -4.95 14.11
CA TYR D 66 -1.42 -4.29 15.35
C TYR D 66 -0.25 -4.26 16.33
N LEU D 67 -0.14 -3.16 17.06
CA LEU D 67 0.87 -2.98 18.10
C LEU D 67 0.16 -2.61 19.40
N ALA D 68 0.61 -3.22 20.50
CA ALA D 68 -0.04 -3.03 21.79
C ALA D 68 1.01 -2.76 22.86
N ARG D 69 0.56 -2.14 23.95
CA ARG D 69 1.43 -1.84 25.08
C ARG D 69 0.60 -1.88 26.35
N VAL D 70 1.27 -2.18 27.47
CA VAL D 70 0.61 -2.36 28.75
C VAL D 70 1.30 -1.49 29.78
N PHE D 71 0.55 -0.58 30.40
CA PHE D 71 1.08 0.27 31.46
C PHE D 71 1.03 -0.47 32.80
N SER D 72 1.29 0.25 33.88
CA SER D 72 1.18 -0.32 35.23
C SER D 72 0.83 0.82 36.18
N TYR D 73 -0.46 0.98 36.47
CA TYR D 73 -0.90 2.01 37.40
C TYR D 73 -0.69 1.53 38.84
N PRO D 74 -0.01 2.32 39.68
CA PRO D 74 0.05 1.98 41.10
C PRO D 74 -1.35 1.89 41.68
N ALA D 75 -1.56 0.90 42.54
CA ALA D 75 -2.88 0.65 43.09
C ALA D 75 -3.29 1.77 44.05
N GLY D 76 -4.50 2.28 43.86
CA GLY D 76 -5.04 3.28 44.76
C GLY D 76 -5.49 4.56 44.08
N ASN D 77 -4.73 5.02 43.09
CA ASN D 77 -5.04 6.29 42.43
C ASN D 77 -6.27 6.16 41.55
N GLY D 82 -3.13 10.72 38.47
CA GLY D 82 -2.60 9.45 37.98
C GLY D 82 -1.17 9.20 38.41
N SER D 83 -0.34 8.79 37.46
CA SER D 83 1.08 8.58 37.74
C SER D 83 1.78 9.92 37.90
N ALA D 84 3.09 9.88 38.14
CA ALA D 84 3.85 11.10 38.36
C ALA D 84 3.82 11.98 37.12
N GLY D 85 4.46 11.54 36.05
CA GLY D 85 4.32 12.22 34.77
C GLY D 85 3.92 11.31 33.63
N GLU D 86 4.31 10.03 33.72
CA GLU D 86 4.06 9.05 32.67
C GLU D 86 3.98 7.67 33.33
N PRO D 87 3.02 6.85 32.93
CA PRO D 87 3.00 5.46 33.42
C PRO D 87 4.17 4.67 32.84
N LEU D 88 4.57 3.63 33.58
CA LEU D 88 5.62 2.72 33.13
C LEU D 88 4.97 1.57 32.37
N TYR D 89 5.48 1.27 31.18
CA TYR D 89 4.81 0.38 30.25
C TYR D 89 5.81 -0.52 29.55
N GLU D 90 5.27 -1.36 28.67
CA GLU D 90 6.07 -2.27 27.85
C GLU D 90 5.24 -2.65 26.62
N ASN D 91 5.87 -2.60 25.45
CA ASN D 91 5.17 -2.87 24.20
C ASN D 91 4.95 -4.38 24.05
N SER D 92 4.45 -4.79 22.89
CA SER D 92 4.17 -6.18 22.58
C SER D 92 4.63 -6.43 21.15
N PRO D 93 4.87 -7.70 20.79
CA PRO D 93 5.24 -8.01 19.41
C PRO D 93 4.13 -7.59 18.45
N GLU D 94 4.53 -7.11 17.28
CA GLU D 94 3.55 -6.69 16.28
C GLU D 94 2.83 -7.91 15.73
N PHE D 95 1.49 -7.86 15.75
CA PHE D 95 0.66 -9.01 15.46
C PHE D 95 -0.24 -8.69 14.29
N THR D 96 0.06 -9.25 13.12
CA THR D 96 -0.83 -9.17 11.97
C THR D 96 -1.76 -10.38 11.99
N PRO D 97 -3.05 -10.19 12.26
CA PRO D 97 -3.92 -11.36 12.48
C PRO D 97 -3.99 -12.32 11.30
N TYR D 98 -4.01 -11.82 10.07
CA TYR D 98 -4.24 -12.69 8.93
C TYR D 98 -3.11 -13.71 8.78
N LEU D 99 -1.87 -13.30 9.00
CA LEU D 99 -0.73 -14.17 8.82
C LEU D 99 -0.32 -14.91 10.09
N GLU D 100 -0.98 -14.66 11.22
CA GLU D 100 -0.47 -15.20 12.47
C GLU D 100 -1.50 -15.98 13.29
N THR D 101 -2.78 -15.72 13.10
CA THR D 101 -3.79 -16.36 13.93
C THR D 101 -3.74 -17.88 13.74
N ASN D 102 -3.75 -18.61 14.85
CA ASN D 102 -3.74 -20.06 14.76
C ASN D 102 -5.05 -20.58 14.21
N LEU D 103 -4.97 -21.63 13.41
CA LEU D 103 -6.16 -22.26 12.85
C LEU D 103 -6.73 -23.24 13.85
N GLY D 104 -8.04 -23.18 14.06
CA GLY D 104 -8.67 -24.07 15.00
C GLY D 104 -8.58 -25.52 14.55
N GLN D 105 -8.61 -26.43 15.51
CA GLN D 105 -8.56 -27.85 15.24
C GLN D 105 -9.75 -28.24 14.37
N PRO D 106 -9.53 -28.60 13.11
CA PRO D 106 -10.65 -28.89 12.21
C PRO D 106 -11.40 -30.15 12.62
N THR D 107 -12.67 -30.20 12.22
CA THR D 107 -13.53 -31.34 12.50
C THR D 107 -14.07 -31.91 11.19
N ILE D 108 -14.12 -33.23 11.11
CA ILE D 108 -14.65 -33.90 9.94
C ILE D 108 -16.16 -33.90 10.01
N GLN D 109 -16.81 -33.45 8.94
CA GLN D 109 -18.26 -33.32 8.92
C GLN D 109 -18.97 -34.61 8.51
N SER D 110 -18.49 -35.25 7.44
CA SER D 110 -19.13 -36.47 6.96
C SER D 110 -18.14 -37.23 6.08
N PHE D 111 -18.51 -38.48 5.78
CA PHE D 111 -17.70 -39.32 4.90
C PHE D 111 -18.59 -40.44 4.37
N GLU D 112 -18.56 -40.64 3.06
CA GLU D 112 -19.41 -41.64 2.41
C GLU D 112 -18.66 -42.29 1.26
N GLN D 113 -18.80 -43.61 1.13
CA GLN D 113 -18.15 -44.37 0.07
C GLN D 113 -19.14 -44.50 -1.09
N VAL D 114 -19.10 -43.55 -2.01
CA VAL D 114 -19.86 -43.65 -3.25
C VAL D 114 -19.07 -44.51 -4.24
N GLY D 115 -19.68 -45.59 -4.71
CA GLY D 115 -18.93 -46.55 -5.51
C GLY D 115 -17.78 -47.10 -4.70
N THR D 116 -16.58 -47.06 -5.29
CA THR D 116 -15.36 -47.46 -4.60
C THR D 116 -14.57 -46.25 -4.07
N LYS D 117 -15.13 -45.06 -4.19
CA LYS D 117 -14.43 -43.83 -3.82
C LYS D 117 -15.12 -43.18 -2.62
N VAL D 118 -14.33 -42.79 -1.63
CA VAL D 118 -14.85 -42.13 -0.44
C VAL D 118 -14.96 -40.63 -0.69
N ASN D 119 -15.76 -39.97 0.14
CA ASN D 119 -16.07 -38.55 0.00
C ASN D 119 -16.04 -37.96 1.40
N VAL D 120 -14.89 -37.43 1.79
CA VAL D 120 -14.66 -36.93 3.14
C VAL D 120 -14.93 -35.43 3.14
N THR D 121 -16.14 -35.05 3.54
CA THR D 121 -16.44 -33.65 3.75
C THR D 121 -15.75 -33.14 5.01
N VAL D 122 -15.45 -31.84 5.03
CA VAL D 122 -14.79 -31.20 6.15
C VAL D 122 -15.67 -30.06 6.64
N GLU D 123 -16.01 -30.08 7.93
CA GLU D 123 -16.79 -29.00 8.50
C GLU D 123 -15.99 -27.70 8.49
N ASP D 124 -16.68 -26.60 8.20
CA ASP D 124 -16.06 -25.28 8.12
C ASP D 124 -16.36 -24.52 9.40
N GLU D 125 -15.38 -24.48 10.30
CA GLU D 125 -15.55 -23.76 11.55
C GLU D 125 -15.56 -22.27 11.31
N ARG D 126 -16.36 -21.56 12.11
CA ARG D 126 -16.45 -20.11 12.02
C ARG D 126 -15.41 -19.46 12.91
N THR D 127 -15.11 -18.20 12.61
CA THR D 127 -14.09 -17.43 13.30
C THR D 127 -14.72 -16.22 13.98
N LEU D 128 -13.92 -15.57 14.82
CA LEU D 128 -14.40 -14.42 15.57
C LEU D 128 -14.63 -13.19 14.71
N VAL D 129 -14.09 -13.17 13.48
CA VAL D 129 -14.30 -12.02 12.61
C VAL D 129 -15.78 -11.92 12.28
N ARG D 130 -16.33 -10.72 12.42
CA ARG D 130 -17.75 -10.49 12.29
C ARG D 130 -18.04 -9.75 10.99
N ARG D 131 -19.32 -9.70 10.65
CA ARG D 131 -19.87 -9.04 9.47
C ARG D 131 -21.23 -8.52 9.89
N ASN D 132 -22.13 -8.31 8.95
CA ASN D 132 -23.44 -7.76 9.28
C ASN D 132 -24.26 -8.77 10.09
N ASN D 133 -24.05 -8.75 11.41
CA ASN D 133 -24.80 -9.57 12.36
C ASN D 133 -24.58 -11.06 12.14
N THR D 134 -23.33 -11.45 11.86
CA THR D 134 -22.98 -12.85 11.66
C THR D 134 -21.48 -13.01 11.74
N PHE D 135 -21.04 -14.19 12.17
CA PHE D 135 -19.63 -14.54 12.14
C PHE D 135 -19.23 -15.02 10.76
N LEU D 136 -17.97 -14.80 10.41
CA LEU D 136 -17.44 -15.21 9.11
C LEU D 136 -16.87 -16.62 9.20
N SER D 137 -17.23 -17.46 8.24
CA SER D 137 -16.69 -18.80 8.16
C SER D 137 -15.21 -18.75 7.81
N LEU D 138 -14.51 -19.87 8.09
CA LEU D 138 -13.09 -19.93 7.82
C LEU D 138 -12.78 -19.74 6.34
N ARG D 139 -13.62 -20.33 5.47
CA ARG D 139 -13.44 -20.15 4.04
C ARG D 139 -13.66 -18.71 3.63
N ASP D 140 -14.62 -18.02 4.27
CA ASP D 140 -14.95 -16.66 3.92
C ASP D 140 -13.84 -15.67 4.21
N VAL D 141 -12.82 -16.06 4.97
CA VAL D 141 -11.76 -15.13 5.34
C VAL D 141 -10.49 -15.42 4.54
N PHE D 142 -10.25 -16.70 4.25
CA PHE D 142 -9.01 -17.10 3.58
C PHE D 142 -9.19 -17.50 2.12
N GLY D 143 -10.19 -18.31 1.81
CA GLY D 143 -10.46 -18.63 0.42
C GLY D 143 -9.40 -19.54 -0.19
N LYS D 144 -8.82 -19.10 -1.31
CA LYS D 144 -7.86 -19.93 -2.03
C LYS D 144 -6.67 -20.29 -1.18
N ASP D 145 -6.32 -19.45 -0.20
CA ASP D 145 -5.17 -19.72 0.65
C ASP D 145 -5.37 -20.90 1.57
N LEU D 146 -6.60 -21.41 1.69
CA LEU D 146 -6.93 -22.48 2.61
C LEU D 146 -7.02 -23.80 1.83
N ILE D 147 -6.04 -24.67 2.02
CA ILE D 147 -6.08 -26.03 1.48
C ILE D 147 -6.13 -27.00 2.66
N TYR D 148 -6.41 -28.26 2.34
CA TYR D 148 -6.51 -29.30 3.35
C TYR D 148 -5.53 -30.43 3.04
N THR D 149 -5.28 -31.25 4.05
CA THR D 149 -4.31 -32.35 3.92
C THR D 149 -4.86 -33.54 4.71
N LEU D 150 -5.53 -34.45 4.01
CA LEU D 150 -6.12 -35.61 4.65
C LEU D 150 -5.10 -36.74 4.76
N TYR D 151 -5.24 -37.52 5.83
CA TYR D 151 -4.43 -38.72 6.04
C TYR D 151 -5.38 -39.89 6.21
N TYR D 152 -5.20 -40.92 5.38
CA TYR D 152 -6.02 -42.12 5.48
C TYR D 152 -5.13 -43.35 5.54
N TRP D 153 -5.62 -44.38 6.20
CA TRP D 153 -4.81 -45.58 6.43
C TRP D 153 -5.74 -46.74 6.75
N LYS D 154 -5.16 -47.94 6.78
CA LYS D 154 -5.85 -49.09 7.33
C LYS D 154 -5.83 -49.01 8.84
N SER D 155 -6.93 -49.43 9.48
CA SER D 155 -7.08 -49.32 10.92
C SER D 155 -5.86 -49.87 11.65
N SER D 156 -5.45 -51.09 11.28
CA SER D 156 -4.25 -51.68 11.82
C SER D 156 -3.04 -51.25 10.99
N SER D 157 -1.90 -51.12 11.67
CA SER D 157 -0.60 -50.80 11.09
C SER D 157 -0.57 -49.43 10.43
N SER D 158 -1.55 -48.57 10.69
CA SER D 158 -1.61 -47.21 10.17
C SER D 158 -1.22 -47.14 8.69
N GLY D 159 -0.23 -46.32 8.37
CA GLY D 159 0.16 -46.13 6.98
C GLY D 159 -0.45 -44.91 6.31
N LYS D 160 -0.27 -43.74 6.93
CA LYS D 160 -0.84 -42.51 6.41
C LYS D 160 -0.47 -42.28 4.95
N LYS D 161 -1.47 -42.27 4.08
CA LYS D 161 -1.30 -41.89 2.68
C LYS D 161 -1.88 -40.49 2.54
N THR D 162 -1.01 -39.49 2.53
CA THR D 162 -1.46 -38.11 2.51
C THR D 162 -2.16 -37.78 1.20
N ALA D 163 -2.98 -36.73 1.24
CA ALA D 163 -3.68 -36.24 0.06
C ALA D 163 -3.99 -34.77 0.29
N LYS D 164 -4.25 -34.06 -0.81
CA LYS D 164 -4.47 -32.62 -0.76
C LYS D 164 -5.71 -32.26 -1.55
N THR D 165 -6.32 -31.14 -1.19
CA THR D 165 -7.47 -30.60 -1.91
C THR D 165 -7.57 -29.12 -1.61
N ASN D 166 -8.37 -28.43 -2.41
CA ASN D 166 -8.61 -27.00 -2.25
C ASN D 166 -10.07 -26.71 -1.97
N THR D 167 -10.76 -27.67 -1.35
CA THR D 167 -12.20 -27.54 -1.11
C THR D 167 -12.53 -28.28 0.19
N ASN D 168 -13.74 -28.04 0.68
CA ASN D 168 -14.26 -28.75 1.85
C ASN D 168 -14.76 -30.15 1.52
N GLU D 169 -14.39 -30.69 0.37
CA GLU D 169 -14.80 -32.02 -0.05
C GLU D 169 -13.58 -32.84 -0.44
N PHE D 170 -13.76 -34.16 -0.49
CA PHE D 170 -12.74 -35.07 -0.94
C PHE D 170 -13.38 -36.12 -1.83
N LEU D 171 -12.58 -36.67 -2.75
CA LEU D 171 -13.02 -37.78 -3.61
C LEU D 171 -11.79 -38.64 -3.89
N ILE D 172 -11.68 -39.76 -3.17
CA ILE D 172 -10.48 -40.58 -3.20
C ILE D 172 -10.88 -42.04 -3.32
N ASP D 173 -10.24 -42.76 -4.24
CA ASP D 173 -10.51 -44.17 -4.43
C ASP D 173 -9.88 -45.02 -3.33
N VAL D 174 -10.54 -46.13 -3.01
CA VAL D 174 -10.07 -47.08 -2.01
C VAL D 174 -10.07 -48.48 -2.63
N ASP D 175 -9.52 -49.43 -1.88
CA ASP D 175 -9.41 -50.81 -2.34
C ASP D 175 -10.67 -51.64 -2.06
N LYS D 176 -11.64 -51.09 -1.33
CA LYS D 176 -12.83 -51.82 -0.93
C LYS D 176 -12.46 -53.13 -0.22
N GLY D 177 -11.48 -53.03 0.67
CA GLY D 177 -11.04 -54.18 1.42
C GLY D 177 -10.99 -53.99 2.91
N GLU D 178 -11.03 -52.73 3.37
CA GLU D 178 -10.93 -52.44 4.79
C GLU D 178 -11.39 -51.01 5.03
N ASN D 179 -12.04 -50.80 6.18
CA ASN D 179 -12.59 -49.50 6.56
C ASN D 179 -11.46 -48.51 6.84
N TYR D 180 -11.23 -47.58 5.92
CA TYR D 180 -10.17 -46.59 6.07
C TYR D 180 -10.48 -45.65 7.23
N CYS D 181 -9.53 -44.76 7.52
CA CYS D 181 -9.68 -43.73 8.55
C CYS D 181 -9.35 -42.37 7.94
N PHE D 182 -9.78 -41.31 8.63
CA PHE D 182 -9.61 -39.97 8.12
C PHE D 182 -9.12 -39.03 9.21
N SER D 183 -8.26 -38.08 8.82
CA SER D 183 -7.81 -37.03 9.73
C SER D 183 -7.37 -35.85 8.88
N VAL D 184 -8.14 -34.76 8.91
CA VAL D 184 -7.88 -33.61 8.06
C VAL D 184 -7.03 -32.63 8.84
N GLN D 185 -6.43 -31.69 8.11
CA GLN D 185 -5.50 -30.73 8.70
C GLN D 185 -5.50 -29.48 7.83
N ALA D 186 -6.22 -28.45 8.26
CA ALA D 186 -6.31 -27.22 7.50
C ALA D 186 -4.93 -26.57 7.38
N VAL D 187 -4.49 -26.35 6.15
CA VAL D 187 -3.14 -25.87 5.85
C VAL D 187 -3.25 -24.59 5.04
N ILE D 188 -2.52 -23.56 5.46
CA ILE D 188 -2.39 -22.33 4.68
C ILE D 188 -0.97 -22.27 4.14
N PRO D 189 -0.73 -22.62 2.87
CA PRO D 189 0.63 -22.64 2.35
C PRO D 189 1.19 -21.26 2.05
N SER D 190 0.39 -20.21 2.15
CA SER D 190 0.84 -18.86 1.86
C SER D 190 1.41 -18.15 3.08
N ARG D 191 1.56 -18.86 4.20
CA ARG D 191 2.11 -18.28 5.42
C ARG D 191 3.58 -18.66 5.57
N THR D 192 4.20 -18.10 6.62
CA THR D 192 5.54 -18.50 7.03
C THR D 192 5.57 -19.17 8.39
N VAL D 193 4.64 -18.82 9.28
CA VAL D 193 4.53 -19.43 10.59
C VAL D 193 3.06 -19.78 10.83
N ASN D 194 2.82 -20.78 11.67
CA ASN D 194 1.48 -21.28 11.95
C ASN D 194 0.78 -21.71 10.66
N ARG D 195 1.54 -22.36 9.78
CA ARG D 195 1.00 -22.76 8.48
C ARG D 195 -0.02 -23.88 8.61
N LYS D 196 0.32 -24.92 9.38
CA LYS D 196 -0.51 -26.11 9.49
C LYS D 196 -1.25 -26.11 10.82
N SER D 197 -2.51 -26.54 10.78
CA SER D 197 -3.32 -26.68 11.97
C SER D 197 -3.10 -28.04 12.62
N THR D 198 -3.54 -28.18 13.86
CA THR D 198 -3.46 -29.46 14.54
C THR D 198 -4.44 -30.45 13.90
N ASP D 199 -4.07 -31.73 13.95
CA ASP D 199 -4.82 -32.76 13.25
C ASP D 199 -6.23 -32.90 13.83
N SER D 200 -7.17 -33.27 12.95
CA SER D 200 -8.55 -33.42 13.33
C SER D 200 -8.75 -34.65 14.21
N PRO D 201 -9.83 -34.70 14.98
CA PRO D 201 -10.18 -35.94 15.68
C PRO D 201 -10.35 -37.08 14.67
N VAL D 202 -9.73 -38.22 14.97
CA VAL D 202 -9.72 -39.34 14.05
C VAL D 202 -11.13 -39.89 13.89
N GLU D 203 -11.51 -40.20 12.65
CA GLU D 203 -12.82 -40.75 12.35
C GLU D 203 -12.65 -41.90 11.36
N CYS D 204 -13.23 -43.05 11.69
CA CYS D 204 -13.13 -44.23 10.86
C CYS D 204 -14.51 -44.81 10.64
N MET D 205 -14.65 -45.61 9.58
CA MET D 205 -15.90 -46.31 9.34
C MET D 205 -15.76 -47.79 9.67
N THR E 1 53.27 26.69 -1.96
CA THR E 1 52.61 26.02 -0.84
C THR E 1 53.07 26.61 0.49
N ASP E 2 52.59 26.02 1.59
CA ASP E 2 52.93 26.46 2.94
C ASP E 2 52.60 27.94 3.13
N THR E 3 51.31 28.25 3.03
CA THR E 3 50.86 29.63 3.15
C THR E 3 51.17 30.18 4.54
N GLU E 4 51.59 31.44 4.58
CA GLU E 4 51.99 32.11 5.81
C GLU E 4 50.85 33.04 6.24
N LEU E 5 49.93 32.48 7.03
CA LEU E 5 48.81 33.24 7.54
C LEU E 5 48.91 33.38 9.06
N PRO E 6 48.41 34.47 9.63
CA PRO E 6 48.45 34.63 11.09
C PRO E 6 47.63 33.54 11.78
N PRO E 7 48.19 32.88 12.80
CA PRO E 7 47.42 31.86 13.52
C PRO E 7 46.42 32.46 14.48
N LEU E 8 46.27 33.80 14.40
CA LEU E 8 45.31 34.59 15.16
C LEU E 8 45.73 34.73 16.62
N LYS E 9 46.75 33.97 17.03
CA LYS E 9 47.38 34.08 18.35
C LYS E 9 46.33 34.30 19.46
N LEU E 10 45.46 33.31 19.61
CA LEU E 10 44.25 33.45 20.41
C LEU E 10 44.53 34.05 21.78
N MET E 11 43.91 35.20 22.04
CA MET E 11 43.99 35.86 23.34
C MET E 11 42.87 35.42 24.27
N HIS E 12 41.77 34.91 23.73
CA HIS E 12 40.67 34.37 24.51
C HIS E 12 40.35 32.96 24.02
N SER E 13 40.24 32.01 24.94
CA SER E 13 40.01 30.62 24.55
C SER E 13 38.58 30.38 24.08
N PHE E 14 37.61 31.11 24.63
CA PHE E 14 36.21 30.84 24.32
C PHE E 14 35.87 31.19 22.87
N CYS E 15 36.49 32.22 22.29
CA CYS E 15 36.17 32.57 20.91
C CYS E 15 36.85 31.66 19.90
N ALA E 16 37.35 30.51 20.34
CA ALA E 16 38.14 29.64 19.49
C ALA E 16 37.42 28.36 19.05
N PHE E 17 36.21 28.08 19.55
CA PHE E 17 35.53 26.90 19.06
C PHE E 17 34.92 27.16 17.68
N LYS E 18 34.21 26.16 17.18
CA LYS E 18 33.49 26.21 15.92
C LYS E 18 32.09 26.78 16.13
N ALA E 19 31.38 26.97 15.01
CA ALA E 19 30.06 27.58 15.04
C ALA E 19 29.04 26.54 15.51
N ASP E 20 28.79 26.52 16.82
CA ASP E 20 27.81 25.62 17.41
C ASP E 20 26.43 26.24 17.26
N ASP E 21 25.57 25.61 16.47
CA ASP E 21 24.26 26.20 16.18
C ASP E 21 23.35 26.18 17.40
N GLY E 22 23.26 25.04 18.08
CA GLY E 22 22.36 24.91 19.20
C GLY E 22 21.13 24.10 18.86
N PRO E 23 20.75 23.18 19.75
CA PRO E 23 19.61 22.30 19.46
C PRO E 23 18.27 23.01 19.36
N CYS E 24 18.14 24.21 19.93
CA CYS E 24 16.85 24.87 19.97
C CYS E 24 16.43 25.34 18.58
N LYS E 25 15.19 25.78 18.47
CA LYS E 25 14.57 26.03 17.16
C LYS E 25 14.04 27.46 17.06
N ALA E 26 14.80 28.44 17.53
CA ALA E 26 14.47 29.84 17.33
C ALA E 26 15.48 30.50 16.40
N ILE E 27 15.08 31.62 15.80
CA ILE E 27 15.93 32.35 14.87
C ILE E 27 16.34 33.66 15.52
N MET E 28 17.63 33.78 15.81
CA MET E 28 18.22 35.04 16.24
C MET E 28 19.59 35.15 15.58
N LYS E 29 19.82 36.27 14.88
CA LYS E 29 21.02 36.41 14.05
C LYS E 29 22.19 36.86 14.91
N ARG E 30 22.74 35.91 15.65
CA ARG E 30 23.96 36.15 16.40
C ARG E 30 25.16 36.10 15.47
N PHE E 31 26.36 36.21 16.04
CA PHE E 31 27.58 36.28 15.26
C PHE E 31 28.66 35.41 15.90
N PHE E 32 29.54 34.88 15.07
CA PHE E 32 30.63 34.03 15.53
C PHE E 32 31.88 34.35 14.72
N PHE E 33 33.04 34.07 15.31
CA PHE E 33 34.30 34.18 14.59
C PHE E 33 34.62 32.85 13.91
N ASN E 34 34.79 32.88 12.60
CA ASN E 34 35.22 31.71 11.85
C ASN E 34 36.75 31.74 11.75
N ILE E 35 37.39 30.69 12.26
CA ILE E 35 38.85 30.60 12.28
C ILE E 35 39.43 30.43 10.88
N PHE E 36 38.59 30.26 9.86
CA PHE E 36 39.08 30.16 8.50
C PHE E 36 39.09 31.52 7.79
N THR E 37 38.04 32.32 7.97
CA THR E 37 37.74 33.44 7.07
C THR E 37 38.15 34.81 7.61
N ARG E 38 38.84 34.89 8.76
CA ARG E 38 39.35 36.16 9.26
C ARG E 38 38.24 37.19 9.52
N GLN E 39 37.02 36.72 9.78
CA GLN E 39 35.89 37.60 10.05
C GLN E 39 35.01 36.98 11.11
N CYS E 40 34.44 37.83 11.97
CA CYS E 40 33.47 37.38 12.97
C CYS E 40 32.10 37.62 12.33
N GLU E 41 31.70 36.69 11.46
CA GLU E 41 30.56 36.90 10.60
C GLU E 41 29.27 36.44 11.29
N GLU E 42 28.18 36.41 10.54
CA GLU E 42 26.85 36.16 11.08
C GLU E 42 26.46 34.69 10.92
N PHE E 43 25.86 34.12 11.97
CA PHE E 43 25.30 32.79 11.92
C PHE E 43 23.98 32.77 12.68
N ILE E 44 23.09 31.88 12.25
CA ILE E 44 21.79 31.76 12.89
C ILE E 44 21.95 30.98 14.19
N TYR E 45 21.38 31.52 15.27
CA TYR E 45 21.44 30.91 16.59
C TYR E 45 20.09 30.32 16.93
N GLY E 46 20.09 29.06 17.36
CA GLY E 46 18.85 28.44 17.84
C GLY E 46 18.34 29.07 19.12
N GLY E 47 19.23 29.61 19.94
CA GLY E 47 18.85 30.32 21.14
C GLY E 47 19.14 29.61 22.44
N CYS E 48 19.74 28.41 22.41
CA CYS E 48 20.01 27.70 23.65
C CYS E 48 21.10 26.67 23.44
N GLU E 49 21.80 26.35 24.53
CA GLU E 49 22.75 25.24 24.58
C GLU E 49 23.79 25.34 23.45
N GLY E 50 24.31 26.56 23.24
CA GLY E 50 25.36 26.78 22.28
C GLY E 50 26.72 26.92 22.96
N ASN E 51 27.73 27.13 22.12
CA ASN E 51 29.08 27.39 22.62
C ASN E 51 29.20 28.88 22.93
N GLN E 52 30.42 29.35 23.18
CA GLN E 52 30.65 30.73 23.61
C GLN E 52 31.03 31.64 22.44
N ASN E 53 30.52 31.35 21.24
CA ASN E 53 30.71 32.21 20.07
C ASN E 53 29.37 32.78 19.61
N ARG E 54 28.56 33.23 20.55
CA ARG E 54 27.32 33.94 20.25
C ARG E 54 27.53 35.42 20.54
N PHE E 55 27.15 36.27 19.59
CA PHE E 55 27.44 37.68 19.70
C PHE E 55 26.22 38.51 19.32
N GLU E 56 25.86 39.45 20.19
CA GLU E 56 24.70 40.31 19.94
C GLU E 56 24.93 41.20 18.72
N SER E 57 26.06 41.90 18.67
CA SER E 57 26.34 42.79 17.54
C SER E 57 27.79 42.70 17.07
N LEU E 58 28.10 43.43 16.01
CA LEU E 58 29.43 43.38 15.41
C LEU E 58 30.48 44.06 16.27
N GLU E 59 30.09 45.02 17.10
CA GLU E 59 31.04 45.73 17.94
C GLU E 59 31.74 44.77 18.90
N GLU E 60 30.99 44.08 19.76
CA GLU E 60 31.63 43.12 20.64
C GLU E 60 32.03 41.84 19.89
N CYS E 61 31.32 41.50 18.81
CA CYS E 61 31.83 40.52 17.85
C CYS E 61 33.32 40.70 17.64
N LYS E 62 33.72 41.92 17.27
CA LYS E 62 35.12 42.21 17.08
C LYS E 62 35.87 42.22 18.41
N LYS E 63 35.32 42.91 19.41
CA LYS E 63 36.08 43.18 20.64
C LYS E 63 36.57 41.91 21.31
N MET E 64 35.67 40.94 21.54
CA MET E 64 36.04 39.80 22.39
C MET E 64 37.17 38.99 21.80
N CYS E 65 37.11 38.69 20.50
CA CYS E 65 38.14 37.86 19.89
C CYS E 65 39.22 38.66 19.16
N THR E 66 38.86 39.43 18.13
CA THR E 66 39.90 40.05 17.31
C THR E 66 40.68 41.07 18.10
N ARG E 67 42.01 40.97 18.02
CA ARG E 67 42.90 41.89 18.72
C ARG E 67 42.72 43.30 18.19
N ASP E 68 42.09 44.17 18.97
CA ASP E 68 41.74 45.51 18.52
C ASP E 68 42.97 46.36 18.26
N GLN F 1 -6.32 7.44 0.01
CA GLN F 1 -6.89 6.11 -0.01
C GLN F 1 -5.74 5.13 -0.23
N VAL F 2 -5.73 4.41 -1.36
CA VAL F 2 -4.61 3.54 -1.73
C VAL F 2 -4.33 3.74 -3.22
N HIS F 3 -3.10 3.43 -3.60
CA HIS F 3 -2.69 3.54 -4.99
C HIS F 3 -1.56 2.56 -5.28
N LEU F 4 -1.39 2.25 -6.56
CA LEU F 4 -0.32 1.36 -7.03
C LEU F 4 0.39 2.06 -8.18
N GLN F 5 1.55 2.64 -7.89
CA GLN F 5 2.30 3.41 -8.89
C GLN F 5 3.28 2.46 -9.57
N GLN F 6 2.98 2.09 -10.81
CA GLN F 6 3.85 1.22 -11.58
C GLN F 6 4.96 2.03 -12.23
N SER F 7 5.86 1.34 -12.92
CA SER F 7 6.98 1.99 -13.57
C SER F 7 6.52 2.68 -14.86
N GLY F 8 7.46 3.33 -15.54
CA GLY F 8 7.17 3.97 -16.80
C GLY F 8 7.07 2.97 -17.94
N ALA F 9 6.86 3.50 -19.14
CA ALA F 9 6.77 2.66 -20.33
C ALA F 9 8.17 2.40 -20.90
N GLU F 10 8.35 1.21 -21.47
CA GLU F 10 9.66 0.81 -21.96
C GLU F 10 9.55 0.37 -23.41
N LEU F 11 10.69 0.39 -24.10
CA LEU F 11 10.80 -0.06 -25.49
C LEU F 11 12.11 -0.83 -25.61
N MET F 12 12.04 -2.15 -25.40
CA MET F 12 13.22 -3.00 -25.40
C MET F 12 13.41 -3.69 -26.74
N LYS F 13 14.68 -3.88 -27.10
CA LYS F 13 15.02 -4.68 -28.26
C LYS F 13 14.70 -6.15 -27.98
N PRO F 14 14.45 -6.94 -29.03
CA PRO F 14 14.20 -8.37 -28.82
C PRO F 14 15.38 -9.04 -28.14
N GLY F 15 15.07 -9.97 -27.23
CA GLY F 15 16.08 -10.64 -26.45
C GLY F 15 16.46 -9.97 -25.16
N ALA F 16 15.93 -8.78 -24.88
CA ALA F 16 16.21 -8.06 -23.64
C ALA F 16 15.23 -8.50 -22.56
N SER F 17 15.27 -7.84 -21.41
CA SER F 17 14.41 -8.19 -20.29
C SER F 17 13.96 -6.91 -19.58
N VAL F 18 12.65 -6.79 -19.38
CA VAL F 18 12.08 -5.63 -18.70
C VAL F 18 11.91 -5.95 -17.23
N LYS F 19 11.83 -4.91 -16.40
CA LYS F 19 11.64 -5.05 -14.96
C LYS F 19 10.57 -4.06 -14.52
N ILE F 20 9.32 -4.50 -14.55
CA ILE F 20 8.21 -3.67 -14.10
C ILE F 20 8.18 -3.65 -12.58
N SER F 21 7.94 -2.47 -12.02
CA SER F 21 7.76 -2.31 -10.57
C SER F 21 6.33 -1.88 -10.27
N CYS F 22 5.93 -2.04 -9.01
CA CYS F 22 4.59 -1.66 -8.59
C CYS F 22 4.65 -1.34 -7.10
N LYS F 23 4.64 -0.05 -6.78
CA LYS F 23 4.73 0.41 -5.40
C LYS F 23 3.35 0.46 -4.77
N ALA F 24 3.22 -0.12 -3.59
CA ALA F 24 1.95 -0.19 -2.87
C ALA F 24 1.95 0.83 -1.74
N SER F 25 0.86 1.59 -1.63
CA SER F 25 0.74 2.64 -0.64
C SER F 25 -0.68 2.71 -0.12
N GLY F 26 -0.83 2.95 1.17
CA GLY F 26 -2.13 3.15 1.79
C GLY F 26 -2.67 1.97 2.57
N TYR F 27 -2.07 0.80 2.44
CA TYR F 27 -2.55 -0.40 3.11
C TYR F 27 -1.37 -1.20 3.65
N THR F 28 -1.68 -2.30 4.33
CA THR F 28 -0.65 -3.16 4.91
C THR F 28 -0.06 -4.04 3.80
N PHE F 29 1.21 -3.79 3.48
CA PHE F 29 1.80 -4.38 2.28
C PHE F 29 1.88 -5.90 2.36
N ILE F 30 2.19 -6.44 3.53
CA ILE F 30 2.57 -7.85 3.65
C ILE F 30 1.36 -8.76 3.80
N THR F 31 0.16 -8.21 3.63
CA THR F 31 -1.04 -9.00 3.93
C THR F 31 -2.03 -8.91 2.77
N TYR F 32 -1.53 -8.78 1.54
CA TYR F 32 -2.40 -8.70 0.38
C TYR F 32 -1.68 -9.25 -0.84
N TRP F 33 -2.42 -9.97 -1.68
CA TRP F 33 -1.85 -10.57 -2.87
C TRP F 33 -1.65 -9.52 -3.95
N ILE F 34 -0.42 -9.37 -4.41
CA ILE F 34 -0.10 -8.45 -5.51
C ILE F 34 -0.17 -9.24 -6.81
N GLU F 35 -1.15 -8.91 -7.65
CA GLU F 35 -1.39 -9.61 -8.90
C GLU F 35 -0.57 -9.01 -10.04
N TRP F 36 -0.62 -9.68 -11.18
CA TRP F 36 -0.08 -9.15 -12.42
C TRP F 36 -0.94 -9.65 -13.57
N VAL F 37 -1.43 -8.73 -14.39
CA VAL F 37 -2.34 -9.05 -15.47
C VAL F 37 -1.76 -8.50 -16.77
N LYS F 38 -1.70 -9.35 -17.80
CA LYS F 38 -1.22 -8.95 -19.12
C LYS F 38 -2.43 -8.68 -20.02
N GLN F 39 -2.37 -7.57 -20.76
CA GLN F 39 -3.45 -7.16 -21.66
C GLN F 39 -2.84 -6.78 -23.00
N ARG F 40 -2.69 -7.77 -23.88
CA ARG F 40 -2.37 -7.46 -25.25
C ARG F 40 -3.61 -6.97 -25.97
N PRO F 41 -3.51 -5.89 -26.76
CA PRO F 41 -4.69 -5.38 -27.46
C PRO F 41 -5.33 -6.44 -28.34
N GLY F 42 -6.66 -6.48 -28.32
CA GLY F 42 -7.36 -7.53 -29.05
C GLY F 42 -7.31 -8.89 -28.39
N HIS F 43 -6.96 -8.96 -27.10
CA HIS F 43 -6.89 -10.23 -26.40
C HIS F 43 -7.47 -10.19 -25.01
N GLY F 44 -8.06 -9.07 -24.57
CA GLY F 44 -8.62 -9.01 -23.24
C GLY F 44 -7.55 -9.09 -22.16
N LEU F 45 -7.95 -9.65 -21.02
CA LEU F 45 -7.07 -9.79 -19.87
C LEU F 45 -6.55 -11.22 -19.77
N GLU F 46 -5.39 -11.36 -19.14
CA GLU F 46 -4.73 -12.66 -19.04
C GLU F 46 -3.87 -12.65 -17.78
N TRP F 47 -4.32 -13.37 -16.76
CA TRP F 47 -3.65 -13.36 -15.47
C TRP F 47 -2.28 -14.01 -15.60
N ILE F 48 -1.26 -13.37 -15.03
CA ILE F 48 0.11 -13.83 -15.15
C ILE F 48 0.56 -14.59 -13.92
N GLY F 49 0.17 -14.13 -12.74
CA GLY F 49 0.62 -14.71 -11.49
C GLY F 49 0.71 -13.64 -10.43
N ASP F 50 0.70 -14.08 -9.17
CA ASP F 50 0.71 -13.16 -8.04
C ASP F 50 1.74 -13.60 -7.01
N ILE F 51 2.09 -12.66 -6.13
CA ILE F 51 3.01 -12.91 -5.04
C ILE F 51 2.44 -12.28 -3.78
N LEU F 52 2.60 -12.99 -2.65
CA LEU F 52 2.20 -12.45 -1.37
C LEU F 52 3.44 -11.90 -0.68
N PRO F 53 3.54 -10.58 -0.50
CA PRO F 53 4.79 -10.02 0.04
C PRO F 53 5.05 -10.47 1.47
N GLY F 54 6.32 -10.51 1.82
CA GLY F 54 6.72 -11.00 3.13
C GLY F 54 6.86 -12.51 3.15
N SER F 55 5.74 -13.21 2.95
CA SER F 55 5.79 -14.66 2.87
C SER F 55 6.60 -15.13 1.67
N GLY F 56 6.43 -14.46 0.53
CA GLY F 56 7.16 -14.80 -0.68
C GLY F 56 6.49 -15.84 -1.56
N SER F 57 5.38 -16.42 -1.12
CA SER F 57 4.71 -17.44 -1.93
C SER F 57 4.22 -16.85 -3.24
N THR F 58 4.42 -17.60 -4.33
CA THR F 58 4.05 -17.16 -5.67
C THR F 58 3.21 -18.24 -6.33
N ASN F 59 2.42 -17.83 -7.32
CA ASN F 59 1.57 -18.75 -8.09
C ASN F 59 1.59 -18.30 -9.54
N TYR F 60 2.51 -18.85 -10.31
CA TYR F 60 2.66 -18.47 -11.71
C TYR F 60 1.66 -19.21 -12.58
N ASN F 61 1.12 -18.52 -13.57
CA ASN F 61 0.38 -19.18 -14.63
C ASN F 61 1.32 -20.08 -15.42
N GLU F 62 0.83 -21.26 -15.81
CA GLU F 62 1.70 -22.24 -16.46
C GLU F 62 2.27 -21.68 -17.77
N ASN F 63 1.43 -21.04 -18.58
CA ASN F 63 1.88 -20.46 -19.84
C ASN F 63 2.86 -19.31 -19.65
N PHE F 64 3.18 -18.96 -18.42
CA PHE F 64 4.18 -17.94 -18.13
C PHE F 64 5.33 -18.49 -17.28
N LYS F 65 5.47 -19.82 -17.21
CA LYS F 65 6.56 -20.41 -16.47
C LYS F 65 7.90 -20.01 -17.08
N GLY F 66 8.80 -19.51 -16.25
CA GLY F 66 10.10 -19.06 -16.71
C GLY F 66 10.07 -17.67 -17.30
N LYS F 67 9.03 -17.37 -18.10
CA LYS F 67 8.92 -16.07 -18.74
C LYS F 67 8.79 -14.95 -17.72
N ALA F 68 7.96 -15.16 -16.69
CA ALA F 68 7.66 -14.14 -15.70
C ALA F 68 8.17 -14.58 -14.33
N THR F 69 8.84 -13.66 -13.64
CA THR F 69 9.37 -13.91 -12.30
C THR F 69 8.92 -12.78 -11.39
N PHE F 70 8.41 -13.12 -10.21
CA PHE F 70 7.92 -12.14 -9.24
C PHE F 70 8.84 -12.13 -8.03
N THR F 71 9.41 -10.96 -7.74
CA THR F 71 10.14 -10.71 -6.51
C THR F 71 9.47 -9.56 -5.77
N ALA F 72 9.73 -9.48 -4.47
CA ALA F 72 9.11 -8.44 -3.66
C ALA F 72 10.05 -8.06 -2.52
N ASP F 73 10.25 -6.77 -2.34
CA ASP F 73 11.02 -6.23 -1.23
C ASP F 73 10.07 -5.38 -0.38
N SER F 74 9.82 -5.83 0.84
CA SER F 74 8.80 -5.19 1.68
C SER F 74 9.30 -3.94 2.40
N SER F 75 10.62 -3.71 2.43
CA SER F 75 11.13 -2.51 3.09
C SER F 75 10.69 -1.25 2.35
N SER F 76 10.73 -1.27 1.02
CA SER F 76 10.27 -0.15 0.21
C SER F 76 8.82 -0.26 -0.19
N ASN F 77 8.15 -1.38 0.16
CA ASN F 77 6.74 -1.59 -0.16
C ASN F 77 6.48 -1.54 -1.66
N THR F 78 7.40 -2.09 -2.45
CA THR F 78 7.23 -2.19 -3.89
C THR F 78 7.45 -3.63 -4.33
N ALA F 79 6.64 -4.08 -5.28
CA ALA F 79 6.81 -5.38 -5.91
C ALA F 79 7.67 -5.25 -7.17
N TYR F 80 8.03 -6.39 -7.74
CA TYR F 80 8.83 -6.40 -8.95
C TYR F 80 8.43 -7.60 -9.81
N MET F 81 8.44 -7.39 -11.12
CA MET F 81 8.18 -8.42 -12.11
C MET F 81 9.23 -8.31 -13.21
N GLN F 82 9.80 -9.44 -13.60
CA GLN F 82 10.82 -9.46 -14.63
C GLN F 82 10.42 -10.44 -15.73
N LEU F 83 10.39 -9.95 -16.96
CA LEU F 83 10.08 -10.77 -18.13
C LEU F 83 11.36 -10.93 -18.93
N SER F 84 11.80 -12.17 -19.12
CA SER F 84 13.07 -12.47 -19.75
C SER F 84 12.89 -12.89 -21.20
N SER F 85 13.93 -12.70 -22.00
CA SER F 85 13.97 -13.04 -23.42
C SER F 85 12.71 -12.53 -24.13
N LEU F 86 12.56 -11.20 -24.14
CA LEU F 86 11.37 -10.58 -24.69
C LEU F 86 11.26 -10.86 -26.18
N THR F 87 10.03 -11.08 -26.64
CA THR F 87 9.70 -11.27 -28.05
C THR F 87 8.65 -10.25 -28.45
N SER F 88 8.19 -10.36 -29.70
CA SER F 88 7.12 -9.48 -30.17
C SER F 88 5.77 -9.82 -29.55
N GLU F 89 5.64 -11.00 -28.91
CA GLU F 89 4.40 -11.35 -28.23
C GLU F 89 4.29 -10.69 -26.86
N ASP F 90 5.39 -10.17 -26.33
CA ASP F 90 5.37 -9.50 -25.03
C ASP F 90 5.00 -8.04 -25.12
N SER F 91 4.77 -7.52 -26.32
CA SER F 91 4.35 -6.14 -26.49
C SER F 91 2.88 -6.01 -26.08
N ALA F 92 2.65 -5.59 -24.84
CA ALA F 92 1.30 -5.53 -24.29
C ALA F 92 1.30 -4.52 -23.15
N VAL F 93 0.18 -4.44 -22.44
CA VAL F 93 0.01 -3.53 -21.31
C VAL F 93 -0.17 -4.40 -20.07
N TYR F 94 0.79 -4.32 -19.14
CA TYR F 94 0.75 -5.09 -17.91
C TYR F 94 0.22 -4.24 -16.76
N TYR F 95 -0.41 -4.91 -15.81
CA TYR F 95 -0.96 -4.26 -14.61
C TYR F 95 -0.50 -5.00 -13.37
N CYS F 96 -0.56 -4.31 -12.24
CA CYS F 96 -0.50 -4.94 -10.93
C CYS F 96 -1.80 -4.64 -10.20
N ALA F 97 -2.10 -5.43 -9.18
CA ALA F 97 -3.35 -5.27 -8.47
C ALA F 97 -3.20 -5.76 -7.04
N ARG F 98 -4.17 -5.40 -6.21
CA ARG F 98 -4.23 -5.83 -4.82
C ARG F 98 -5.51 -6.60 -4.60
N SER F 99 -5.39 -7.77 -3.98
CA SER F 99 -6.57 -8.59 -3.73
C SER F 99 -7.51 -7.89 -2.75
N GLY F 100 -8.78 -8.26 -2.82
CA GLY F 100 -9.79 -7.66 -1.97
C GLY F 100 -9.67 -8.09 -0.52
N TYR F 101 -10.71 -7.89 0.27
CA TYR F 101 -10.62 -8.11 1.71
C TYR F 101 -11.07 -9.51 2.12
N TYR F 102 -12.32 -9.87 1.86
CA TYR F 102 -12.89 -11.07 2.46
C TYR F 102 -12.63 -12.32 1.63
N GLY F 103 -11.41 -12.49 1.15
CA GLY F 103 -11.02 -13.71 0.48
C GLY F 103 -11.59 -13.83 -0.92
N ASN F 104 -10.74 -14.13 -1.90
CA ASN F 104 -11.13 -14.26 -3.31
C ASN F 104 -12.20 -13.24 -3.70
N SER F 105 -11.95 -11.99 -3.31
CA SER F 105 -12.87 -10.89 -3.57
C SER F 105 -12.36 -10.00 -4.69
N GLY F 106 -11.74 -10.63 -5.70
CA GLY F 106 -11.27 -9.92 -6.86
C GLY F 106 -10.03 -9.09 -6.56
N PHE F 107 -9.75 -8.16 -7.46
CA PHE F 107 -8.62 -7.25 -7.35
C PHE F 107 -9.20 -5.87 -7.07
N ALA F 108 -9.20 -5.49 -5.79
CA ALA F 108 -9.90 -4.28 -5.37
C ALA F 108 -9.30 -3.02 -6.00
N TYR F 109 -7.97 -2.95 -6.07
CA TYR F 109 -7.28 -1.73 -6.47
C TYR F 109 -6.23 -2.05 -7.52
N TRP F 110 -6.29 -1.36 -8.64
CA TRP F 110 -5.46 -1.64 -9.80
C TRP F 110 -4.41 -0.56 -10.00
N GLY F 111 -3.30 -0.93 -10.61
CA GLY F 111 -2.30 0.03 -11.01
C GLY F 111 -2.72 0.78 -12.26
N GLN F 112 -2.01 1.87 -12.53
CA GLN F 112 -2.37 2.73 -13.65
C GLN F 112 -2.15 2.05 -15.00
N GLY F 113 -1.36 0.98 -15.04
CA GLY F 113 -1.06 0.31 -16.28
C GLY F 113 0.28 0.70 -16.86
N THR F 114 1.01 -0.28 -17.41
CA THR F 114 2.32 -0.05 -17.98
C THR F 114 2.35 -0.61 -19.39
N LEU F 115 2.84 0.20 -20.32
CA LEU F 115 2.93 -0.18 -21.73
C LEU F 115 4.35 -0.65 -22.02
N VAL F 116 4.48 -1.88 -22.50
CA VAL F 116 5.77 -2.45 -22.87
C VAL F 116 5.75 -2.79 -24.35
N THR F 117 6.75 -2.33 -25.08
CA THR F 117 6.87 -2.57 -26.51
C THR F 117 8.20 -3.24 -26.80
N VAL F 118 8.16 -4.27 -27.65
CA VAL F 118 9.36 -4.97 -28.10
C VAL F 118 9.28 -5.12 -29.60
N SER F 119 10.25 -4.55 -30.31
CA SER F 119 10.32 -4.64 -31.76
C SER F 119 11.71 -4.26 -32.21
N ALA F 120 12.10 -4.79 -33.38
CA ALA F 120 13.41 -4.50 -33.95
C ALA F 120 13.45 -3.20 -34.73
N ALA F 121 12.46 -2.33 -34.55
CA ALA F 121 12.41 -1.08 -35.27
C ALA F 121 13.40 -0.07 -34.68
N LYS F 122 13.60 1.03 -35.40
CA LYS F 122 14.51 2.09 -35.00
C LYS F 122 13.74 3.40 -34.90
N THR F 123 14.36 4.38 -34.24
CA THR F 123 13.76 5.71 -34.09
C THR F 123 13.85 6.44 -35.43
N THR F 124 12.76 6.39 -36.19
CA THR F 124 12.72 6.98 -37.52
C THR F 124 11.52 7.93 -37.62
N PRO F 125 11.73 9.17 -38.05
CA PRO F 125 10.61 10.06 -38.33
C PRO F 125 9.89 9.63 -39.61
N PRO F 126 8.62 9.99 -39.76
CA PRO F 126 7.87 9.57 -40.93
C PRO F 126 8.08 10.47 -42.14
N SER F 127 7.62 9.98 -43.29
CA SER F 127 7.57 10.75 -44.53
C SER F 127 6.09 10.86 -44.89
N VAL F 128 5.46 11.92 -44.41
CA VAL F 128 4.01 12.08 -44.56
C VAL F 128 3.69 12.44 -46.01
N TYR F 129 3.00 11.54 -46.69
CA TYR F 129 2.59 11.78 -48.08
C TYR F 129 1.19 12.36 -48.09
N PRO F 130 1.00 13.57 -48.60
CA PRO F 130 -0.34 14.18 -48.61
C PRO F 130 -1.31 13.38 -49.47
N LEU F 131 -2.59 13.73 -49.36
CA LEU F 131 -3.65 13.10 -50.14
C LEU F 131 -4.45 14.16 -50.86
N ALA F 132 -5.03 13.78 -52.00
CA ALA F 132 -5.88 14.67 -52.76
C ALA F 132 -6.74 13.85 -53.69
N PRO F 133 -7.96 14.27 -53.98
CA PRO F 133 -8.84 13.50 -54.85
C PRO F 133 -8.36 13.53 -56.30
N GLY F 134 -8.82 12.54 -57.06
CA GLY F 134 -8.50 12.46 -58.47
C GLY F 134 -9.39 13.36 -59.30
N SER F 135 -9.97 12.81 -60.37
CA SER F 135 -10.92 13.57 -61.18
C SER F 135 -12.09 14.05 -60.32
N ALA F 136 -12.85 13.11 -59.77
CA ALA F 136 -13.92 13.39 -58.81
C ALA F 136 -14.89 14.44 -59.35
N ALA F 137 -15.58 14.05 -60.42
CA ALA F 137 -16.51 14.96 -61.08
C ALA F 137 -17.64 15.40 -60.17
N GLN F 138 -17.92 14.67 -59.10
CA GLN F 138 -18.97 15.07 -58.17
C GLN F 138 -18.63 16.39 -57.50
N THR F 139 -17.55 16.40 -56.72
CA THR F 139 -17.11 17.57 -55.94
C THR F 139 -18.30 18.26 -55.26
N ASN F 140 -18.94 17.51 -54.37
CA ASN F 140 -20.11 18.02 -53.65
C ASN F 140 -19.64 19.01 -52.58
N SER F 141 -20.60 19.47 -51.77
CA SER F 141 -20.29 20.45 -50.74
C SER F 141 -19.24 19.92 -49.76
N MET F 142 -19.20 18.61 -49.55
CA MET F 142 -18.27 17.99 -48.63
C MET F 142 -17.14 17.34 -49.41
N VAL F 143 -15.90 17.63 -49.02
CA VAL F 143 -14.71 17.06 -49.66
C VAL F 143 -13.81 16.48 -48.58
N THR F 144 -13.32 15.27 -48.81
CA THR F 144 -12.47 14.56 -47.87
C THR F 144 -11.00 14.74 -48.22
N LEU F 145 -10.17 14.81 -47.19
CA LEU F 145 -8.72 14.95 -47.35
C LEU F 145 -8.00 13.93 -46.49
N GLY F 146 -6.68 14.07 -46.38
CA GLY F 146 -5.90 13.19 -45.53
C GLY F 146 -4.42 13.37 -45.74
N CYS F 147 -3.61 12.89 -44.80
CA CYS F 147 -2.16 12.85 -44.98
C CYS F 147 -1.65 11.53 -44.44
N LEU F 148 -1.19 10.66 -45.34
CA LEU F 148 -0.76 9.32 -44.98
C LEU F 148 0.60 9.40 -44.30
N VAL F 149 0.70 8.80 -43.12
CA VAL F 149 1.91 8.81 -42.32
C VAL F 149 2.42 7.38 -42.27
N LYS F 150 3.60 7.14 -42.87
CA LYS F 150 4.16 5.80 -42.95
C LYS F 150 5.65 5.85 -42.70
N GLY F 151 6.17 4.79 -42.10
CA GLY F 151 7.60 4.64 -41.91
C GLY F 151 8.16 5.22 -40.65
N TYR F 152 7.33 5.49 -39.65
CA TYR F 152 7.80 6.10 -38.41
C TYR F 152 7.82 5.09 -37.27
N PHE F 153 8.61 5.43 -36.25
CA PHE F 153 8.74 4.65 -35.03
C PHE F 153 9.52 5.46 -34.02
N PRO F 154 9.19 5.37 -32.72
CA PRO F 154 8.08 4.63 -32.11
C PRO F 154 6.78 5.44 -32.05
N GLU F 155 5.69 4.76 -31.72
CA GLU F 155 4.42 5.44 -31.51
C GLU F 155 4.49 6.27 -30.22
N PRO F 156 3.64 7.29 -30.09
CA PRO F 156 2.64 7.77 -31.03
C PRO F 156 3.06 9.04 -31.76
N VAL F 157 2.25 9.52 -32.69
CA VAL F 157 2.49 10.78 -33.39
C VAL F 157 1.20 11.57 -33.41
N THR F 158 1.29 12.87 -33.15
CA THR F 158 0.12 13.74 -33.17
C THR F 158 -0.14 14.22 -34.59
N VAL F 159 -1.40 14.17 -35.00
CA VAL F 159 -1.83 14.63 -36.30
C VAL F 159 -3.04 15.55 -36.12
N THR F 160 -3.07 16.64 -36.88
CA THR F 160 -4.14 17.61 -36.81
C THR F 160 -4.18 18.35 -38.15
N TRP F 161 -5.01 19.40 -38.22
CA TRP F 161 -5.21 20.13 -39.46
C TRP F 161 -5.27 21.62 -39.17
N ASN F 162 -4.56 22.41 -39.98
CA ASN F 162 -4.54 23.86 -39.89
C ASN F 162 -4.13 24.31 -38.48
N SER F 163 -3.05 23.72 -37.98
CA SER F 163 -2.49 24.06 -36.67
C SER F 163 -3.53 23.92 -35.55
N GLY F 164 -4.36 22.89 -35.66
CA GLY F 164 -5.33 22.58 -34.63
C GLY F 164 -6.67 23.28 -34.79
N SER F 165 -6.76 24.32 -35.62
CA SER F 165 -8.04 24.99 -35.82
C SER F 165 -9.05 24.06 -36.47
N LEU F 166 -8.60 23.29 -37.46
CA LEU F 166 -9.47 22.30 -38.13
C LEU F 166 -9.38 20.97 -37.39
N SER F 167 -9.95 20.97 -36.19
CA SER F 167 -9.93 19.79 -35.33
C SER F 167 -11.26 19.08 -35.23
N SER F 168 -12.37 19.74 -35.58
CA SER F 168 -13.69 19.13 -35.52
C SER F 168 -14.00 18.50 -36.88
N GLY F 169 -14.10 17.17 -36.89
CA GLY F 169 -14.39 16.46 -38.13
C GLY F 169 -13.19 15.71 -38.67
N VAL F 170 -12.37 15.15 -37.78
CA VAL F 170 -11.22 14.35 -38.17
C VAL F 170 -11.36 12.96 -37.55
N HIS F 171 -10.78 11.97 -38.23
CA HIS F 171 -10.84 10.57 -37.79
C HIS F 171 -9.41 10.02 -37.82
N THR F 172 -8.70 10.19 -36.71
CA THR F 172 -7.33 9.66 -36.60
C THR F 172 -7.40 8.15 -36.42
N PHE F 173 -7.07 7.41 -37.46
CA PHE F 173 -7.13 5.96 -37.41
C PHE F 173 -6.01 5.41 -36.53
N PRO F 174 -6.29 4.32 -35.81
CA PRO F 174 -5.25 3.75 -34.93
C PRO F 174 -4.03 3.34 -35.73
N ALA F 175 -2.87 3.53 -35.13
CA ALA F 175 -1.59 3.26 -35.79
C ALA F 175 -1.42 1.76 -35.95
N VAL F 176 -1.64 1.27 -37.16
CA VAL F 176 -1.47 -0.15 -37.45
C VAL F 176 -0.01 -0.40 -37.84
N LEU F 177 0.40 -1.67 -37.72
CA LEU F 177 1.78 -2.06 -37.95
C LEU F 177 1.90 -2.89 -39.22
N GLN F 178 2.96 -2.65 -39.98
CA GLN F 178 3.25 -3.40 -41.19
C GLN F 178 4.72 -3.23 -41.54
N SER F 179 5.33 -4.31 -42.00
CA SER F 179 6.73 -4.33 -42.42
C SER F 179 7.64 -3.73 -41.35
N ASP F 180 7.38 -4.09 -40.10
CA ASP F 180 8.16 -3.63 -38.94
C ASP F 180 8.20 -2.09 -38.97
N LEU F 181 7.02 -1.50 -39.08
CA LEU F 181 6.85 -0.06 -39.15
C LEU F 181 5.43 0.27 -38.75
N TYR F 182 5.18 1.54 -38.46
CA TYR F 182 3.86 2.00 -38.07
C TYR F 182 3.29 2.93 -39.13
N THR F 183 1.99 2.80 -39.39
CA THR F 183 1.32 3.57 -40.42
C THR F 183 -0.06 3.98 -39.92
N LEU F 184 -0.41 5.25 -40.15
CA LEU F 184 -1.73 5.75 -39.79
C LEU F 184 -2.06 6.92 -40.70
N SER F 185 -3.35 7.27 -40.74
CA SER F 185 -3.85 8.35 -41.58
C SER F 185 -4.70 9.29 -40.74
N SER F 186 -5.28 10.29 -41.41
CA SER F 186 -6.13 11.26 -40.72
C SER F 186 -7.06 11.88 -41.76
N SER F 187 -8.33 11.46 -41.74
CA SER F 187 -9.31 11.91 -42.71
C SER F 187 -10.13 13.07 -42.14
N VAL F 188 -10.21 14.16 -42.89
CA VAL F 188 -10.98 15.33 -42.51
C VAL F 188 -11.85 15.75 -43.68
N THR F 189 -13.10 16.11 -43.39
CA THR F 189 -14.04 16.57 -44.40
C THR F 189 -14.32 18.04 -44.18
N VAL F 190 -14.21 18.83 -45.25
CA VAL F 190 -14.31 20.29 -45.15
C VAL F 190 -15.20 20.80 -46.26
N PRO F 191 -15.76 22.00 -46.10
CA PRO F 191 -16.54 22.60 -47.20
C PRO F 191 -15.64 23.03 -48.34
N SER F 192 -16.28 23.27 -49.50
CA SER F 192 -15.55 23.73 -50.66
C SER F 192 -14.98 25.13 -50.47
N SER F 193 -15.48 25.88 -49.49
CA SER F 193 -14.99 27.23 -49.26
C SER F 193 -13.52 27.24 -48.86
N THR F 194 -13.04 26.18 -48.21
CA THR F 194 -11.65 26.08 -47.79
C THR F 194 -10.83 25.10 -48.62
N TRP F 195 -11.48 24.25 -49.42
CA TRP F 195 -10.75 23.37 -50.33
C TRP F 195 -11.66 22.90 -51.45
N PRO F 196 -11.28 23.10 -52.72
CA PRO F 196 -10.02 23.67 -53.19
C PRO F 196 -9.94 25.18 -53.03
N SER F 197 -9.10 25.61 -52.09
CA SER F 197 -8.94 27.00 -51.70
C SER F 197 -7.58 27.15 -51.04
N GLU F 198 -7.40 28.21 -50.26
CA GLU F 198 -6.15 28.49 -49.55
C GLU F 198 -5.64 27.30 -48.73
N THR F 199 -4.37 27.37 -48.35
CA THR F 199 -3.64 26.27 -47.72
C THR F 199 -4.44 25.56 -46.64
N VAL F 200 -4.53 24.23 -46.77
CA VAL F 200 -5.10 23.36 -45.75
C VAL F 200 -4.06 22.29 -45.47
N THR F 201 -3.31 22.45 -44.38
CA THR F 201 -2.18 21.60 -44.06
C THR F 201 -2.50 20.66 -42.91
N CYS F 202 -1.78 19.55 -42.87
CA CYS F 202 -1.82 18.62 -41.75
C CYS F 202 -0.53 18.74 -40.97
N ASN F 203 -0.64 18.89 -39.65
CA ASN F 203 0.50 19.07 -38.78
C ASN F 203 0.82 17.75 -38.10
N VAL F 204 2.03 17.25 -38.31
CA VAL F 204 2.48 15.99 -37.74
C VAL F 204 3.65 16.28 -36.81
N ALA F 205 3.57 15.77 -35.58
CA ALA F 205 4.63 15.93 -34.61
C ALA F 205 4.99 14.56 -34.04
N HIS F 206 6.23 14.13 -34.25
CA HIS F 206 6.72 12.88 -33.70
C HIS F 206 7.55 13.20 -32.46
N PRO F 207 7.03 12.99 -31.26
CA PRO F 207 7.77 13.39 -30.05
C PRO F 207 9.11 12.71 -29.90
N ALA F 208 9.22 11.44 -30.32
CA ALA F 208 10.48 10.72 -30.15
C ALA F 208 11.57 11.28 -31.07
N SER F 209 11.22 11.57 -32.32
CA SER F 209 12.18 12.05 -33.31
C SER F 209 12.24 13.56 -33.38
N SER F 210 11.49 14.27 -32.54
CA SER F 210 11.41 15.73 -32.53
C SER F 210 11.19 16.28 -33.95
N THR F 211 10.07 15.85 -34.53
CA THR F 211 9.73 16.17 -35.92
C THR F 211 8.50 17.05 -35.96
N LYS F 212 8.51 18.04 -36.84
CA LYS F 212 7.35 18.91 -37.06
C LYS F 212 7.24 19.18 -38.56
N VAL F 213 6.27 18.54 -39.20
CA VAL F 213 6.05 18.67 -40.64
C VAL F 213 4.64 19.20 -40.86
N ASP F 214 4.51 20.16 -41.77
CA ASP F 214 3.25 20.83 -42.06
C ASP F 214 2.93 20.74 -43.55
N LYS F 215 2.98 19.53 -44.09
CA LYS F 215 2.65 19.32 -45.49
C LYS F 215 1.21 19.73 -45.76
N LYS F 216 1.02 20.45 -46.87
CA LYS F 216 -0.27 21.05 -47.20
C LYS F 216 -0.95 20.26 -48.33
N ILE F 217 -2.26 20.11 -48.22
CA ILE F 217 -3.05 19.42 -49.23
C ILE F 217 -3.21 20.34 -50.43
N VAL F 218 -2.84 19.84 -51.61
CA VAL F 218 -2.87 20.61 -52.84
C VAL F 218 -3.62 19.82 -53.90
N PRO F 219 -4.41 20.46 -54.78
CA PRO F 219 -5.10 19.70 -55.83
C PRO F 219 -4.13 19.13 -56.87
N ARG F 220 -4.68 18.49 -57.88
CA ARG F 220 -3.91 17.80 -58.93
C ARG F 220 -3.00 16.74 -58.30
N ASP F 221 -3.65 15.76 -57.69
CA ASP F 221 -2.96 14.65 -57.04
C ASP F 221 -2.12 13.83 -58.01
N ASP G 1 -7.38 -25.94 -14.88
CA ASP G 1 -7.64 -24.81 -15.76
C ASP G 1 -9.13 -24.72 -16.07
N ILE G 2 -9.68 -23.50 -15.96
CA ILE G 2 -11.09 -23.24 -16.18
C ILE G 2 -11.22 -22.30 -17.37
N VAL G 3 -12.08 -22.64 -18.31
CA VAL G 3 -12.35 -21.81 -19.48
C VAL G 3 -13.65 -21.05 -19.25
N MET G 4 -13.62 -19.74 -19.51
CA MET G 4 -14.76 -18.85 -19.31
C MET G 4 -15.21 -18.30 -20.64
N THR G 5 -16.51 -18.38 -20.90
CA THR G 5 -17.08 -18.06 -22.21
C THR G 5 -18.09 -16.92 -22.06
N GLN G 6 -17.63 -15.70 -22.29
CA GLN G 6 -18.52 -14.54 -22.34
C GLN G 6 -19.40 -14.66 -23.57
N SER G 7 -20.68 -14.96 -23.37
CA SER G 7 -21.53 -15.32 -24.50
C SER G 7 -21.69 -14.18 -25.51
N PRO G 8 -21.99 -12.92 -25.11
CA PRO G 8 -21.97 -11.84 -26.09
C PRO G 8 -20.55 -11.30 -26.26
N SER G 9 -19.98 -11.50 -27.44
CA SER G 9 -18.65 -10.95 -27.70
C SER G 9 -18.68 -9.42 -27.71
N SER G 10 -19.70 -8.85 -28.36
CA SER G 10 -19.86 -7.39 -28.41
C SER G 10 -21.34 -7.10 -28.64
N LEU G 11 -22.00 -6.59 -27.61
CA LEU G 11 -23.42 -6.29 -27.69
C LEU G 11 -23.64 -4.77 -27.62
N THR G 12 -24.65 -4.31 -28.34
CA THR G 12 -25.00 -2.89 -28.38
C THR G 12 -26.37 -2.69 -27.74
N VAL G 13 -26.57 -1.49 -27.18
CA VAL G 13 -27.80 -1.20 -26.46
C VAL G 13 -27.96 0.32 -26.39
N THR G 14 -29.20 0.77 -26.59
CA THR G 14 -29.51 2.17 -26.38
C THR G 14 -29.42 2.51 -24.90
N ALA G 15 -28.84 3.67 -24.59
CA ALA G 15 -28.67 4.07 -23.21
C ALA G 15 -30.03 4.31 -22.56
N GLY G 16 -30.32 3.54 -21.51
CA GLY G 16 -31.55 3.74 -20.77
C GLY G 16 -32.28 2.48 -20.34
N GLU G 17 -32.16 1.40 -21.12
CA GLU G 17 -32.84 0.16 -20.78
C GLU G 17 -31.89 -0.77 -20.02
N LYS G 18 -32.32 -2.01 -19.83
CA LYS G 18 -31.63 -2.98 -19.00
C LYS G 18 -30.91 -4.00 -19.88
N VAL G 19 -29.65 -4.29 -19.54
CA VAL G 19 -28.85 -5.26 -20.28
C VAL G 19 -28.52 -6.43 -19.36
N THR G 20 -28.29 -7.59 -19.96
CA THR G 20 -27.92 -8.80 -19.24
C THR G 20 -26.77 -9.48 -19.97
N MET G 21 -25.87 -10.07 -19.21
CA MET G 21 -24.67 -10.69 -19.76
C MET G 21 -24.52 -12.09 -19.19
N SER G 22 -23.72 -12.90 -19.88
CA SER G 22 -23.48 -14.28 -19.46
C SER G 22 -21.98 -14.56 -19.47
N CYS G 23 -21.55 -15.42 -18.55
CA CYS G 23 -20.16 -15.86 -18.47
C CYS G 23 -20.15 -17.29 -17.96
N LYS G 24 -20.10 -18.25 -18.89
CA LYS G 24 -20.09 -19.65 -18.51
C LYS G 24 -18.73 -20.04 -17.96
N SER G 25 -18.68 -21.20 -17.31
CA SER G 25 -17.44 -21.72 -16.77
C SER G 25 -17.44 -23.24 -16.87
N SER G 26 -16.27 -23.81 -17.18
CA SER G 26 -16.16 -25.25 -17.32
C SER G 26 -16.47 -25.95 -16.00
N GLN G 27 -15.66 -25.70 -14.98
CA GLN G 27 -15.87 -26.31 -13.67
C GLN G 27 -16.66 -25.35 -12.80
N SER G 28 -17.65 -25.89 -12.08
CA SER G 28 -18.53 -25.07 -11.28
C SER G 28 -17.75 -24.34 -10.19
N LEU G 29 -18.09 -23.07 -9.99
CA LEU G 29 -17.41 -22.22 -9.02
C LEU G 29 -18.09 -22.18 -7.67
N LEU G 30 -19.17 -22.93 -7.47
CA LEU G 30 -19.90 -22.92 -6.21
C LEU G 30 -19.17 -23.79 -5.20
N SER G 31 -18.61 -23.17 -4.17
CA SER G 31 -17.99 -23.92 -3.08
C SER G 31 -19.07 -24.37 -2.11
N SER G 32 -19.19 -25.69 -1.92
CA SER G 32 -20.27 -26.24 -1.12
C SER G 32 -20.11 -25.94 0.37
N GLY G 33 -18.91 -25.54 0.79
CA GLY G 33 -18.70 -25.29 2.21
C GLY G 33 -19.54 -24.14 2.74
N ASN G 34 -19.57 -23.02 2.01
CA ASN G 34 -20.29 -21.83 2.46
C ASN G 34 -21.24 -21.29 1.41
N GLN G 35 -21.49 -22.02 0.31
CA GLN G 35 -22.48 -21.64 -0.69
C GLN G 35 -22.21 -20.26 -1.27
N LYS G 36 -20.98 -20.04 -1.73
CA LYS G 36 -20.58 -18.83 -2.40
C LYS G 36 -20.02 -19.18 -3.78
N ASN G 37 -20.34 -18.34 -4.78
CA ASN G 37 -19.84 -18.53 -6.14
C ASN G 37 -18.71 -17.53 -6.38
N TYR G 38 -17.50 -18.06 -6.56
CA TYR G 38 -16.28 -17.22 -6.53
C TYR G 38 -15.90 -16.79 -7.95
N LEU G 39 -16.66 -15.84 -8.46
CA LEU G 39 -16.34 -15.20 -9.73
C LEU G 39 -16.41 -13.69 -9.53
N THR G 40 -15.47 -12.98 -10.14
CA THR G 40 -15.40 -11.53 -10.02
C THR G 40 -15.69 -10.88 -11.37
N TRP G 41 -16.44 -9.79 -11.35
CA TRP G 41 -16.71 -8.98 -12.51
C TRP G 41 -15.82 -7.73 -12.50
N TYR G 42 -15.60 -7.18 -13.68
CA TYR G 42 -14.77 -5.99 -13.83
C TYR G 42 -15.37 -5.08 -14.89
N GLN G 43 -15.16 -3.77 -14.70
CA GLN G 43 -15.51 -2.76 -15.69
C GLN G 43 -14.23 -2.07 -16.13
N GLN G 44 -14.00 -2.03 -17.44
CA GLN G 44 -12.80 -1.38 -17.99
C GLN G 44 -13.21 -0.47 -19.14
N ILE G 45 -13.39 0.80 -18.84
CA ILE G 45 -13.49 1.82 -19.90
C ILE G 45 -12.14 1.90 -20.60
N PRO G 46 -12.09 1.97 -21.93
CA PRO G 46 -10.80 1.89 -22.62
C PRO G 46 -9.87 3.02 -22.21
N GLY G 47 -8.58 2.70 -22.11
CA GLY G 47 -7.60 3.63 -21.61
C GLY G 47 -7.53 3.74 -20.11
N GLN G 48 -8.28 2.93 -19.37
CA GLN G 48 -8.32 3.00 -17.92
C GLN G 48 -8.13 1.61 -17.33
N PRO G 49 -7.57 1.53 -16.12
CA PRO G 49 -7.46 0.23 -15.46
C PRO G 49 -8.83 -0.32 -15.14
N PRO G 50 -8.99 -1.64 -15.14
CA PRO G 50 -10.31 -2.22 -14.89
C PRO G 50 -10.75 -2.09 -13.43
N LYS G 51 -11.68 -1.19 -13.17
CA LYS G 51 -12.26 -1.06 -11.84
C LYS G 51 -13.05 -2.32 -11.49
N LEU G 52 -12.88 -2.79 -10.26
CA LEU G 52 -13.66 -3.93 -9.79
C LEU G 52 -15.14 -3.56 -9.77
N LEU G 53 -15.98 -4.54 -10.12
CA LEU G 53 -17.42 -4.34 -10.15
C LEU G 53 -18.13 -5.14 -9.06
N ILE G 54 -17.95 -6.46 -9.05
CA ILE G 54 -18.69 -7.33 -8.14
C ILE G 54 -17.82 -8.55 -7.82
N TYR G 55 -17.65 -8.83 -6.54
CA TYR G 55 -16.98 -10.06 -6.12
C TYR G 55 -18.00 -11.00 -5.49
N TRP G 56 -17.64 -12.29 -5.49
CA TRP G 56 -18.55 -13.38 -5.12
C TRP G 56 -19.77 -13.45 -6.01
N ALA G 57 -19.71 -12.81 -7.18
CA ALA G 57 -20.75 -12.86 -8.20
C ALA G 57 -22.06 -12.22 -7.74
N SER G 58 -22.09 -11.67 -6.52
CA SER G 58 -23.29 -10.97 -6.05
C SER G 58 -23.03 -9.71 -5.24
N THR G 59 -21.81 -9.48 -4.75
CA THR G 59 -21.55 -8.41 -3.79
C THR G 59 -20.89 -7.23 -4.49
N ARG G 60 -21.50 -6.05 -4.34
CA ARG G 60 -20.93 -4.84 -4.92
C ARG G 60 -19.70 -4.41 -4.13
N GLU G 61 -18.63 -4.08 -4.84
CA GLU G 61 -17.48 -3.44 -4.21
C GLU G 61 -17.88 -2.05 -3.75
N SER G 62 -17.28 -1.62 -2.64
CA SER G 62 -17.60 -0.31 -2.08
C SER G 62 -17.33 0.79 -3.09
N GLY G 63 -18.38 1.51 -3.49
CA GLY G 63 -18.30 2.56 -4.47
C GLY G 63 -19.01 2.24 -5.78
N VAL G 64 -19.26 0.98 -6.05
CA VAL G 64 -19.96 0.60 -7.29
C VAL G 64 -21.40 1.10 -7.22
N PRO G 65 -21.92 1.72 -8.28
CA PRO G 65 -23.31 2.19 -8.26
C PRO G 65 -24.28 1.05 -8.07
N ASP G 66 -25.50 1.40 -7.64
CA ASP G 66 -26.49 0.42 -7.21
C ASP G 66 -27.31 -0.15 -8.37
N ARG G 67 -26.82 -0.04 -9.60
CA ARG G 67 -27.51 -0.66 -10.73
C ARG G 67 -26.83 -1.95 -11.20
N PHE G 68 -25.52 -2.08 -10.97
CA PHE G 68 -24.85 -3.33 -11.29
C PHE G 68 -25.30 -4.42 -10.32
N THR G 69 -25.56 -5.61 -10.86
CA THR G 69 -26.08 -6.71 -10.06
C THR G 69 -25.65 -8.03 -10.66
N GLY G 70 -25.04 -8.88 -9.84
CA GLY G 70 -24.64 -10.21 -10.26
C GLY G 70 -25.64 -11.25 -9.78
N SER G 71 -25.68 -12.37 -10.50
CA SER G 71 -26.60 -13.46 -10.17
C SER G 71 -26.01 -14.76 -10.69
N GLY G 72 -26.82 -15.81 -10.69
CA GLY G 72 -26.41 -17.09 -11.18
C GLY G 72 -25.61 -17.89 -10.16
N SER G 73 -25.58 -19.20 -10.37
CA SER G 73 -24.85 -20.10 -9.49
C SER G 73 -24.37 -21.30 -10.29
N GLY G 74 -23.31 -21.93 -9.81
CA GLY G 74 -22.78 -23.11 -10.45
C GLY G 74 -21.80 -22.80 -11.58
N THR G 75 -22.26 -22.94 -12.82
CA THR G 75 -21.43 -22.70 -13.99
C THR G 75 -21.85 -21.50 -14.82
N ASP G 76 -23.09 -21.05 -14.70
CA ASP G 76 -23.61 -19.93 -15.47
C ASP G 76 -23.78 -18.72 -14.56
N PHE G 77 -23.20 -17.59 -14.96
CA PHE G 77 -23.21 -16.39 -14.16
C PHE G 77 -23.65 -15.21 -15.01
N THR G 78 -24.33 -14.26 -14.37
CA THR G 78 -25.00 -13.17 -15.07
C THR G 78 -24.71 -11.83 -14.39
N LEU G 79 -24.39 -10.82 -15.19
CA LEU G 79 -24.23 -9.46 -14.71
C LEU G 79 -25.26 -8.56 -15.40
N THR G 80 -26.00 -7.80 -14.61
CA THR G 80 -27.11 -6.99 -15.11
C THR G 80 -26.82 -5.52 -14.85
N ILE G 81 -27.01 -4.69 -15.87
CA ILE G 81 -26.87 -3.24 -15.77
C ILE G 81 -28.23 -2.64 -16.10
N ASN G 82 -28.77 -1.85 -15.18
CA ASN G 82 -30.06 -1.21 -15.37
C ASN G 82 -29.89 0.28 -15.60
N SER G 83 -30.77 0.83 -16.44
CA SER G 83 -30.76 2.24 -16.82
C SER G 83 -29.35 2.68 -17.26
N VAL G 84 -28.92 2.08 -18.37
CA VAL G 84 -27.57 2.29 -18.86
C VAL G 84 -27.32 3.76 -19.15
N GLN G 85 -26.22 4.27 -18.64
CA GLN G 85 -25.80 5.65 -18.85
C GLN G 85 -24.62 5.69 -19.81
N ALA G 86 -24.13 6.90 -20.08
CA ALA G 86 -23.01 7.06 -21.00
C ALA G 86 -21.70 6.53 -20.45
N GLU G 87 -21.58 6.40 -19.12
CA GLU G 87 -20.34 5.94 -18.53
C GLU G 87 -20.20 4.42 -18.59
N ASP G 88 -21.29 3.70 -18.84
CA ASP G 88 -21.24 2.24 -18.89
C ASP G 88 -20.54 1.70 -20.12
N LEU G 89 -20.19 2.54 -21.08
CA LEU G 89 -19.53 2.07 -22.30
C LEU G 89 -18.13 1.58 -21.94
N ALA G 90 -17.96 0.26 -21.90
CA ALA G 90 -16.71 -0.35 -21.46
C ALA G 90 -16.74 -1.82 -21.87
N VAL G 91 -15.62 -2.50 -21.65
CA VAL G 91 -15.51 -3.94 -21.85
C VAL G 91 -15.42 -4.60 -20.49
N TYR G 92 -16.31 -5.57 -20.26
CA TYR G 92 -16.45 -6.21 -18.96
C TYR G 92 -15.82 -7.60 -18.98
N TYR G 93 -15.12 -7.94 -17.90
CA TYR G 93 -14.40 -9.21 -17.81
C TYR G 93 -14.84 -9.94 -16.55
N CYS G 94 -15.29 -11.18 -16.71
CA CYS G 94 -15.48 -12.09 -15.59
C CYS G 94 -14.19 -12.86 -15.33
N GLN G 95 -14.00 -13.27 -14.08
CA GLN G 95 -12.77 -13.94 -13.68
C GLN G 95 -13.09 -15.16 -12.83
N ASN G 96 -12.37 -16.25 -13.10
CA ASN G 96 -12.35 -17.39 -12.20
C ASN G 96 -11.58 -17.00 -10.94
N ASP G 97 -12.27 -16.93 -9.81
CA ASP G 97 -11.64 -16.55 -8.55
C ASP G 97 -11.69 -17.70 -7.55
N TYR G 98 -11.60 -18.93 -8.04
CA TYR G 98 -11.72 -20.12 -7.21
C TYR G 98 -10.42 -20.92 -7.18
N THR G 99 -9.92 -21.34 -8.34
CA THR G 99 -8.81 -22.27 -8.43
C THR G 99 -7.67 -21.66 -9.22
N TYR G 100 -6.46 -21.80 -8.70
CA TYR G 100 -5.28 -21.43 -9.46
C TYR G 100 -5.10 -22.40 -10.63
N PRO G 101 -4.72 -21.90 -11.81
CA PRO G 101 -4.43 -20.51 -12.15
C PRO G 101 -5.70 -19.69 -12.39
N LEU G 102 -5.68 -18.41 -12.04
CA LEU G 102 -6.81 -17.54 -12.32
C LEU G 102 -6.89 -17.27 -13.82
N THR G 103 -8.09 -17.45 -14.37
CA THR G 103 -8.31 -17.26 -15.80
C THR G 103 -9.38 -16.21 -16.01
N PHE G 104 -9.12 -15.27 -16.92
CA PHE G 104 -10.08 -14.24 -17.24
C PHE G 104 -10.94 -14.66 -18.42
N GLY G 105 -12.03 -13.94 -18.63
CA GLY G 105 -12.89 -14.18 -19.76
C GLY G 105 -12.39 -13.52 -21.02
N ALA G 106 -13.15 -13.68 -22.09
CA ALA G 106 -12.83 -13.05 -23.36
C ALA G 106 -13.30 -11.61 -23.45
N GLY G 107 -13.99 -11.12 -22.42
CA GLY G 107 -14.50 -9.76 -22.42
C GLY G 107 -15.83 -9.65 -23.13
N THR G 108 -16.42 -8.46 -23.00
CA THR G 108 -17.70 -8.18 -23.65
C THR G 108 -17.73 -6.68 -23.96
N LYS G 109 -17.51 -6.34 -25.23
CA LYS G 109 -17.55 -4.95 -25.63
C LYS G 109 -18.98 -4.43 -25.54
N LEU G 110 -19.12 -3.17 -25.13
CA LEU G 110 -20.41 -2.51 -25.05
C LEU G 110 -20.42 -1.35 -26.03
N GLU G 111 -21.47 -1.27 -26.84
CA GLU G 111 -21.58 -0.28 -27.89
C GLU G 111 -22.88 0.49 -27.76
N LEU G 112 -22.86 1.76 -28.18
CA LEU G 112 -24.04 2.60 -28.17
C LEU G 112 -24.70 2.52 -29.55
N LYS G 113 -25.90 1.94 -29.59
CA LYS G 113 -26.59 1.78 -30.87
C LYS G 113 -27.07 3.13 -31.38
N ARG G 114 -26.91 3.34 -32.69
CA ARG G 114 -27.32 4.57 -33.33
C ARG G 114 -27.89 4.25 -34.70
N ALA G 115 -28.74 5.14 -35.19
CA ALA G 115 -29.37 4.96 -36.50
C ALA G 115 -28.31 4.79 -37.57
N ASP G 116 -28.32 3.64 -38.24
CA ASP G 116 -27.26 3.28 -39.17
C ASP G 116 -27.20 4.27 -40.34
N ALA G 117 -25.98 4.53 -40.81
CA ALA G 117 -25.75 5.43 -41.92
C ALA G 117 -24.74 4.80 -42.88
N ALA G 118 -24.97 4.99 -44.17
CA ALA G 118 -24.06 4.44 -45.17
C ALA G 118 -22.71 5.15 -45.11
N PRO G 119 -21.62 4.43 -45.32
CA PRO G 119 -20.29 5.07 -45.25
C PRO G 119 -20.05 5.99 -46.44
N THR G 120 -19.18 6.98 -46.21
CA THR G 120 -18.73 7.89 -47.25
C THR G 120 -17.33 7.45 -47.69
N VAL G 121 -17.28 6.69 -48.78
CA VAL G 121 -16.03 6.10 -49.27
C VAL G 121 -15.48 6.96 -50.39
N SER G 122 -14.17 7.23 -50.35
CA SER G 122 -13.51 8.03 -51.37
C SER G 122 -12.12 7.46 -51.61
N ILE G 123 -11.86 7.02 -52.84
CA ILE G 123 -10.56 6.46 -53.17
C ILE G 123 -9.55 7.59 -53.37
N PHE G 124 -8.27 7.26 -53.21
CA PHE G 124 -7.21 8.24 -53.32
C PHE G 124 -5.99 7.69 -54.04
N PRO G 125 -5.64 8.24 -55.20
CA PRO G 125 -4.39 7.86 -55.86
C PRO G 125 -3.19 8.35 -55.05
N PRO G 126 -2.00 7.79 -55.29
CA PRO G 126 -0.85 8.13 -54.46
C PRO G 126 -0.42 9.59 -54.63
N SER G 127 0.30 10.07 -53.62
CA SER G 127 0.80 11.44 -53.63
C SER G 127 1.93 11.60 -54.64
N SER G 128 2.18 12.86 -55.03
CA SER G 128 3.27 13.16 -55.94
C SER G 128 4.62 12.80 -55.31
N GLU G 129 4.84 13.21 -54.07
CA GLU G 129 6.05 12.81 -53.35
C GLU G 129 6.05 11.32 -53.05
N GLN G 130 4.86 10.71 -52.96
CA GLN G 130 4.79 9.27 -52.70
C GLN G 130 5.47 8.49 -53.81
N LEU G 131 5.27 8.90 -55.07
CA LEU G 131 5.94 8.24 -56.18
C LEU G 131 7.44 8.52 -56.17
N THR G 132 7.84 9.77 -55.92
CA THR G 132 9.25 10.12 -56.01
C THR G 132 10.08 9.35 -54.99
N SER G 133 9.55 9.16 -53.79
CA SER G 133 10.25 8.38 -52.78
C SER G 133 10.39 6.93 -53.23
N GLY G 134 9.38 6.38 -53.88
CA GLY G 134 9.43 5.01 -54.36
C GLY G 134 8.32 4.14 -53.81
N GLY G 135 7.31 4.77 -53.24
CA GLY G 135 6.16 4.06 -52.69
C GLY G 135 4.93 4.23 -53.55
N ALA G 136 4.03 3.25 -53.45
CA ALA G 136 2.81 3.23 -54.27
C ALA G 136 1.62 2.78 -53.44
N SER G 137 1.45 3.32 -52.23
CA SER G 137 0.41 2.88 -51.31
C SER G 137 -0.87 3.65 -51.59
N VAL G 138 -1.76 3.05 -52.38
CA VAL G 138 -3.08 3.63 -52.62
C VAL G 138 -3.98 3.31 -51.43
N VAL G 139 -4.66 4.34 -50.92
CA VAL G 139 -5.56 4.18 -49.79
C VAL G 139 -6.93 4.72 -50.16
N CYS G 140 -7.98 3.97 -49.82
CA CYS G 140 -9.36 4.42 -49.99
C CYS G 140 -10.02 4.41 -48.62
N PHE G 141 -10.71 5.51 -48.30
CA PHE G 141 -11.23 5.74 -46.97
C PHE G 141 -12.70 5.34 -46.87
N LEU G 142 -13.14 5.18 -45.63
CA LEU G 142 -14.55 5.01 -45.30
C LEU G 142 -14.82 5.74 -43.99
N ASN G 143 -15.97 6.38 -43.88
CA ASN G 143 -16.31 7.13 -42.68
C ASN G 143 -17.80 7.04 -42.41
N ASN G 144 -18.16 7.01 -41.13
CA ASN G 144 -19.55 7.09 -40.67
C ASN G 144 -20.39 5.95 -41.24
N PHE G 145 -20.04 4.72 -40.83
CA PHE G 145 -20.85 3.55 -41.11
C PHE G 145 -21.19 2.85 -39.80
N TYR G 146 -22.41 2.33 -39.71
CA TYR G 146 -22.82 1.60 -38.53
C TYR G 146 -23.73 0.47 -38.96
N PRO G 147 -23.68 -0.69 -38.30
CA PRO G 147 -22.81 -1.06 -37.18
C PRO G 147 -21.37 -1.37 -37.59
N LYS G 148 -20.60 -2.03 -36.73
CA LYS G 148 -19.17 -2.18 -36.96
C LYS G 148 -18.88 -3.09 -38.15
N ASP G 149 -19.66 -4.14 -38.34
CA ASP G 149 -19.36 -5.13 -39.36
C ASP G 149 -19.32 -4.49 -40.75
N ILE G 150 -18.23 -4.75 -41.48
CA ILE G 150 -18.03 -4.18 -42.80
C ILE G 150 -17.08 -5.07 -43.57
N ASN G 151 -17.06 -4.91 -44.90
CA ASN G 151 -16.14 -5.65 -45.75
C ASN G 151 -15.66 -4.72 -46.86
N VAL G 152 -14.41 -4.93 -47.27
CA VAL G 152 -13.78 -4.13 -48.32
C VAL G 152 -13.26 -5.07 -49.39
N LYS G 153 -13.43 -4.69 -50.65
CA LYS G 153 -13.05 -5.53 -51.79
C LYS G 153 -12.17 -4.71 -52.73
N TRP G 154 -10.85 -4.87 -52.59
CA TRP G 154 -9.90 -4.18 -53.46
C TRP G 154 -9.75 -4.93 -54.77
N LYS G 155 -9.85 -4.20 -55.87
CA LYS G 155 -9.68 -4.74 -57.22
C LYS G 155 -8.61 -3.95 -57.95
N ILE G 156 -7.78 -4.65 -58.71
CA ILE G 156 -6.73 -4.04 -59.52
C ILE G 156 -6.93 -4.49 -60.96
N ASP G 157 -7.23 -3.54 -61.85
CA ASP G 157 -7.56 -3.83 -63.24
C ASP G 157 -8.67 -4.87 -63.35
N GLY G 158 -9.68 -4.74 -62.48
CA GLY G 158 -10.83 -5.61 -62.50
C GLY G 158 -10.65 -6.95 -61.82
N SER G 159 -9.50 -7.22 -61.24
CA SER G 159 -9.24 -8.49 -60.57
C SER G 159 -9.04 -8.26 -59.08
N GLU G 160 -9.75 -9.03 -58.26
CA GLU G 160 -9.66 -8.89 -56.81
C GLU G 160 -8.26 -9.23 -56.32
N ARG G 161 -7.78 -8.48 -55.34
CA ARG G 161 -6.39 -8.55 -54.90
C ARG G 161 -6.40 -8.61 -53.37
N GLN G 162 -5.73 -9.60 -52.80
CA GLN G 162 -5.71 -9.80 -51.35
C GLN G 162 -4.29 -10.08 -50.86
N ASN G 163 -3.34 -9.28 -51.29
CA ASN G 163 -1.96 -9.37 -50.83
C ASN G 163 -1.43 -7.98 -50.51
N GLY G 164 -0.77 -7.85 -49.37
CA GLY G 164 -0.17 -6.58 -49.00
C GLY G 164 -1.14 -5.49 -48.65
N VAL G 165 -2.38 -5.83 -48.32
CA VAL G 165 -3.38 -4.85 -47.96
C VAL G 165 -3.42 -4.76 -46.44
N LEU G 166 -3.90 -3.62 -45.94
CA LEU G 166 -3.97 -3.39 -44.50
C LEU G 166 -5.21 -2.57 -44.19
N ASN G 167 -5.75 -2.78 -42.99
CA ASN G 167 -6.98 -2.13 -42.57
C ASN G 167 -6.80 -1.56 -41.16
N SER G 168 -7.66 -0.60 -40.83
CA SER G 168 -7.63 0.03 -39.52
C SER G 168 -9.01 0.55 -39.20
N ALA G 169 -9.46 0.32 -37.96
CA ALA G 169 -10.78 0.76 -37.52
C ALA G 169 -10.63 1.59 -36.26
N THR G 170 -11.28 2.75 -36.25
CA THR G 170 -11.28 3.60 -35.06
C THR G 170 -12.28 3.07 -34.04
N ASP G 171 -12.09 3.48 -32.79
CA ASP G 171 -13.08 3.21 -31.76
C ASP G 171 -14.33 4.04 -32.03
N GLN G 172 -15.40 3.73 -31.30
CA GLN G 172 -16.65 4.47 -31.48
C GLN G 172 -16.44 5.93 -31.14
N ASP G 173 -16.92 6.81 -32.03
CA ASP G 173 -16.71 8.24 -31.86
C ASP G 173 -17.66 8.78 -30.79
N SER G 174 -17.36 10.00 -30.33
CA SER G 174 -18.19 10.62 -29.32
C SER G 174 -19.41 11.31 -29.91
N LYS G 175 -19.24 11.97 -31.06
CA LYS G 175 -20.35 12.71 -31.67
C LYS G 175 -21.24 11.78 -32.49
N ASP G 176 -20.69 11.18 -33.54
CA ASP G 176 -21.47 10.34 -34.45
C ASP G 176 -21.56 8.89 -33.98
N SER G 177 -20.75 8.50 -33.01
CA SER G 177 -20.71 7.13 -32.49
C SER G 177 -20.61 6.12 -33.63
N THR G 178 -19.57 6.30 -34.45
CA THR G 178 -19.38 5.49 -35.64
C THR G 178 -17.90 5.19 -35.81
N TYR G 179 -17.61 4.20 -36.65
CA TYR G 179 -16.26 3.77 -36.98
C TYR G 179 -15.93 4.18 -38.41
N SER G 180 -14.64 4.15 -38.74
CA SER G 180 -14.15 4.61 -40.04
C SER G 180 -13.00 3.69 -40.47
N MET G 181 -13.33 2.66 -41.25
CA MET G 181 -12.32 1.77 -41.78
C MET G 181 -11.47 2.47 -42.83
N SER G 182 -10.19 2.10 -42.87
CA SER G 182 -9.25 2.65 -43.84
C SER G 182 -8.46 1.51 -44.46
N SER G 183 -8.74 1.21 -45.72
CA SER G 183 -8.08 0.13 -46.43
C SER G 183 -7.01 0.73 -47.34
N THR G 184 -5.76 0.36 -47.10
CA THR G 184 -4.63 0.80 -47.91
C THR G 184 -3.89 -0.41 -48.45
N LEU G 185 -3.53 -0.35 -49.73
CA LEU G 185 -2.78 -1.41 -50.39
C LEU G 185 -1.49 -0.79 -50.89
N THR G 186 -0.36 -1.32 -50.43
CA THR G 186 0.94 -0.72 -50.67
C THR G 186 1.72 -1.54 -51.70
N LEU G 187 2.27 -0.85 -52.70
CA LEU G 187 3.18 -1.44 -53.67
C LEU G 187 4.40 -0.54 -53.80
N THR G 188 5.31 -0.92 -54.69
CA THR G 188 6.40 -0.06 -55.12
C THR G 188 6.12 0.36 -56.57
N LYS G 189 7.10 1.05 -57.17
CA LYS G 189 6.86 1.74 -58.43
C LYS G 189 6.45 0.77 -59.54
N ASP G 190 7.17 -0.34 -59.69
CA ASP G 190 7.01 -1.16 -60.89
C ASP G 190 5.63 -1.81 -60.95
N GLU G 191 5.17 -2.41 -59.84
CA GLU G 191 3.86 -3.06 -59.87
C GLU G 191 2.75 -2.04 -60.06
N TYR G 192 2.87 -0.87 -59.44
CA TYR G 192 1.88 0.19 -59.65
C TYR G 192 1.86 0.65 -61.10
N GLU G 193 3.02 0.66 -61.75
CA GLU G 193 3.12 1.08 -63.15
C GLU G 193 2.93 -0.08 -64.12
N ARG G 194 2.60 -1.27 -63.64
CA ARG G 194 2.28 -2.39 -64.52
C ARG G 194 0.77 -2.61 -64.65
N HIS G 195 -0.02 -2.08 -63.72
CA HIS G 195 -1.48 -2.19 -63.77
C HIS G 195 -2.08 -0.81 -63.58
N ASN G 196 -3.19 -0.56 -64.26
CA ASN G 196 -3.70 0.80 -64.45
C ASN G 196 -4.86 1.14 -63.52
N SER G 197 -5.94 0.38 -63.58
CA SER G 197 -7.18 0.75 -62.90
C SER G 197 -7.20 0.27 -61.46
N TYR G 198 -7.65 1.14 -60.57
CA TYR G 198 -7.75 0.83 -59.14
C TYR G 198 -9.17 1.11 -58.66
N THR G 199 -9.74 0.16 -57.92
CA THR G 199 -11.10 0.27 -57.43
C THR G 199 -11.20 -0.45 -56.09
N CYS G 200 -11.89 0.18 -55.13
CA CYS G 200 -12.19 -0.47 -53.86
C CYS G 200 -13.70 -0.46 -53.63
N GLU G 201 -14.20 -1.57 -53.10
CA GLU G 201 -15.63 -1.79 -52.93
C GLU G 201 -15.97 -1.80 -51.45
N ALA G 202 -17.02 -1.09 -51.08
CA ALA G 202 -17.46 -0.98 -49.69
C ALA G 202 -18.74 -1.81 -49.54
N THR G 203 -18.58 -3.08 -49.18
CA THR G 203 -19.70 -3.97 -48.93
C THR G 203 -20.09 -3.84 -47.46
N HIS G 204 -21.24 -3.23 -47.22
CA HIS G 204 -21.71 -3.00 -45.86
C HIS G 204 -23.19 -3.33 -45.78
N LYS G 205 -23.65 -3.59 -44.54
CA LYS G 205 -25.04 -3.93 -44.31
C LYS G 205 -26.00 -2.82 -44.73
N THR G 206 -25.52 -1.59 -44.84
CA THR G 206 -26.39 -0.46 -45.13
C THR G 206 -27.10 -0.61 -46.47
N SER G 207 -26.49 -1.32 -47.42
CA SER G 207 -27.10 -1.52 -48.73
C SER G 207 -26.69 -2.87 -49.28
N THR G 208 -27.52 -3.41 -50.17
CA THR G 208 -27.23 -4.69 -50.78
C THR G 208 -26.14 -4.60 -51.84
N SER G 209 -25.87 -3.39 -52.36
CA SER G 209 -24.86 -3.20 -53.39
C SER G 209 -23.68 -2.44 -52.82
N PRO G 210 -22.46 -2.95 -52.97
CA PRO G 210 -21.28 -2.20 -52.50
C PRO G 210 -21.08 -0.93 -53.31
N ILE G 211 -21.03 0.20 -52.63
CA ILE G 211 -20.82 1.48 -53.29
C ILE G 211 -19.42 1.49 -53.91
N VAL G 212 -19.34 1.92 -55.16
CA VAL G 212 -18.12 1.79 -55.97
C VAL G 212 -17.41 3.13 -56.03
N LYS G 213 -16.10 3.11 -55.79
CA LYS G 213 -15.24 4.27 -55.98
C LYS G 213 -13.98 3.81 -56.70
N SER G 214 -13.57 4.53 -57.74
CA SER G 214 -12.49 4.08 -58.59
C SER G 214 -11.78 5.27 -59.21
N PHE G 215 -10.55 5.01 -59.67
CA PHE G 215 -9.82 5.95 -60.51
C PHE G 215 -8.97 5.16 -61.48
N ASN G 216 -8.55 5.83 -62.55
CA ASN G 216 -7.71 5.23 -63.57
C ASN G 216 -6.34 5.91 -63.57
N ARG G 217 -5.30 5.10 -63.80
CA ARG G 217 -3.94 5.65 -63.86
C ARG G 217 -3.75 6.55 -65.07
N ASN G 218 -4.41 6.23 -66.20
CA ASN G 218 -4.14 6.94 -67.45
C ASN G 218 -4.52 8.41 -67.36
N GLU G 219 -5.58 8.74 -66.62
CA GLU G 219 -5.98 10.14 -66.51
C GLU G 219 -5.06 10.94 -65.59
N CYS G 220 -4.42 10.27 -64.63
CA CYS G 220 -3.52 10.97 -63.72
C CYS G 220 -2.07 10.89 -64.20
MG MG H . 1.56 -55.27 24.11
CA CA I . -2.40 -55.09 24.50
CA CA J . -3.84 -54.19 21.38
MG MG K . -5.70 -54.37 24.12
CA CA L . -10.30 -54.17 24.20
CA CA M . -15.25 -54.49 22.14
MG MG N . -17.25 -47.97 15.36
C2 BGC O . -12.95 -24.29 33.54
C3 BGC O . -11.77 -23.55 33.05
C4 BGC O . -10.72 -24.49 32.53
C5 BGC O . -11.27 -25.41 31.45
C6 BGC O . -10.20 -26.41 31.10
C1 BGC O . -13.51 -25.25 32.49
O2 BGC O . -13.96 -23.32 33.89
O3 BGC O . -11.20 -22.80 34.16
O4 BGC O . -9.66 -23.71 31.98
O5 BGC O . -12.46 -26.14 31.89
O6 BGC O . -10.26 -27.50 32.00
C1 FUC P . -23.37 -20.27 20.28
C2 FUC P . -24.86 -20.21 20.58
C3 FUC P . -25.18 -19.11 21.52
C4 FUC P . -24.69 -17.79 21.01
C5 FUC P . -23.20 -17.82 20.65
C6 FUC P . -22.85 -16.53 19.96
O2 FUC P . -25.26 -21.45 21.19
O3 FUC P . -26.62 -19.06 21.65
O4 FUC P . -25.43 -17.44 19.83
O5 FUC P . -22.86 -18.95 19.77
CA CA Q . -9.83 -30.48 23.51
CA CA R . 15.93 -58.10 5.51
CA CA S . 11.45 -55.92 8.39
CA CA T . 10.65 -56.86 4.76
CA CA U . 7.79 -55.14 7.56
CA CA V . 3.57 -54.98 6.78
CA CA W . -0.31 -55.38 5.68
MG MG X . -2.00 -50.95 -2.10
CA CA Y . 1.35 39.54 4.94
#